data_9B3W
#
_entry.id   9B3W
#
_cell.length_a   1.00
_cell.length_b   1.00
_cell.length_c   1.00
_cell.angle_alpha   90.00
_cell.angle_beta   90.00
_cell.angle_gamma   90.00
#
_symmetry.space_group_name_H-M   'P 1'
#
loop_
_entity.id
_entity.type
_entity.pdbx_description
1 polymer 'Transient receptor potential cation channel subfamily V member 2'
2 non-polymer 1,2-DIDECANOYL-SN-GLYCERO-3-PHOSPHOETHANOLAMINE
#
_entity_poly.entity_id   1
_entity_poly.type   'polypeptide(L)'
_entity_poly.pdbx_seq_one_letter_code
;MTSASSPPAFRLETSDGDEEGNAEVNKGKQEPPPMESPFQREDRNSSPQIKVNLNFIKRPPKNTSAPSQQEPDRFDRDRL
FSVVSRGVPEELTGLLEYLRWNSKYLTDSAYTEGSTGKTCLMKAVLNLQDGVNACIMPLLQIDKDSGNPKLLVNAQCTDE
FYQGHSALHIAIEKRSLQCVKLLVENGADVHLRACGRFFQKHQGTCFYFGELPLSLAACTKQWDVVTYLLENPHQPASLE
ATDSLGNTVLHALVMIADNSPENSALVIHMYDGLLQMGARLCPTVQLEEISNHQGLTPLKLAAKEGKIEIFRHILQREFS
GPYQPLSRKFTEWCYGPVRVSLYDLSSVDSWEKNSVLEIIAFHCKSPNRHRMVVLEPLNKLLQEKWDRLVSRFFFNFACY
LVYMFIFTVVAYHQPSLDQPAIPSSKATFGESMLLLGHILILLGGIYLLLGQLWYFWRRRLFIWISFMDSYFEILFLLQA
LLTVLSQVLRFMETEWYLPLLVLSLVLGWLNLLYYTRGFQHTGIYSVMIQKVILRDLLRFLLVYLVFLFGFAVALVSLSR
EARSPKAPEDNNSTVTEQPTVGQEEEPAPYRSILDASLELFKFTIGMGELAFQEQLRFRGVVLLLLLAYVLLTYVLLLNM
LIALMSETVNHVADNSWSIWKLQKAISVLEMENGYWWCRRKKHREGRLLKVGTRGDGTPDERWCFRVEEVNWAAWEKTLP
TLSAAPSGPGITGNKKNPTSKPGKNSASEEDHLPLQVLQSP
;
_entity_poly.pdbx_strand_id   A,B,C,D
#
# COMPACT_ATOMS: atom_id res chain seq x y z
N PRO A 32 -25.74 -39.09 -8.90
CA PRO A 32 -26.31 -39.69 -7.69
C PRO A 32 -27.58 -38.98 -7.24
N PRO A 33 -28.55 -39.73 -6.70
CA PRO A 33 -29.78 -39.11 -6.21
C PRO A 33 -29.51 -38.33 -4.93
N PRO A 34 -30.40 -37.39 -4.58
CA PRO A 34 -30.20 -36.64 -3.33
C PRO A 34 -30.37 -37.54 -2.10
N MET A 35 -29.72 -37.14 -1.02
CA MET A 35 -29.91 -37.81 0.26
C MET A 35 -31.33 -37.66 0.75
N GLU A 36 -31.90 -36.46 0.61
CA GLU A 36 -33.28 -36.19 0.96
C GLU A 36 -33.80 -35.10 0.03
N SER A 37 -35.05 -35.26 -0.40
CA SER A 37 -35.60 -34.29 -1.33
C SER A 37 -37.10 -34.13 -1.11
N PRO A 38 -37.56 -32.92 -0.77
CA PRO A 38 -39.01 -32.69 -0.67
C PRO A 38 -39.71 -32.62 -2.00
N PHE A 39 -38.97 -32.56 -3.11
CA PHE A 39 -39.53 -32.34 -4.44
C PHE A 39 -39.38 -33.53 -5.37
N GLN A 40 -38.41 -34.40 -5.12
CA GLN A 40 -38.14 -35.56 -5.97
C GLN A 40 -38.43 -36.83 -5.19
N ARG A 41 -39.26 -37.71 -5.76
CA ARG A 41 -39.59 -38.96 -5.10
C ARG A 41 -38.44 -39.95 -5.25
N GLU A 42 -38.33 -40.88 -4.30
CA GLU A 42 -37.24 -41.85 -4.30
C GLU A 42 -37.34 -42.79 -5.49
N ASP A 43 -36.18 -43.26 -5.95
CA ASP A 43 -36.11 -44.09 -7.14
C ASP A 43 -36.60 -45.51 -6.86
N ARG A 44 -36.92 -46.22 -7.94
CA ARG A 44 -37.28 -47.63 -7.88
C ARG A 44 -36.35 -48.49 -8.74
N ASN A 45 -35.09 -48.08 -8.88
CA ASN A 45 -34.14 -48.84 -9.67
C ASN A 45 -33.69 -50.10 -8.94
N ARG A 74 -53.26 -53.01 2.40
CA ARG A 74 -52.00 -52.88 1.68
C ARG A 74 -51.19 -51.71 2.22
N PHE A 75 -49.89 -51.95 2.46
CA PHE A 75 -48.98 -50.95 3.00
C PHE A 75 -47.69 -50.99 2.18
N ASP A 76 -47.62 -50.13 1.15
CA ASP A 76 -46.51 -50.12 0.23
C ASP A 76 -45.44 -49.14 0.70
N ARG A 77 -44.45 -48.92 -0.18
CA ARG A 77 -43.29 -48.11 0.19
C ARG A 77 -43.63 -46.62 0.24
N ASP A 78 -44.44 -46.15 -0.71
CA ASP A 78 -44.79 -44.73 -0.76
C ASP A 78 -45.61 -44.28 0.44
N ARG A 79 -46.60 -45.08 0.86
CA ARG A 79 -47.39 -44.73 2.03
C ARG A 79 -46.55 -44.72 3.29
N LEU A 80 -45.66 -45.71 3.44
CA LEU A 80 -44.78 -45.78 4.59
C LEU A 80 -43.82 -44.59 4.63
N PHE A 81 -43.27 -44.21 3.47
CA PHE A 81 -42.36 -43.07 3.42
C PHE A 81 -43.07 -41.77 3.71
N SER A 82 -44.31 -41.61 3.22
CA SER A 82 -45.08 -40.42 3.54
C SER A 82 -45.44 -40.36 5.02
N VAL A 83 -45.73 -41.50 5.63
CA VAL A 83 -46.09 -41.55 7.05
C VAL A 83 -44.88 -41.17 7.90
N VAL A 84 -43.72 -41.76 7.61
CA VAL A 84 -42.53 -41.44 8.40
C VAL A 84 -41.99 -40.05 8.07
N SER A 85 -42.37 -39.47 6.93
CA SER A 85 -42.05 -38.08 6.67
C SER A 85 -42.93 -37.15 7.48
N ARG A 86 -44.23 -37.46 7.57
CA ARG A 86 -45.14 -36.64 8.37
C ARG A 86 -44.85 -36.79 9.87
N GLY A 87 -44.49 -38.00 10.30
CA GLY A 87 -44.16 -38.22 11.69
C GLY A 87 -45.32 -38.57 12.58
N VAL A 88 -46.43 -39.04 12.03
CA VAL A 88 -47.60 -39.44 12.81
C VAL A 88 -47.51 -40.94 13.03
N PRO A 89 -47.38 -41.42 14.28
CA PRO A 89 -47.17 -42.85 14.49
C PRO A 89 -48.43 -43.70 14.33
N GLU A 90 -49.62 -43.10 14.46
CA GLU A 90 -50.85 -43.88 14.42
C GLU A 90 -51.23 -44.31 13.02
N GLU A 91 -50.60 -43.76 11.98
CA GLU A 91 -50.86 -44.22 10.63
C GLU A 91 -50.04 -45.44 10.25
N LEU A 92 -49.22 -45.97 11.17
CA LEU A 92 -48.47 -47.19 10.95
C LEU A 92 -49.27 -48.45 11.25
N THR A 93 -50.53 -48.31 11.65
CA THR A 93 -51.36 -49.47 11.96
C THR A 93 -51.68 -50.25 10.69
N GLY A 94 -51.55 -51.58 10.78
CA GLY A 94 -51.73 -52.45 9.64
C GLY A 94 -50.47 -52.78 8.88
N LEU A 95 -49.36 -52.09 9.18
CA LEU A 95 -48.10 -52.39 8.50
C LEU A 95 -47.52 -53.70 8.97
N LEU A 96 -47.55 -53.94 10.29
CA LEU A 96 -47.00 -55.17 10.87
C LEU A 96 -47.80 -56.38 10.40
N GLU A 97 -49.13 -56.25 10.36
CA GLU A 97 -49.96 -57.36 9.89
C GLU A 97 -49.76 -57.63 8.41
N TYR A 98 -49.58 -56.58 7.61
CA TYR A 98 -49.29 -56.76 6.19
C TYR A 98 -47.95 -57.45 5.98
N LEU A 99 -46.95 -57.07 6.76
CA LEU A 99 -45.63 -57.69 6.66
C LEU A 99 -45.66 -59.16 7.10
N ARG A 100 -46.45 -59.46 8.14
CA ARG A 100 -46.59 -60.83 8.59
C ARG A 100 -47.36 -61.68 7.57
N TRP A 101 -48.37 -61.08 6.93
CA TRP A 101 -49.14 -61.80 5.92
C TRP A 101 -48.31 -62.10 4.69
N ASN A 102 -47.50 -61.12 4.24
CA ASN A 102 -46.69 -61.32 3.05
C ASN A 102 -45.31 -61.88 3.33
N SER A 103 -44.99 -62.14 4.61
CA SER A 103 -43.68 -62.64 5.05
C SER A 103 -42.53 -61.74 4.60
N LYS A 104 -42.76 -60.43 4.66
CA LYS A 104 -41.76 -59.45 4.23
C LYS A 104 -41.21 -58.69 5.43
N TYR A 105 -40.12 -57.97 5.20
CA TYR A 105 -39.43 -57.22 6.23
C TYR A 105 -39.18 -55.80 5.73
N LEU A 106 -38.97 -54.88 6.67
CA LEU A 106 -38.73 -53.48 6.32
C LEU A 106 -37.36 -53.28 5.67
N THR A 107 -36.42 -54.20 5.88
CA THR A 107 -35.11 -54.09 5.25
C THR A 107 -35.08 -54.68 3.84
N ASP A 108 -36.20 -55.20 3.35
CA ASP A 108 -36.24 -55.80 2.02
C ASP A 108 -36.14 -54.72 0.94
N SER A 109 -35.78 -55.14 -0.27
CA SER A 109 -35.49 -54.19 -1.34
C SER A 109 -36.76 -53.50 -1.83
N ALA A 110 -37.92 -54.09 -1.58
CA ALA A 110 -39.19 -53.48 -1.99
C ALA A 110 -39.54 -52.26 -1.16
N TYR A 111 -39.03 -52.15 0.06
CA TYR A 111 -39.34 -51.06 0.96
C TYR A 111 -38.23 -50.03 1.06
N THR A 112 -37.21 -50.11 0.22
CA THR A 112 -36.11 -49.17 0.21
C THR A 112 -36.05 -48.43 -1.12
N GLU A 113 -35.25 -47.38 -1.14
CA GLU A 113 -34.92 -46.71 -2.40
C GLU A 113 -34.09 -47.65 -3.26
N GLY A 114 -34.44 -47.78 -4.54
CA GLY A 114 -33.79 -48.77 -5.38
C GLY A 114 -32.33 -48.46 -5.66
N SER A 115 -32.03 -47.18 -5.90
CA SER A 115 -30.67 -46.81 -6.30
C SER A 115 -29.68 -46.85 -5.14
N THR A 116 -30.14 -46.53 -3.92
CA THR A 116 -29.25 -46.40 -2.78
C THR A 116 -29.43 -47.47 -1.72
N GLY A 117 -30.62 -48.04 -1.58
CA GLY A 117 -30.89 -48.90 -0.45
C GLY A 117 -31.29 -48.18 0.81
N LYS A 118 -31.62 -46.89 0.71
CA LYS A 118 -32.07 -46.11 1.85
C LYS A 118 -33.41 -46.62 2.36
N THR A 119 -33.47 -46.91 3.66
CA THR A 119 -34.62 -47.55 4.27
C THR A 119 -35.58 -46.51 4.84
N CYS A 120 -36.65 -47.02 5.45
CA CYS A 120 -37.67 -46.14 6.03
C CYS A 120 -37.19 -45.49 7.32
N LEU A 121 -36.29 -46.16 8.05
CA LEU A 121 -35.75 -45.59 9.28
C LEU A 121 -34.86 -44.38 8.98
N MET A 122 -34.04 -44.47 7.93
CA MET A 122 -33.25 -43.31 7.52
C MET A 122 -34.15 -42.17 7.03
N LYS A 123 -35.27 -42.52 6.39
CA LYS A 123 -36.26 -41.52 6.00
C LYS A 123 -36.87 -40.85 7.22
N ALA A 124 -37.07 -41.62 8.29
CA ALA A 124 -37.62 -41.07 9.52
C ALA A 124 -36.64 -40.13 10.21
N VAL A 125 -35.36 -40.52 10.26
CA VAL A 125 -34.36 -39.69 10.90
C VAL A 125 -34.05 -38.45 10.06
N LEU A 126 -34.17 -38.56 8.72
CA LEU A 126 -33.92 -37.40 7.87
C LEU A 126 -35.02 -36.36 7.97
N ASN A 127 -36.15 -36.68 8.61
CA ASN A 127 -37.28 -35.77 8.76
C ASN A 127 -37.58 -35.51 10.24
N LEU A 128 -36.55 -35.23 11.03
CA LEU A 128 -36.75 -34.90 12.43
C LEU A 128 -37.35 -33.51 12.57
N GLN A 129 -38.40 -33.39 13.36
CA GLN A 129 -39.02 -32.10 13.68
C GLN A 129 -38.65 -31.73 15.11
N ASP A 130 -37.84 -30.68 15.25
CA ASP A 130 -37.31 -30.22 16.55
C ASP A 130 -36.53 -31.32 17.26
N GLY A 131 -35.80 -32.13 16.48
CA GLY A 131 -34.96 -33.16 17.03
C GLY A 131 -35.65 -34.45 17.40
N VAL A 132 -36.95 -34.57 17.15
CA VAL A 132 -37.71 -35.76 17.53
C VAL A 132 -38.68 -36.14 16.42
N ASN A 133 -38.67 -37.42 16.07
CA ASN A 133 -39.65 -37.97 15.13
C ASN A 133 -40.36 -39.10 15.86
N ALA A 134 -41.69 -39.01 15.95
CA ALA A 134 -42.46 -39.97 16.73
C ALA A 134 -42.61 -41.31 16.04
N CYS A 135 -42.23 -41.42 14.77
CA CYS A 135 -42.42 -42.66 14.04
C CYS A 135 -41.25 -43.63 14.19
N ILE A 136 -40.21 -43.26 14.94
CA ILE A 136 -38.99 -44.07 14.98
C ILE A 136 -39.19 -45.31 15.84
N MET A 137 -39.60 -45.11 17.09
CA MET A 137 -39.81 -46.23 18.01
C MET A 137 -40.90 -47.22 17.57
N PRO A 138 -42.09 -46.80 17.10
CA PRO A 138 -43.01 -47.81 16.54
C PRO A 138 -42.46 -48.54 15.34
N LEU A 139 -41.66 -47.88 14.49
CA LEU A 139 -41.06 -48.56 13.35
C LEU A 139 -40.09 -49.65 13.80
N LEU A 140 -39.30 -49.36 14.83
CA LEU A 140 -38.39 -50.37 15.38
C LEU A 140 -39.17 -51.50 16.05
N GLN A 141 -40.30 -51.17 16.69
CA GLN A 141 -41.14 -52.21 17.28
C GLN A 141 -41.74 -53.13 16.21
N ILE A 142 -42.18 -52.54 15.08
CA ILE A 142 -42.70 -53.35 13.98
C ILE A 142 -41.60 -54.21 13.37
N ASP A 143 -40.39 -53.64 13.25
CA ASP A 143 -39.25 -54.41 12.74
C ASP A 143 -38.89 -55.58 13.64
N LYS A 144 -38.95 -55.36 14.96
CA LYS A 144 -38.68 -56.45 15.90
C LYS A 144 -39.78 -57.51 15.84
N ASP A 145 -41.04 -57.06 15.76
CA ASP A 145 -42.16 -58.00 15.75
C ASP A 145 -42.30 -58.75 14.44
N SER A 146 -41.64 -58.29 13.38
CA SER A 146 -41.73 -58.97 12.08
C SER A 146 -40.76 -60.14 11.96
N GLY A 147 -39.93 -60.39 12.98
CA GLY A 147 -38.95 -61.46 12.88
C GLY A 147 -37.85 -61.22 11.88
N ASN A 148 -37.39 -59.99 11.77
CA ASN A 148 -36.35 -59.67 10.79
C ASN A 148 -34.98 -60.11 11.34
N PRO A 149 -34.27 -60.99 10.64
CA PRO A 149 -32.93 -61.37 11.10
C PRO A 149 -31.89 -60.27 10.94
N LYS A 150 -32.14 -59.28 10.09
CA LYS A 150 -31.28 -58.11 9.94
C LYS A 150 -31.96 -56.92 10.60
N LEU A 151 -31.31 -56.33 11.60
CA LEU A 151 -31.93 -55.22 12.32
C LEU A 151 -32.02 -53.99 11.44
N LEU A 152 -33.11 -53.23 11.60
CA LEU A 152 -33.32 -52.03 10.78
C LEU A 152 -32.37 -50.91 11.19
N VAL A 153 -31.90 -50.92 12.44
CA VAL A 153 -30.99 -49.89 12.91
C VAL A 153 -29.63 -50.02 12.22
N ASN A 154 -29.22 -51.25 11.88
CA ASN A 154 -27.92 -51.49 11.29
C ASN A 154 -27.96 -51.59 9.77
N ALA A 155 -29.09 -51.29 9.14
CA ALA A 155 -29.16 -51.27 7.69
C ALA A 155 -28.39 -50.08 7.14
N GLN A 156 -27.66 -50.31 6.06
CA GLN A 156 -26.80 -49.29 5.47
C GLN A 156 -27.12 -49.15 3.99
N CYS A 157 -26.82 -47.96 3.45
CA CYS A 157 -27.01 -47.73 2.03
C CYS A 157 -25.97 -48.50 1.23
N THR A 158 -26.35 -48.89 0.01
CA THR A 158 -25.54 -49.80 -0.80
C THR A 158 -24.97 -49.18 -2.06
N ASP A 159 -25.35 -47.96 -2.43
CA ASP A 159 -24.83 -47.34 -3.64
C ASP A 159 -23.38 -46.92 -3.44
N GLU A 160 -22.71 -46.62 -4.56
CA GLU A 160 -21.29 -46.29 -4.50
C GLU A 160 -21.04 -44.91 -3.92
N PHE A 161 -22.06 -44.05 -3.87
CA PHE A 161 -21.88 -42.69 -3.39
C PHE A 161 -22.10 -42.60 -1.89
N TYR A 162 -23.11 -43.29 -1.37
CA TYR A 162 -23.43 -43.25 0.05
C TYR A 162 -23.22 -44.58 0.75
N GLN A 163 -22.17 -45.33 0.38
CA GLN A 163 -21.98 -46.68 0.89
C GLN A 163 -21.66 -46.67 2.38
N GLY A 164 -22.37 -47.50 3.13
CA GLY A 164 -22.18 -47.62 4.56
C GLY A 164 -22.91 -46.58 5.39
N HIS A 165 -23.65 -45.67 4.77
CA HIS A 165 -24.38 -44.65 5.51
C HIS A 165 -25.54 -45.27 6.27
N SER A 166 -25.64 -44.92 7.55
CA SER A 166 -26.64 -45.51 8.43
C SER A 166 -27.44 -44.40 9.11
N ALA A 167 -28.45 -44.82 9.86
CA ALA A 167 -29.34 -43.86 10.52
C ALA A 167 -28.67 -43.19 11.71
N LEU A 168 -27.66 -43.83 12.31
CA LEU A 168 -26.95 -43.23 13.42
C LEU A 168 -26.12 -42.03 12.96
N HIS A 169 -25.53 -42.13 11.77
CA HIS A 169 -24.82 -41.00 11.19
C HIS A 169 -25.75 -39.82 10.94
N ILE A 170 -26.97 -40.10 10.46
CA ILE A 170 -27.95 -39.04 10.22
C ILE A 170 -28.39 -38.42 11.54
N ALA A 171 -28.58 -39.25 12.57
CA ALA A 171 -28.98 -38.75 13.87
C ALA A 171 -27.92 -37.87 14.49
N ILE A 172 -26.64 -38.23 14.31
CA ILE A 172 -25.55 -37.41 14.82
C ILE A 172 -25.44 -36.11 14.03
N GLU A 173 -25.57 -36.18 12.71
CA GLU A 173 -25.43 -35.00 11.88
C GLU A 173 -26.57 -34.02 12.09
N LYS A 174 -27.77 -34.54 12.40
CA LYS A 174 -28.90 -33.68 12.73
C LYS A 174 -28.84 -33.13 14.15
N ARG A 175 -27.78 -33.45 14.91
CA ARG A 175 -27.53 -32.96 16.26
C ARG A 175 -28.67 -33.29 17.21
N SER A 176 -29.23 -34.49 17.09
CA SER A 176 -30.34 -34.93 17.93
C SER A 176 -29.81 -35.99 18.89
N LEU A 177 -29.47 -35.56 20.10
CA LEU A 177 -28.97 -36.49 21.12
C LEU A 177 -30.03 -37.47 21.56
N GLN A 178 -31.30 -37.04 21.56
CA GLN A 178 -32.40 -37.94 21.91
C GLN A 178 -32.52 -39.07 20.90
N CYS A 179 -32.40 -38.75 19.60
CA CYS A 179 -32.47 -39.79 18.58
C CYS A 179 -31.26 -40.71 18.63
N VAL A 180 -30.09 -40.17 18.96
CA VAL A 180 -28.89 -40.98 19.11
C VAL A 180 -29.07 -41.98 20.26
N LYS A 181 -29.58 -41.49 21.39
CA LYS A 181 -29.84 -42.37 22.54
C LYS A 181 -30.88 -43.42 22.19
N LEU A 182 -31.93 -43.03 21.45
CA LEU A 182 -32.99 -43.95 21.08
C LEU A 182 -32.45 -45.05 20.15
N LEU A 183 -31.55 -44.68 19.24
CA LEU A 183 -30.99 -45.67 18.33
C LEU A 183 -30.01 -46.59 19.05
N VAL A 184 -29.20 -46.03 19.96
CA VAL A 184 -28.21 -46.84 20.68
C VAL A 184 -28.91 -47.81 21.62
N GLU A 185 -29.99 -47.38 22.26
CA GLU A 185 -30.73 -48.24 23.19
C GLU A 185 -31.35 -49.45 22.49
N ASN A 186 -31.62 -49.34 21.19
CA ASN A 186 -32.24 -50.42 20.42
C ASN A 186 -31.24 -51.22 19.61
N GLY A 187 -29.94 -51.06 19.83
CA GLY A 187 -28.95 -51.92 19.24
C GLY A 187 -28.27 -51.41 17.99
N ALA A 188 -28.08 -50.10 17.87
CA ALA A 188 -27.34 -49.57 16.73
C ALA A 188 -25.85 -49.82 16.91
N ASP A 189 -25.22 -50.36 15.88
CA ASP A 189 -23.78 -50.56 15.89
C ASP A 189 -23.09 -49.22 15.73
N VAL A 190 -22.23 -48.89 16.69
CA VAL A 190 -21.59 -47.57 16.74
C VAL A 190 -20.25 -47.60 16.00
N HIS A 191 -19.99 -48.69 15.28
CA HIS A 191 -18.74 -48.84 14.53
C HIS A 191 -19.00 -49.09 13.05
N LEU A 192 -20.19 -48.77 12.56
CA LEU A 192 -20.45 -48.84 11.12
C LEU A 192 -19.75 -47.68 10.42
N ARG A 193 -19.13 -47.98 9.28
CA ARG A 193 -18.30 -47.02 8.57
C ARG A 193 -19.03 -46.54 7.32
N ALA A 194 -19.26 -45.24 7.24
CA ALA A 194 -19.79 -44.61 6.04
C ALA A 194 -18.64 -44.43 5.06
N CYS A 195 -18.52 -45.34 4.10
CA CYS A 195 -17.35 -45.37 3.22
C CYS A 195 -17.67 -45.14 1.75
N GLY A 196 -18.72 -44.40 1.43
CA GLY A 196 -19.03 -44.09 0.05
C GLY A 196 -18.15 -42.98 -0.49
N ARG A 197 -18.37 -42.66 -1.76
CA ARG A 197 -17.61 -41.60 -2.42
C ARG A 197 -17.95 -40.23 -1.86
N PHE A 198 -19.17 -40.04 -1.35
CA PHE A 198 -19.52 -38.78 -0.70
C PHE A 198 -18.74 -38.58 0.59
N PHE A 199 -18.39 -39.68 1.27
CA PHE A 199 -17.70 -39.61 2.54
C PHE A 199 -16.18 -39.69 2.41
N GLN A 200 -15.66 -39.87 1.21
CA GLN A 200 -14.22 -39.83 1.01
C GLN A 200 -13.76 -38.38 0.86
N LYS A 201 -12.45 -38.20 0.86
CA LYS A 201 -11.83 -36.89 0.72
C LYS A 201 -11.34 -36.70 -0.70
N HIS A 202 -11.94 -35.76 -1.42
CA HIS A 202 -11.51 -35.41 -2.77
C HIS A 202 -11.96 -33.99 -3.06
N GLN A 203 -11.73 -33.55 -4.29
CA GLN A 203 -11.99 -32.16 -4.65
C GLN A 203 -13.43 -31.91 -5.05
N GLY A 204 -14.27 -32.94 -5.12
CA GLY A 204 -15.66 -32.79 -5.50
C GLY A 204 -16.55 -32.48 -4.30
N THR A 205 -17.84 -32.69 -4.50
CA THR A 205 -18.81 -32.53 -3.43
C THR A 205 -18.69 -33.71 -2.46
N CYS A 206 -18.15 -33.46 -1.28
CA CYS A 206 -17.88 -34.52 -0.33
C CYS A 206 -17.82 -33.95 1.07
N PHE A 207 -17.90 -34.85 2.05
CA PHE A 207 -17.73 -34.49 3.45
C PHE A 207 -16.97 -35.63 4.10
N TYR A 208 -15.65 -35.48 4.21
CA TYR A 208 -14.85 -36.43 4.98
C TYR A 208 -14.79 -36.01 6.44
N PHE A 209 -15.14 -36.95 7.32
CA PHE A 209 -15.07 -36.73 8.75
C PHE A 209 -14.45 -37.93 9.46
N GLY A 210 -13.65 -38.72 8.75
CA GLY A 210 -13.52 -40.11 9.12
C GLY A 210 -14.67 -40.87 8.48
N GLU A 211 -14.98 -42.03 9.06
CA GLU A 211 -16.13 -42.80 8.60
C GLU A 211 -17.04 -43.28 9.72
N LEU A 212 -16.62 -43.18 10.95
CA LEU A 212 -17.23 -43.71 12.16
C LEU A 212 -18.15 -42.67 12.79
N PRO A 213 -19.18 -43.14 13.51
CA PRO A 213 -20.07 -42.20 14.22
C PRO A 213 -19.37 -41.33 15.27
N LEU A 214 -18.38 -41.86 15.98
CA LEU A 214 -17.66 -41.06 16.96
C LEU A 214 -16.82 -39.98 16.29
N SER A 215 -16.20 -40.31 15.15
CA SER A 215 -15.45 -39.30 14.41
C SER A 215 -16.38 -38.24 13.83
N LEU A 216 -17.59 -38.63 13.43
CA LEU A 216 -18.59 -37.66 12.97
C LEU A 216 -19.01 -36.73 14.10
N ALA A 217 -19.22 -37.29 15.29
CA ALA A 217 -19.62 -36.47 16.44
C ALA A 217 -18.50 -35.54 16.86
N ALA A 218 -17.25 -35.98 16.72
CA ALA A 218 -16.12 -35.12 17.07
C ALA A 218 -15.92 -34.01 16.04
N CYS A 219 -16.04 -34.34 14.76
CA CYS A 219 -15.77 -33.36 13.72
C CYS A 219 -16.87 -32.31 13.60
N THR A 220 -18.05 -32.58 14.16
CA THR A 220 -19.15 -31.63 14.14
C THR A 220 -19.31 -30.87 15.44
N LYS A 221 -18.37 -31.02 16.38
CA LYS A 221 -18.34 -30.31 17.67
C LYS A 221 -19.61 -30.60 18.48
N GLN A 222 -19.73 -31.87 18.87
CA GLN A 222 -20.85 -32.36 19.67
C GLN A 222 -20.28 -33.10 20.88
N TRP A 223 -20.08 -32.36 21.97
CA TRP A 223 -19.46 -32.95 23.16
C TRP A 223 -20.38 -33.94 23.85
N ASP A 224 -21.69 -33.63 23.89
CA ASP A 224 -22.64 -34.52 24.55
C ASP A 224 -22.78 -35.84 23.80
N VAL A 225 -22.78 -35.77 22.46
CA VAL A 225 -22.88 -36.99 21.66
C VAL A 225 -21.62 -37.83 21.79
N VAL A 226 -20.45 -37.18 21.82
CA VAL A 226 -19.19 -37.88 22.02
C VAL A 226 -19.16 -38.56 23.38
N THR A 227 -19.59 -37.83 24.42
CA THR A 227 -19.60 -38.38 25.78
C THR A 227 -20.56 -39.55 25.89
N TYR A 228 -21.74 -39.45 25.26
CA TYR A 228 -22.69 -40.55 25.30
C TYR A 228 -22.17 -41.76 24.53
N LEU A 229 -21.55 -41.53 23.37
CA LEU A 229 -21.06 -42.65 22.56
C LEU A 229 -19.88 -43.35 23.23
N LEU A 230 -19.09 -42.60 24.01
CA LEU A 230 -17.89 -43.19 24.60
C LEU A 230 -18.20 -44.08 25.80
N GLU A 231 -19.27 -43.79 26.55
CA GLU A 231 -19.50 -44.52 27.79
C GLU A 231 -20.97 -44.87 28.02
N ASN A 232 -21.73 -45.14 26.96
CA ASN A 232 -23.06 -45.68 27.16
C ASN A 232 -22.98 -47.13 27.60
N PRO A 233 -23.91 -47.59 28.43
CA PRO A 233 -23.88 -48.99 28.88
C PRO A 233 -24.31 -50.01 27.85
N HIS A 234 -24.88 -49.57 26.72
CA HIS A 234 -25.36 -50.50 25.71
C HIS A 234 -24.24 -50.95 24.80
N GLN A 235 -23.58 -49.99 24.14
CA GLN A 235 -22.46 -50.30 23.26
C GLN A 235 -21.54 -49.09 23.16
N PRO A 236 -20.49 -49.01 23.98
CA PRO A 236 -19.62 -47.83 23.95
C PRO A 236 -18.71 -47.83 22.73
N ALA A 237 -18.54 -46.66 22.14
CA ALA A 237 -17.62 -46.51 21.02
C ALA A 237 -16.18 -46.51 21.51
N SER A 238 -15.28 -46.95 20.63
CA SER A 238 -13.87 -47.07 20.96
C SER A 238 -13.08 -45.96 20.28
N LEU A 239 -12.18 -45.32 21.03
CA LEU A 239 -11.30 -44.31 20.45
C LEU A 239 -10.24 -44.93 19.55
N GLU A 240 -9.99 -46.22 19.68
CA GLU A 240 -9.01 -46.92 18.86
C GLU A 240 -9.60 -47.40 17.53
N ALA A 241 -10.89 -47.18 17.30
CA ALA A 241 -11.51 -47.63 16.06
C ALA A 241 -11.00 -46.83 14.88
N THR A 242 -10.77 -47.52 13.77
CA THR A 242 -10.16 -46.93 12.58
C THR A 242 -11.12 -47.02 11.41
N ASP A 243 -11.00 -46.06 10.50
CA ASP A 243 -11.77 -46.04 9.28
C ASP A 243 -11.12 -46.92 8.20
N SER A 244 -11.60 -46.79 6.97
CA SER A 244 -11.08 -47.59 5.86
C SER A 244 -9.64 -47.22 5.51
N LEU A 245 -9.19 -46.01 5.84
CA LEU A 245 -7.81 -45.61 5.63
C LEU A 245 -6.93 -45.85 6.85
N GLY A 246 -7.45 -46.50 7.88
CA GLY A 246 -6.72 -46.66 9.12
C GLY A 246 -6.75 -45.44 10.02
N ASN A 247 -7.50 -44.41 9.65
CA ASN A 247 -7.53 -43.17 10.43
C ASN A 247 -8.39 -43.34 11.67
N THR A 248 -7.86 -42.90 12.81
CA THR A 248 -8.66 -42.81 14.03
C THR A 248 -9.34 -41.45 14.10
N VAL A 249 -9.94 -41.15 15.27
CA VAL A 249 -10.64 -39.89 15.42
C VAL A 249 -9.65 -38.73 15.47
N LEU A 250 -8.45 -38.95 16.01
CA LEU A 250 -7.43 -37.90 16.01
C LEU A 250 -6.90 -37.65 14.59
N HIS A 251 -6.74 -38.72 13.81
CA HIS A 251 -6.38 -38.57 12.40
C HIS A 251 -7.44 -37.80 11.65
N ALA A 252 -8.72 -38.09 11.93
CA ALA A 252 -9.82 -37.41 11.27
C ALA A 252 -9.87 -35.94 11.65
N LEU A 253 -9.56 -35.62 12.92
CA LEU A 253 -9.49 -34.22 13.33
C LEU A 253 -8.34 -33.50 12.64
N VAL A 254 -7.22 -34.20 12.44
CA VAL A 254 -6.13 -33.63 11.65
C VAL A 254 -6.56 -33.43 10.19
N MET A 255 -7.36 -34.36 9.66
CA MET A 255 -7.81 -34.28 8.28
C MET A 255 -8.72 -33.07 8.03
N ILE A 256 -9.64 -32.79 8.96
CA ILE A 256 -10.62 -31.74 8.75
C ILE A 256 -10.05 -30.41 9.26
N ALA A 257 -8.80 -30.42 9.69
CA ALA A 257 -8.18 -29.22 10.21
C ALA A 257 -7.85 -28.24 9.09
N ASP A 258 -8.18 -26.97 9.32
CA ASP A 258 -7.75 -25.89 8.46
C ASP A 258 -6.90 -24.92 9.27
N ASN A 259 -6.21 -24.04 8.57
CA ASN A 259 -5.29 -23.12 9.22
C ASN A 259 -5.97 -21.80 9.62
N SER A 260 -7.27 -21.68 9.40
CA SER A 260 -8.01 -20.54 9.91
C SER A 260 -8.12 -20.63 11.43
N PRO A 261 -8.19 -19.48 12.12
CA PRO A 261 -8.21 -19.52 13.60
C PRO A 261 -9.39 -20.24 14.22
N GLU A 262 -10.58 -20.12 13.64
CA GLU A 262 -11.76 -20.76 14.22
C GLU A 262 -11.71 -22.28 14.07
N ASN A 263 -11.37 -22.75 12.86
CA ASN A 263 -11.24 -24.18 12.62
C ASN A 263 -10.12 -24.78 13.45
N SER A 264 -9.00 -24.06 13.58
CA SER A 264 -7.89 -24.56 14.39
C SER A 264 -8.26 -24.61 15.86
N ALA A 265 -9.01 -23.63 16.35
CA ALA A 265 -9.46 -23.65 17.74
C ALA A 265 -10.41 -24.81 18.00
N LEU A 266 -11.33 -25.07 17.07
CA LEU A 266 -12.25 -26.20 17.19
C LEU A 266 -11.49 -27.52 17.20
N VAL A 267 -10.52 -27.68 16.28
CA VAL A 267 -9.78 -28.93 16.17
C VAL A 267 -8.90 -29.14 17.41
N ILE A 268 -8.28 -28.06 17.91
CA ILE A 268 -7.42 -28.16 19.08
C ILE A 268 -8.23 -28.51 20.33
N HIS A 269 -9.40 -27.88 20.50
CA HIS A 269 -10.26 -28.18 21.63
C HIS A 269 -10.75 -29.62 21.59
N MET A 270 -11.19 -30.08 20.42
CA MET A 270 -11.68 -31.45 20.28
C MET A 270 -10.55 -32.46 20.52
N TYR A 271 -9.37 -32.19 19.97
CA TYR A 271 -8.21 -33.08 20.12
C TYR A 271 -7.79 -33.20 21.58
N ASP A 272 -7.68 -32.07 22.27
CA ASP A 272 -7.26 -32.10 23.67
C ASP A 272 -8.30 -32.78 24.54
N GLY A 273 -9.59 -32.51 24.32
CA GLY A 273 -10.62 -33.15 25.10
C GLY A 273 -10.67 -34.65 24.88
N LEU A 274 -10.50 -35.09 23.62
CA LEU A 274 -10.52 -36.53 23.34
C LEU A 274 -9.29 -37.22 23.91
N LEU A 275 -8.14 -36.54 23.89
CA LEU A 275 -6.94 -37.12 24.51
C LEU A 275 -7.09 -37.24 26.01
N GLN A 276 -7.69 -36.22 26.65
CA GLN A 276 -7.91 -36.26 28.08
C GLN A 276 -8.93 -37.33 28.46
N MET A 277 -9.95 -37.55 27.63
CA MET A 277 -10.89 -38.63 27.92
C MET A 277 -10.29 -40.00 27.63
N GLY A 278 -9.36 -40.08 26.67
CA GLY A 278 -8.66 -41.33 26.45
C GLY A 278 -7.70 -41.65 27.57
N ALA A 279 -7.23 -40.63 28.28
CA ALA A 279 -6.45 -40.86 29.50
C ALA A 279 -7.28 -41.52 30.60
N ARG A 280 -8.62 -41.42 30.54
CA ARG A 280 -9.50 -42.05 31.50
C ARG A 280 -10.03 -43.40 31.02
N LEU A 281 -10.59 -43.44 29.80
CA LEU A 281 -11.26 -44.64 29.30
C LEU A 281 -10.29 -45.75 28.92
N CYS A 282 -9.19 -45.42 28.25
CA CYS A 282 -8.16 -46.39 27.90
C CYS A 282 -6.79 -45.85 28.30
N PRO A 283 -6.46 -45.90 29.59
CA PRO A 283 -5.21 -45.28 30.06
C PRO A 283 -3.95 -45.98 29.58
N THR A 284 -4.02 -47.28 29.30
CA THR A 284 -2.84 -48.02 28.85
C THR A 284 -2.63 -47.94 27.35
N VAL A 285 -3.49 -47.24 26.62
CA VAL A 285 -3.42 -47.15 25.17
C VAL A 285 -2.82 -45.80 24.79
N GLN A 286 -1.74 -45.83 24.00
CA GLN A 286 -1.15 -44.63 23.43
C GLN A 286 -1.92 -44.29 22.16
N LEU A 287 -2.84 -43.33 22.30
CA LEU A 287 -3.72 -42.97 21.18
C LEU A 287 -2.98 -42.26 20.07
N GLU A 288 -1.97 -41.46 20.42
CA GLU A 288 -1.21 -40.72 19.42
C GLU A 288 -0.13 -41.56 18.75
N GLU A 289 0.10 -42.79 19.22
CA GLU A 289 1.07 -43.68 18.60
C GLU A 289 0.43 -44.60 17.56
N ILE A 290 -0.87 -44.48 17.32
CA ILE A 290 -1.54 -45.33 16.35
C ILE A 290 -1.24 -44.80 14.95
N SER A 291 -0.80 -45.69 14.06
CA SER A 291 -0.49 -45.32 12.69
C SER A 291 -1.58 -45.83 11.75
N ASN A 292 -1.87 -45.04 10.72
CA ASN A 292 -2.86 -45.44 9.72
C ASN A 292 -2.20 -46.35 8.68
N HIS A 293 -2.90 -46.56 7.56
CA HIS A 293 -2.40 -47.44 6.51
C HIS A 293 -1.19 -46.86 5.78
N GLN A 294 -0.96 -45.55 5.87
CA GLN A 294 0.25 -44.95 5.35
C GLN A 294 1.40 -44.98 6.34
N GLY A 295 1.17 -45.49 7.55
CA GLY A 295 2.20 -45.48 8.57
C GLY A 295 2.34 -44.18 9.31
N LEU A 296 1.36 -43.29 9.21
CA LEU A 296 1.46 -41.96 9.81
C LEU A 296 0.70 -41.89 11.14
N THR A 297 1.35 -41.32 12.14
CA THR A 297 0.71 -40.89 13.37
C THR A 297 -0.02 -39.57 13.13
N PRO A 298 -0.89 -39.12 14.04
CA PRO A 298 -1.51 -37.80 13.86
C PRO A 298 -0.52 -36.65 13.74
N LEU A 299 0.61 -36.71 14.44
CA LEU A 299 1.64 -35.68 14.27
C LEU A 299 2.28 -35.76 12.88
N LYS A 300 2.59 -36.97 12.42
CA LYS A 300 3.15 -37.14 11.09
C LYS A 300 2.14 -36.80 10.00
N LEU A 301 0.87 -37.09 10.25
CA LEU A 301 -0.17 -36.72 9.30
C LEU A 301 -0.34 -35.21 9.22
N ALA A 302 -0.25 -34.52 10.36
CA ALA A 302 -0.31 -33.06 10.35
C ALA A 302 0.92 -32.46 9.66
N ALA A 303 2.06 -33.11 9.80
CA ALA A 303 3.26 -32.65 9.11
C ALA A 303 3.15 -32.86 7.60
N LYS A 304 2.51 -33.95 7.18
CA LYS A 304 2.41 -34.25 5.76
C LYS A 304 1.39 -33.36 5.06
N GLU A 305 0.28 -33.05 5.74
CA GLU A 305 -0.79 -32.29 5.11
C GLU A 305 -0.64 -30.78 5.24
N GLY A 306 0.42 -30.31 5.90
CA GLY A 306 0.62 -28.88 6.04
C GLY A 306 -0.29 -28.19 7.02
N LYS A 307 -0.89 -28.95 7.94
CA LYS A 307 -1.79 -28.40 8.94
C LYS A 307 -0.97 -27.78 10.07
N ILE A 308 -0.56 -26.52 9.84
CA ILE A 308 0.50 -25.89 10.64
C ILE A 308 0.05 -25.65 12.08
N GLU A 309 -1.22 -25.29 12.28
CA GLU A 309 -1.69 -24.92 13.61
C GLU A 309 -1.76 -26.11 14.54
N ILE A 310 -2.39 -27.21 14.10
CA ILE A 310 -2.48 -28.38 14.95
C ILE A 310 -1.12 -29.07 15.08
N PHE A 311 -0.27 -28.94 14.06
CA PHE A 311 1.10 -29.45 14.15
C PHE A 311 1.88 -28.72 15.24
N ARG A 312 1.75 -27.39 15.28
CA ARG A 312 2.40 -26.59 16.32
C ARG A 312 1.82 -26.90 17.69
N HIS A 313 0.51 -27.12 17.77
CA HIS A 313 -0.11 -27.42 19.06
C HIS A 313 0.33 -28.77 19.61
N ILE A 314 0.36 -29.80 18.75
CA ILE A 314 0.80 -31.12 19.19
C ILE A 314 2.28 -31.10 19.53
N LEU A 315 3.08 -30.39 18.72
CA LEU A 315 4.52 -30.40 18.88
C LEU A 315 4.96 -29.70 20.16
N GLN A 316 4.19 -28.70 20.60
CA GLN A 316 4.54 -27.91 21.78
C GLN A 316 3.53 -28.05 22.90
N ARG A 317 2.89 -29.21 23.02
CA ARG A 317 1.80 -29.40 23.97
C ARG A 317 2.34 -29.51 25.39
N GLU A 318 1.69 -28.80 26.31
CA GLU A 318 2.11 -28.79 27.71
C GLU A 318 0.89 -28.77 28.62
N PHE A 319 0.89 -29.65 29.62
CA PHE A 319 -0.16 -29.69 30.62
C PHE A 319 0.46 -29.70 32.00
N SER A 320 -0.30 -29.21 32.99
CA SER A 320 0.17 -29.10 34.36
C SER A 320 -0.73 -29.91 35.28
N GLY A 321 -0.13 -30.52 36.30
CA GLY A 321 -0.87 -31.32 37.25
C GLY A 321 -1.32 -32.62 36.65
N PRO A 322 -2.64 -32.84 36.60
CA PRO A 322 -3.17 -33.98 35.85
C PRO A 322 -2.98 -33.77 34.35
N TYR A 323 -2.99 -34.89 33.61
CA TYR A 323 -2.73 -34.96 32.18
C TYR A 323 -1.34 -34.50 31.81
N GLN A 324 -0.43 -34.44 32.78
CA GLN A 324 0.98 -34.14 32.53
C GLN A 324 1.69 -35.18 31.65
N PRO A 325 1.44 -36.49 31.75
CA PRO A 325 2.04 -37.40 30.76
C PRO A 325 1.59 -37.18 29.32
N LEU A 326 0.49 -36.47 29.10
CA LEU A 326 0.06 -36.13 27.75
C LEU A 326 0.85 -34.97 27.14
N SER A 327 1.74 -34.35 27.91
CA SER A 327 2.53 -33.23 27.40
C SER A 327 3.68 -33.73 26.53
N ARG A 328 4.05 -32.90 25.56
CA ARG A 328 5.28 -33.08 24.80
C ARG A 328 6.31 -32.01 25.08
N LYS A 329 5.93 -30.93 25.75
CA LYS A 329 6.83 -29.87 26.18
C LYS A 329 6.80 -29.79 27.70
N PHE A 330 7.99 -29.76 28.30
CA PHE A 330 8.12 -29.73 29.76
C PHE A 330 9.00 -28.56 30.14
N THR A 331 8.42 -27.59 30.85
CA THR A 331 9.20 -26.45 31.32
C THR A 331 10.17 -26.88 32.41
N GLU A 332 11.43 -26.45 32.28
CA GLU A 332 12.47 -26.85 33.22
C GLU A 332 12.74 -25.77 34.27
N TRP A 333 13.12 -24.57 33.84
CA TRP A 333 13.29 -23.46 34.76
C TRP A 333 13.12 -22.14 34.02
N CYS A 334 12.81 -21.10 34.78
CA CYS A 334 12.65 -19.75 34.26
C CYS A 334 13.41 -18.76 35.13
N TYR A 335 13.94 -17.72 34.49
CA TYR A 335 14.63 -16.65 35.22
C TYR A 335 14.48 -15.38 34.38
N GLY A 336 13.52 -14.53 34.76
CA GLY A 336 13.22 -13.35 34.01
C GLY A 336 12.65 -13.68 32.65
N PRO A 337 13.22 -13.09 31.59
CA PRO A 337 12.75 -13.39 30.23
C PRO A 337 13.30 -14.69 29.67
N VAL A 338 14.03 -15.48 30.44
CA VAL A 338 14.62 -16.73 29.98
C VAL A 338 13.72 -17.88 30.39
N ARG A 339 13.30 -18.69 29.43
CA ARG A 339 12.51 -19.89 29.67
C ARG A 339 13.22 -21.07 29.04
N VAL A 340 13.46 -22.11 29.83
CA VAL A 340 14.14 -23.32 29.38
C VAL A 340 13.17 -24.47 29.48
N SER A 341 13.01 -25.20 28.38
CA SER A 341 12.02 -26.27 28.29
C SER A 341 12.65 -27.51 27.68
N LEU A 342 12.02 -28.65 27.96
CA LEU A 342 12.38 -29.93 27.35
C LEU A 342 11.29 -30.32 26.36
N TYR A 343 11.70 -30.75 25.17
CA TYR A 343 10.78 -31.09 24.10
C TYR A 343 10.92 -32.58 23.76
N ASP A 344 9.78 -33.26 23.66
CA ASP A 344 9.77 -34.67 23.28
C ASP A 344 10.23 -34.81 21.83
N LEU A 345 11.25 -35.64 21.62
CA LEU A 345 11.79 -35.88 20.29
C LEU A 345 11.30 -37.17 19.66
N SER A 346 10.27 -37.81 20.24
CA SER A 346 9.72 -39.03 19.66
C SER A 346 9.04 -38.71 18.35
N SER A 347 9.36 -39.50 17.32
CA SER A 347 8.89 -39.39 15.93
C SER A 347 9.31 -38.10 15.26
N VAL A 348 10.20 -37.30 15.86
CA VAL A 348 10.62 -36.02 15.30
C VAL A 348 12.05 -36.09 14.79
N ASP A 349 12.93 -36.72 15.57
CA ASP A 349 14.34 -36.78 15.23
C ASP A 349 14.57 -37.65 14.00
N SER A 350 15.48 -37.20 13.13
CA SER A 350 15.74 -37.87 11.86
C SER A 350 16.53 -39.17 12.02
N TRP A 351 16.97 -39.50 13.23
CA TRP A 351 17.58 -40.79 13.49
C TRP A 351 16.60 -41.94 13.20
N GLU A 352 15.32 -41.71 13.45
CA GLU A 352 14.28 -42.70 13.19
C GLU A 352 13.83 -42.61 11.74
N LYS A 353 13.49 -43.76 11.17
CA LYS A 353 12.96 -43.81 9.82
C LYS A 353 11.57 -43.18 9.77
N ASN A 354 11.29 -42.46 8.67
CA ASN A 354 10.01 -41.79 8.41
C ASN A 354 9.67 -40.80 9.51
N SER A 355 10.57 -39.87 9.78
CA SER A 355 10.38 -38.92 10.86
C SER A 355 9.61 -37.68 10.36
N VAL A 356 9.32 -36.79 11.31
CA VAL A 356 8.62 -35.55 10.99
C VAL A 356 9.46 -34.66 10.09
N LEU A 357 10.77 -34.60 10.35
CA LEU A 357 11.67 -33.78 9.54
C LEU A 357 11.74 -34.29 8.10
N GLU A 358 11.85 -35.61 7.94
CA GLU A 358 11.89 -36.21 6.60
C GLU A 358 10.57 -36.01 5.87
N ILE A 359 9.45 -36.10 6.59
CA ILE A 359 8.13 -35.91 5.98
C ILE A 359 7.96 -34.47 5.53
N ILE A 360 8.39 -33.51 6.35
CA ILE A 360 8.29 -32.10 5.98
C ILE A 360 9.19 -31.79 4.79
N ALA A 361 10.41 -32.33 4.79
CA ALA A 361 11.36 -31.99 3.72
C ALA A 361 10.98 -32.64 2.40
N PHE A 362 10.61 -33.92 2.41
CA PHE A 362 10.52 -34.68 1.17
C PHE A 362 9.13 -35.25 0.86
N HIS A 363 8.19 -35.23 1.82
CA HIS A 363 6.87 -35.81 1.58
C HIS A 363 5.75 -34.79 1.56
N CYS A 364 5.95 -33.60 2.11
CA CYS A 364 4.89 -32.60 2.17
C CYS A 364 4.81 -31.82 0.86
N LYS A 365 3.59 -31.58 0.39
CA LYS A 365 3.35 -30.80 -0.82
C LYS A 365 2.87 -29.38 -0.53
N SER A 366 2.62 -29.06 0.73
CA SER A 366 1.93 -27.82 1.05
C SER A 366 2.87 -26.63 0.93
N PRO A 367 2.36 -25.43 0.60
CA PRO A 367 3.24 -24.26 0.44
C PRO A 367 3.86 -23.75 1.73
N ASN A 368 3.34 -24.13 2.89
CA ASN A 368 3.87 -23.64 4.16
C ASN A 368 4.84 -24.63 4.80
N ARG A 369 5.64 -25.34 4.00
CA ARG A 369 6.67 -26.21 4.54
C ARG A 369 7.74 -25.41 5.26
N HIS A 370 8.06 -24.21 4.75
CA HIS A 370 9.11 -23.40 5.35
C HIS A 370 8.64 -22.79 6.67
N ARG A 371 7.34 -22.73 6.92
CA ARG A 371 6.85 -22.24 8.20
C ARG A 371 6.92 -23.31 9.28
N MET A 372 6.97 -24.58 8.89
CA MET A 372 7.04 -25.65 9.89
C MET A 372 8.43 -25.79 10.48
N VAL A 373 9.47 -25.59 9.65
CA VAL A 373 10.83 -25.84 10.09
C VAL A 373 11.37 -24.77 11.02
N VAL A 374 10.68 -23.63 11.15
CA VAL A 374 11.10 -22.57 12.04
C VAL A 374 10.43 -22.64 13.40
N LEU A 375 9.59 -23.65 13.63
CA LEU A 375 8.97 -23.86 14.92
C LEU A 375 9.90 -24.63 15.84
N GLU A 376 9.78 -24.36 17.14
CA GLU A 376 10.57 -25.14 18.10
C GLU A 376 9.86 -26.46 18.40
N PRO A 377 10.62 -27.54 18.63
CA PRO A 377 12.08 -27.67 18.72
C PRO A 377 12.75 -27.94 17.39
N LEU A 378 12.04 -27.82 16.27
CA LEU A 378 12.61 -28.17 14.97
C LEU A 378 13.71 -27.21 14.58
N ASN A 379 13.54 -25.92 14.90
CA ASN A 379 14.50 -24.89 14.50
C ASN A 379 15.86 -25.11 15.15
N LYS A 380 15.87 -25.31 16.48
CA LYS A 380 17.14 -25.50 17.18
C LYS A 380 17.79 -26.83 16.82
N LEU A 381 16.98 -27.88 16.64
CA LEU A 381 17.51 -29.18 16.26
C LEU A 381 18.19 -29.13 14.89
N LEU A 382 17.54 -28.49 13.92
CA LEU A 382 18.15 -28.31 12.60
C LEU A 382 19.36 -27.40 12.68
N GLN A 383 19.37 -26.44 13.61
CA GLN A 383 20.53 -25.57 13.77
C GLN A 383 21.75 -26.34 14.27
N GLU A 384 21.58 -27.21 15.28
CA GLU A 384 22.72 -28.01 15.74
C GLU A 384 23.16 -29.01 14.68
N LYS A 385 22.21 -29.57 13.93
CA LYS A 385 22.59 -30.46 12.83
C LYS A 385 23.40 -29.73 11.76
N TRP A 386 23.01 -28.50 11.42
CA TRP A 386 23.75 -27.71 10.45
C TRP A 386 25.13 -27.32 10.98
N ASP A 387 25.21 -26.98 12.26
CA ASP A 387 26.50 -26.65 12.86
C ASP A 387 27.42 -27.86 12.88
N ARG A 388 26.85 -29.06 12.98
CA ARG A 388 27.65 -30.27 12.90
C ARG A 388 28.06 -30.64 11.48
N LEU A 389 27.26 -30.30 10.47
CA LEU A 389 27.54 -30.72 9.10
C LEU A 389 28.04 -29.62 8.16
N VAL A 390 28.29 -28.41 8.67
CA VAL A 390 28.71 -27.30 7.81
C VAL A 390 30.10 -27.54 7.20
N SER A 391 30.99 -28.20 7.94
CA SER A 391 32.31 -28.52 7.40
C SER A 391 32.22 -29.52 6.26
N ARG A 392 31.33 -30.51 6.38
CA ARG A 392 31.12 -31.45 5.28
C ARG A 392 30.49 -30.76 4.07
N PHE A 393 29.58 -29.83 4.32
CA PHE A 393 28.97 -29.05 3.23
C PHE A 393 30.03 -28.28 2.45
N PHE A 394 30.92 -27.58 3.16
CA PHE A 394 31.93 -26.80 2.46
C PHE A 394 33.07 -27.66 1.90
N PHE A 395 33.29 -28.85 2.45
CA PHE A 395 34.21 -29.80 1.81
C PHE A 395 33.65 -30.29 0.48
N ASN A 396 32.34 -30.56 0.43
CA ASN A 396 31.69 -30.92 -0.82
C ASN A 396 31.77 -29.77 -1.84
N PHE A 397 31.60 -28.53 -1.35
CA PHE A 397 31.76 -27.37 -2.23
C PHE A 397 33.18 -27.26 -2.77
N ALA A 398 34.17 -27.51 -1.92
CA ALA A 398 35.57 -27.45 -2.37
C ALA A 398 35.88 -28.53 -3.40
N CYS A 399 35.34 -29.73 -3.19
CA CYS A 399 35.53 -30.80 -4.17
C CYS A 399 34.89 -30.45 -5.51
N TYR A 400 33.68 -29.86 -5.48
CA TYR A 400 33.06 -29.47 -6.73
C TYR A 400 33.80 -28.32 -7.41
N LEU A 401 34.37 -27.42 -6.62
CA LEU A 401 35.19 -26.35 -7.19
C LEU A 401 36.43 -26.90 -7.89
N VAL A 402 37.08 -27.90 -7.26
CA VAL A 402 38.26 -28.52 -7.86
C VAL A 402 37.88 -29.22 -9.17
N TYR A 403 36.76 -29.95 -9.14
CA TYR A 403 36.29 -30.67 -10.33
C TYR A 403 35.95 -29.69 -11.46
N MET A 404 35.32 -28.57 -11.12
CA MET A 404 34.92 -27.61 -12.14
C MET A 404 36.13 -26.84 -12.68
N PHE A 405 37.14 -26.59 -11.85
CA PHE A 405 38.36 -25.94 -12.32
C PHE A 405 39.11 -26.83 -13.30
N ILE A 406 39.21 -28.13 -12.98
CA ILE A 406 39.86 -29.06 -13.91
C ILE A 406 39.04 -29.20 -15.19
N PHE A 407 37.70 -29.16 -15.06
CA PHE A 407 36.82 -29.17 -16.23
C PHE A 407 37.08 -27.97 -17.13
N THR A 408 37.20 -26.78 -16.54
CA THR A 408 37.44 -25.57 -17.33
C THR A 408 38.80 -25.60 -18.00
N VAL A 409 39.82 -26.08 -17.28
CA VAL A 409 41.17 -26.17 -17.86
C VAL A 409 41.19 -27.16 -19.02
N VAL A 410 40.54 -28.31 -18.86
CA VAL A 410 40.53 -29.33 -19.91
C VAL A 410 39.74 -28.85 -21.13
N ALA A 411 38.59 -28.22 -20.91
CA ALA A 411 37.79 -27.72 -22.03
C ALA A 411 38.46 -26.55 -22.73
N TYR A 412 39.27 -25.78 -22.00
CA TYR A 412 39.96 -24.64 -22.62
C TYR A 412 41.07 -25.10 -23.56
N HIS A 413 41.75 -26.20 -23.22
CA HIS A 413 42.92 -26.65 -23.97
C HIS A 413 42.62 -27.86 -24.84
N GLN A 414 41.44 -27.88 -25.46
CA GLN A 414 41.13 -28.93 -26.41
C GLN A 414 41.95 -28.74 -27.68
N PRO A 415 42.30 -29.83 -28.40
CA PRO A 415 43.07 -29.67 -29.62
C PRO A 415 42.20 -29.48 -30.86
N SER A 416 42.87 -29.45 -32.01
CA SER A 416 42.18 -29.18 -33.27
C SER A 416 41.46 -30.43 -33.77
N LEU A 417 40.31 -30.22 -34.41
CA LEU A 417 39.54 -31.31 -34.99
C LEU A 417 39.96 -31.55 -36.43
N PHE A 429 54.33 -33.82 -22.61
CA PHE A 429 53.91 -33.63 -21.23
C PHE A 429 52.52 -33.00 -21.17
N GLY A 430 52.24 -32.09 -22.11
CA GLY A 430 50.92 -31.49 -22.17
C GLY A 430 49.84 -32.46 -22.59
N GLU A 431 50.17 -33.34 -23.54
CA GLU A 431 49.18 -34.32 -24.01
C GLU A 431 48.84 -35.34 -22.93
N SER A 432 49.85 -35.79 -22.18
CA SER A 432 49.60 -36.72 -21.08
C SER A 432 48.80 -36.06 -19.96
N MET A 433 49.08 -34.79 -19.66
CA MET A 433 48.30 -34.07 -18.67
C MET A 433 46.86 -33.86 -19.13
N LEU A 434 46.65 -33.62 -20.42
CA LEU A 434 45.30 -33.48 -20.94
C LEU A 434 44.55 -34.81 -20.89
N LEU A 435 45.25 -35.91 -21.16
CA LEU A 435 44.64 -37.24 -21.04
C LEU A 435 44.26 -37.52 -19.59
N LEU A 436 45.13 -37.16 -18.65
CA LEU A 436 44.84 -37.33 -17.23
C LEU A 436 43.64 -36.48 -16.81
N GLY A 437 43.56 -35.25 -17.33
CA GLY A 437 42.41 -34.41 -17.03
C GLY A 437 41.12 -34.97 -17.61
N HIS A 438 41.19 -35.56 -18.80
CA HIS A 438 40.01 -36.21 -19.38
C HIS A 438 39.57 -37.40 -18.53
N ILE A 439 40.53 -38.18 -18.03
CA ILE A 439 40.20 -39.30 -17.14
C ILE A 439 39.56 -38.79 -15.85
N LEU A 440 40.10 -37.70 -15.28
CA LEU A 440 39.52 -37.13 -14.06
C LEU A 440 38.10 -36.61 -14.29
N ILE A 441 37.87 -35.97 -15.44
CA ILE A 441 36.53 -35.49 -15.78
C ILE A 441 35.57 -36.66 -15.93
N LEU A 442 36.01 -37.75 -16.57
CA LEU A 442 35.16 -38.92 -16.74
C LEU A 442 34.82 -39.56 -15.39
N LEU A 443 35.81 -39.68 -14.50
CA LEU A 443 35.58 -40.28 -13.20
C LEU A 443 34.67 -39.40 -12.34
N GLY A 444 34.86 -38.08 -12.37
CA GLY A 444 33.98 -37.20 -11.64
C GLY A 444 32.56 -37.22 -12.16
N GLY A 445 32.40 -37.31 -13.48
CA GLY A 445 31.06 -37.44 -14.05
C GLY A 445 30.38 -38.73 -13.66
N ILE A 446 31.14 -39.83 -13.63
CA ILE A 446 30.58 -41.11 -13.20
C ILE A 446 30.17 -41.05 -11.73
N TYR A 447 31.01 -40.42 -10.90
CA TYR A 447 30.71 -40.28 -9.47
C TYR A 447 29.43 -39.47 -9.25
N LEU A 448 29.33 -38.32 -9.93
CA LEU A 448 28.14 -37.48 -9.78
C LEU A 448 26.89 -38.16 -10.32
N LEU A 449 27.05 -38.90 -11.42
CA LEU A 449 25.90 -39.63 -12.00
C LEU A 449 25.40 -40.70 -11.05
N LEU A 450 26.32 -41.46 -10.44
CA LEU A 450 25.92 -42.48 -9.48
C LEU A 450 25.28 -41.87 -8.24
N GLY A 451 25.81 -40.74 -7.77
CA GLY A 451 25.22 -40.07 -6.62
C GLY A 451 23.81 -39.57 -6.90
N GLN A 452 23.60 -38.95 -8.06
CA GLN A 452 22.27 -38.46 -8.40
C GLN A 452 21.29 -39.61 -8.67
N LEU A 453 21.75 -40.71 -9.26
CA LEU A 453 20.88 -41.86 -9.45
C LEU A 453 20.49 -42.48 -8.11
N TRP A 454 21.43 -42.53 -7.16
CA TRP A 454 21.10 -43.01 -5.82
C TRP A 454 20.10 -42.10 -5.13
N TYR A 455 20.26 -40.79 -5.31
CA TYR A 455 19.30 -39.84 -4.73
C TYR A 455 17.91 -40.04 -5.30
N PHE A 456 17.79 -40.15 -6.62
CA PHE A 456 16.48 -40.31 -7.24
C PHE A 456 15.90 -41.69 -6.99
N TRP A 457 16.75 -42.68 -6.68
CA TRP A 457 16.24 -43.98 -6.26
C TRP A 457 15.70 -43.92 -4.84
N ARG A 458 16.38 -43.20 -3.95
CA ARG A 458 15.90 -43.07 -2.57
C ARG A 458 14.63 -42.21 -2.51
N ARG A 459 14.48 -41.27 -3.43
CA ARG A 459 13.31 -40.41 -3.47
C ARG A 459 12.28 -40.96 -4.45
N ARG A 460 12.15 -42.28 -4.48
CA ARG A 460 11.38 -43.02 -5.48
C ARG A 460 9.90 -42.64 -5.55
N LEU A 461 9.16 -42.88 -4.47
CA LEU A 461 7.71 -42.71 -4.49
C LEU A 461 7.32 -41.24 -4.57
N PHE A 462 8.06 -40.37 -3.90
CA PHE A 462 7.74 -38.95 -3.87
C PHE A 462 8.62 -38.14 -4.80
N ILE A 463 8.91 -38.66 -6.00
CA ILE A 463 9.86 -38.01 -6.91
C ILE A 463 9.31 -36.70 -7.44
N TRP A 464 7.99 -36.62 -7.63
CA TRP A 464 7.38 -35.37 -8.09
C TRP A 464 7.47 -34.29 -7.02
N ILE A 465 7.48 -34.69 -5.74
CA ILE A 465 7.70 -33.73 -4.67
C ILE A 465 9.19 -33.43 -4.50
N SER A 466 10.04 -34.28 -5.08
CA SER A 466 11.47 -34.14 -4.86
C SER A 466 12.06 -32.95 -5.62
N PHE A 467 11.63 -32.71 -6.87
CA PHE A 467 12.29 -31.68 -7.65
C PHE A 467 11.45 -30.42 -7.81
N MET A 468 10.35 -30.28 -7.08
CA MET A 468 9.57 -29.05 -7.19
C MET A 468 10.25 -27.90 -6.46
N ASP A 469 11.18 -28.20 -5.55
CA ASP A 469 12.00 -27.19 -4.91
C ASP A 469 13.48 -27.56 -4.93
N SER A 470 13.84 -28.59 -5.68
CA SER A 470 15.23 -29.05 -5.76
C SER A 470 15.60 -29.34 -7.20
N TYR A 471 15.38 -28.36 -8.09
CA TYR A 471 15.77 -28.49 -9.50
C TYR A 471 17.26 -28.66 -9.70
N PHE A 472 18.07 -28.29 -8.71
CA PHE A 472 19.51 -28.51 -8.80
C PHE A 472 19.87 -29.99 -8.83
N GLU A 473 19.02 -30.86 -8.27
CA GLU A 473 19.24 -32.30 -8.40
C GLU A 473 19.12 -32.72 -9.86
N ILE A 474 18.09 -32.23 -10.55
CA ILE A 474 17.92 -32.49 -11.98
C ILE A 474 19.09 -31.93 -12.77
N LEU A 475 19.54 -30.71 -12.42
CA LEU A 475 20.65 -30.10 -13.14
C LEU A 475 21.96 -30.83 -12.94
N PHE A 476 22.23 -31.31 -11.71
CA PHE A 476 23.44 -32.09 -11.45
C PHE A 476 23.41 -33.42 -12.20
N LEU A 477 22.25 -34.09 -12.21
CA LEU A 477 22.12 -35.33 -12.96
C LEU A 477 22.33 -35.11 -14.46
N LEU A 478 21.76 -34.03 -14.99
CA LEU A 478 21.90 -33.74 -16.41
C LEU A 478 23.34 -33.38 -16.76
N GLN A 479 24.02 -32.64 -15.89
CA GLN A 479 25.42 -32.30 -16.11
C GLN A 479 26.30 -33.54 -16.12
N ALA A 480 26.07 -34.47 -15.17
CA ALA A 480 26.84 -35.71 -15.14
C ALA A 480 26.57 -36.57 -16.36
N LEU A 481 25.30 -36.64 -16.79
CA LEU A 481 24.95 -37.39 -18.00
C LEU A 481 25.63 -36.82 -19.23
N LEU A 482 25.62 -35.48 -19.36
CA LEU A 482 26.28 -34.83 -20.48
C LEU A 482 27.78 -35.05 -20.46
N THR A 483 28.38 -35.03 -19.28
CA THR A 483 29.83 -35.28 -19.16
C THR A 483 30.18 -36.70 -19.61
N VAL A 484 29.41 -37.68 -19.15
CA VAL A 484 29.67 -39.07 -19.53
C VAL A 484 29.44 -39.28 -21.03
N LEU A 485 28.38 -38.65 -21.57
CA LEU A 485 28.10 -38.77 -23.00
C LEU A 485 29.19 -38.12 -23.84
N SER A 486 29.70 -36.97 -23.40
CA SER A 486 30.75 -36.29 -24.15
C SER A 486 32.06 -37.08 -24.10
N GLN A 487 32.36 -37.71 -22.96
CA GLN A 487 33.57 -38.53 -22.90
C GLN A 487 33.42 -39.83 -23.66
N VAL A 488 32.19 -40.33 -23.80
CA VAL A 488 31.95 -41.50 -24.63
C VAL A 488 32.12 -41.15 -26.10
N LEU A 489 31.58 -40.00 -26.51
CA LEU A 489 31.65 -39.59 -27.92
C LEU A 489 33.08 -39.24 -28.32
N ARG A 490 33.90 -38.82 -27.36
CA ARG A 490 35.30 -38.57 -27.66
C ARG A 490 36.05 -39.85 -27.99
N PHE A 491 35.65 -40.96 -27.35
CA PHE A 491 36.27 -42.25 -27.65
C PHE A 491 35.86 -42.74 -29.03
N MET A 492 34.66 -42.38 -29.48
CA MET A 492 34.18 -42.73 -30.81
C MET A 492 34.68 -41.78 -31.88
N GLU A 493 35.44 -40.75 -31.49
CA GLU A 493 36.11 -39.81 -32.39
C GLU A 493 35.14 -39.04 -33.29
N THR A 494 33.94 -38.76 -32.81
CA THR A 494 33.02 -37.90 -33.53
C THR A 494 33.20 -36.45 -33.08
N GLU A 495 32.84 -35.52 -33.96
CA GLU A 495 33.08 -34.10 -33.68
C GLU A 495 32.05 -33.53 -32.72
N TRP A 496 30.96 -34.25 -32.45
CA TRP A 496 29.89 -33.71 -31.64
C TRP A 496 30.16 -33.84 -30.15
N TYR A 497 31.32 -34.37 -29.76
CA TYR A 497 31.69 -34.42 -28.34
C TYR A 497 31.96 -33.02 -27.81
N LEU A 498 32.43 -32.10 -28.67
CA LEU A 498 32.87 -30.80 -28.19
C LEU A 498 31.71 -29.88 -27.82
N PRO A 499 30.61 -29.78 -28.59
CA PRO A 499 29.44 -29.06 -28.05
C PRO A 499 28.85 -29.69 -26.80
N LEU A 500 28.87 -31.03 -26.68
CA LEU A 500 28.39 -31.67 -25.47
C LEU A 500 29.29 -31.34 -24.28
N LEU A 501 30.60 -31.34 -24.48
CA LEU A 501 31.53 -30.98 -23.41
C LEU A 501 31.36 -29.52 -23.00
N VAL A 502 31.16 -28.63 -23.97
CA VAL A 502 30.96 -27.21 -23.69
C VAL A 502 29.65 -26.99 -22.94
N LEU A 503 28.59 -27.69 -23.33
CA LEU A 503 27.30 -27.53 -22.66
C LEU A 503 27.33 -28.10 -21.25
N SER A 504 28.04 -29.22 -21.05
CA SER A 504 28.23 -29.73 -19.69
C SER A 504 29.08 -28.81 -18.85
N LEU A 505 30.05 -28.12 -19.46
CA LEU A 505 30.82 -27.10 -18.75
C LEU A 505 29.94 -25.94 -18.31
N VAL A 506 29.02 -25.52 -19.19
CA VAL A 506 28.06 -24.47 -18.84
C VAL A 506 27.20 -24.90 -17.66
N LEU A 507 26.65 -26.12 -17.73
CA LEU A 507 25.81 -26.62 -16.65
C LEU A 507 26.58 -26.77 -15.36
N GLY A 508 27.84 -27.21 -15.44
CA GLY A 508 28.65 -27.35 -14.25
C GLY A 508 28.97 -26.02 -13.59
N TRP A 509 29.19 -24.98 -14.39
CA TRP A 509 29.42 -23.66 -13.80
C TRP A 509 28.13 -23.07 -13.23
N LEU A 510 26.99 -23.37 -13.85
CA LEU A 510 25.72 -22.92 -13.28
C LEU A 510 25.39 -23.66 -12.00
N ASN A 511 25.84 -24.91 -11.88
CA ASN A 511 25.55 -25.74 -10.72
C ASN A 511 26.30 -25.29 -9.48
N LEU A 512 27.31 -24.42 -9.63
CA LEU A 512 28.06 -23.92 -8.49
C LEU A 512 27.24 -22.97 -7.63
N LEU A 513 26.12 -22.45 -8.17
CA LEU A 513 25.25 -21.56 -7.41
C LEU A 513 24.36 -22.30 -6.42
N TYR A 514 24.42 -23.64 -6.40
CA TYR A 514 23.74 -24.41 -5.36
C TYR A 514 24.32 -24.08 -3.99
N TYR A 515 25.64 -23.89 -3.92
CA TYR A 515 26.32 -23.75 -2.64
C TYR A 515 26.25 -22.35 -2.06
N THR A 516 25.49 -21.44 -2.68
CA THR A 516 25.28 -20.13 -2.08
C THR A 516 24.36 -20.21 -0.86
N ARG A 517 23.63 -21.30 -0.71
CA ARG A 517 22.75 -21.50 0.44
C ARG A 517 23.51 -21.81 1.73
N GLY A 518 24.83 -22.04 1.65
CA GLY A 518 25.61 -22.27 2.85
C GLY A 518 25.80 -21.04 3.71
N PHE A 519 25.61 -19.86 3.14
CA PHE A 519 25.71 -18.61 3.88
C PHE A 519 24.34 -17.95 3.94
N GLN A 520 24.11 -17.18 5.01
CA GLN A 520 22.86 -16.47 5.17
C GLN A 520 22.73 -15.37 4.12
N HIS A 521 23.82 -14.65 3.85
CA HIS A 521 23.77 -13.47 2.99
C HIS A 521 23.47 -13.86 1.54
N THR A 522 24.19 -14.84 1.01
CA THR A 522 23.92 -15.31 -0.34
C THR A 522 22.70 -16.23 -0.42
N GLY A 523 22.50 -17.06 0.61
CA GLY A 523 21.42 -18.02 0.59
C GLY A 523 20.04 -17.41 0.70
N ILE A 524 19.88 -16.34 1.50
CA ILE A 524 18.62 -15.64 1.54
C ILE A 524 18.37 -14.92 0.22
N TYR A 525 19.41 -14.28 -0.33
CA TYR A 525 19.27 -13.53 -1.57
C TYR A 525 18.87 -14.41 -2.75
N SER A 526 19.43 -15.62 -2.81
CA SER A 526 19.06 -16.56 -3.86
C SER A 526 17.59 -16.96 -3.79
N VAL A 527 16.97 -16.84 -2.62
CA VAL A 527 15.54 -17.03 -2.50
C VAL A 527 14.77 -15.76 -2.88
N MET A 528 15.30 -14.59 -2.50
CA MET A 528 14.61 -13.34 -2.80
C MET A 528 14.53 -13.07 -4.30
N ILE A 529 15.56 -13.44 -5.06
CA ILE A 529 15.56 -13.11 -6.49
C ILE A 529 14.50 -13.93 -7.23
N GLN A 530 14.49 -15.24 -7.02
CA GLN A 530 13.56 -16.09 -7.76
C GLN A 530 12.16 -16.01 -7.16
N LYS A 531 11.16 -15.95 -8.04
CA LYS A 531 9.77 -15.79 -7.65
C LYS A 531 8.89 -16.27 -8.79
N VAL A 532 7.63 -15.83 -8.79
CA VAL A 532 6.61 -16.26 -9.76
C VAL A 532 6.87 -15.77 -11.19
N ILE A 533 8.00 -15.09 -11.43
CA ILE A 533 8.36 -14.62 -12.77
C ILE A 533 8.48 -15.79 -13.74
N LEU A 534 8.97 -16.94 -13.25
CA LEU A 534 9.22 -18.10 -14.11
C LEU A 534 7.94 -18.67 -14.71
N ARG A 535 6.85 -18.70 -13.96
CA ARG A 535 5.62 -19.27 -14.50
C ARG A 535 4.88 -18.30 -15.41
N ASP A 536 5.16 -16.99 -15.29
CA ASP A 536 4.56 -16.02 -16.20
C ASP A 536 5.43 -15.77 -17.42
N LEU A 537 6.73 -16.10 -17.33
CA LEU A 537 7.62 -15.96 -18.47
C LEU A 537 7.20 -16.86 -19.62
N LEU A 538 6.81 -18.10 -19.32
CA LEU A 538 6.35 -19.01 -20.36
C LEU A 538 5.04 -18.56 -20.97
N ARG A 539 4.12 -18.03 -20.15
CA ARG A 539 2.84 -17.57 -20.66
C ARG A 539 2.97 -16.32 -21.52
N PHE A 540 3.91 -15.43 -21.18
CA PHE A 540 4.21 -14.31 -22.06
C PHE A 540 4.93 -14.76 -23.32
N LEU A 541 5.78 -15.79 -23.18
CA LEU A 541 6.54 -16.31 -24.32
C LEU A 541 5.61 -16.93 -25.35
N LEU A 542 4.48 -17.48 -24.90
CA LEU A 542 3.51 -18.04 -25.84
C LEU A 542 2.95 -16.98 -26.78
N VAL A 543 2.68 -15.77 -26.26
CA VAL A 543 2.20 -14.68 -27.10
C VAL A 543 3.34 -14.12 -27.96
N TYR A 544 4.52 -13.97 -27.34
CA TYR A 544 5.65 -13.34 -28.03
C TYR A 544 6.14 -14.19 -29.21
N LEU A 545 6.13 -15.52 -29.06
CA LEU A 545 6.58 -16.38 -30.14
C LEU A 545 5.60 -16.37 -31.31
N VAL A 546 4.30 -16.23 -31.02
CA VAL A 546 3.31 -16.09 -32.09
C VAL A 546 3.55 -14.79 -32.85
N PHE A 547 3.80 -13.69 -32.12
CA PHE A 547 4.13 -12.41 -32.75
C PHE A 547 5.36 -12.54 -33.64
N LEU A 548 6.42 -13.16 -33.09
CA LEU A 548 7.69 -13.31 -33.78
C LEU A 548 7.55 -14.13 -35.05
N PHE A 549 6.88 -15.29 -34.95
CA PHE A 549 6.75 -16.17 -36.10
C PHE A 549 5.89 -15.56 -37.19
N GLY A 550 4.78 -14.90 -36.82
CA GLY A 550 3.92 -14.28 -37.82
C GLY A 550 4.63 -13.17 -38.56
N PHE A 551 5.29 -12.27 -37.84
CA PHE A 551 5.98 -11.18 -38.52
C PHE A 551 7.21 -11.69 -39.28
N ALA A 552 7.82 -12.79 -38.83
CA ALA A 552 8.98 -13.33 -39.52
C ALA A 552 8.60 -13.94 -40.87
N VAL A 553 7.52 -14.74 -40.89
CA VAL A 553 7.10 -15.32 -42.16
C VAL A 553 6.56 -14.23 -43.09
N ALA A 554 5.97 -13.18 -42.52
CA ALA A 554 5.53 -12.04 -43.32
C ALA A 554 6.71 -11.33 -43.98
N LEU A 555 7.78 -11.07 -43.21
CA LEU A 555 8.92 -10.35 -43.74
C LEU A 555 9.70 -11.19 -44.74
N VAL A 556 9.71 -12.51 -44.56
CA VAL A 556 10.35 -13.37 -45.54
C VAL A 556 9.56 -13.39 -46.84
N SER A 557 8.22 -13.48 -46.74
CA SER A 557 7.39 -13.52 -47.95
C SER A 557 7.42 -12.20 -48.70
N LEU A 558 7.45 -11.07 -47.97
CA LEU A 558 7.36 -9.78 -48.63
C LEU A 558 8.68 -9.31 -49.23
N SER A 559 9.81 -9.78 -48.70
CA SER A 559 11.11 -9.31 -49.16
C SER A 559 11.69 -10.13 -50.30
N ARG A 560 10.94 -11.11 -50.81
CA ARG A 560 11.46 -11.97 -51.87
C ARG A 560 11.57 -11.26 -53.22
N GLU A 561 10.92 -10.11 -53.37
CA GLU A 561 10.87 -9.39 -54.64
C GLU A 561 11.71 -8.12 -54.54
N ALA A 562 12.59 -7.91 -55.52
CA ALA A 562 13.41 -6.73 -55.57
C ALA A 562 12.80 -5.69 -56.49
N ARG A 563 13.18 -4.43 -56.28
CA ARG A 563 12.65 -3.33 -57.08
C ARG A 563 13.28 -3.31 -58.47
N PRO A 589 18.13 -9.11 -47.07
CA PRO A 589 17.69 -8.68 -45.74
C PRO A 589 17.06 -9.81 -44.94
N TYR A 590 15.97 -10.39 -45.49
CA TYR A 590 15.24 -11.46 -44.84
C TYR A 590 15.14 -12.63 -45.83
N ARG A 591 16.19 -13.46 -45.85
CA ARG A 591 16.27 -14.55 -46.82
C ARG A 591 15.71 -15.85 -46.26
N SER A 592 15.68 -16.02 -44.95
CA SER A 592 15.21 -17.26 -44.34
C SER A 592 14.43 -16.92 -43.08
N ILE A 593 13.74 -17.93 -42.56
CA ILE A 593 12.93 -17.75 -41.36
C ILE A 593 13.80 -17.46 -40.16
N LEU A 594 14.92 -18.18 -40.03
CA LEU A 594 15.81 -18.00 -38.89
C LEU A 594 16.45 -16.61 -38.90
N ASP A 595 16.84 -16.13 -40.08
CA ASP A 595 17.45 -14.81 -40.19
C ASP A 595 16.47 -13.71 -39.81
N ALA A 596 15.24 -13.78 -40.34
CA ALA A 596 14.23 -12.77 -40.03
C ALA A 596 13.82 -12.83 -38.56
N SER A 597 13.75 -14.04 -38.00
CA SER A 597 13.45 -14.18 -36.58
C SER A 597 14.55 -13.56 -35.72
N LEU A 598 15.81 -13.73 -36.11
CA LEU A 598 16.90 -13.11 -35.37
C LEU A 598 16.88 -11.59 -35.48
N GLU A 599 16.59 -11.06 -36.68
CA GLU A 599 16.50 -9.61 -36.82
C GLU A 599 15.33 -9.02 -36.03
N LEU A 600 14.22 -9.77 -35.93
CA LEU A 600 13.11 -9.27 -35.13
C LEU A 600 13.39 -9.42 -33.63
N PHE A 601 14.14 -10.44 -33.23
CA PHE A 601 14.51 -10.58 -31.83
C PHE A 601 15.54 -9.54 -31.41
N LYS A 602 16.29 -8.99 -32.38
CA LYS A 602 17.26 -7.95 -32.07
C LYS A 602 16.60 -6.68 -31.51
N PHE A 603 15.32 -6.46 -31.80
CA PHE A 603 14.64 -5.26 -31.32
C PHE A 603 14.45 -5.27 -29.82
N THR A 604 14.30 -6.45 -29.22
CA THR A 604 14.10 -6.53 -27.77
C THR A 604 15.38 -6.27 -26.99
N ILE A 605 16.54 -6.55 -27.58
CA ILE A 605 17.81 -6.37 -26.90
C ILE A 605 18.45 -5.03 -27.24
N GLY A 606 17.73 -4.14 -27.92
CA GLY A 606 18.25 -2.84 -28.24
C GLY A 606 19.15 -2.77 -29.44
N MET A 607 19.09 -3.75 -30.34
CA MET A 607 19.91 -3.75 -31.56
C MET A 607 19.09 -3.97 -32.83
N GLY A 608 17.81 -3.60 -32.83
CA GLY A 608 16.98 -3.82 -33.99
C GLY A 608 17.30 -2.83 -35.09
N GLU A 609 17.49 -3.32 -36.31
CA GLU A 609 17.76 -2.44 -37.44
C GLU A 609 16.45 -2.01 -38.08
N LEU A 610 16.26 -0.69 -38.19
CA LEU A 610 15.02 -0.11 -38.68
C LEU A 610 15.39 0.93 -39.74
N ALA A 611 15.33 0.53 -41.02
CA ALA A 611 15.77 1.38 -42.10
C ALA A 611 14.83 1.23 -43.29
N PHE A 612 14.97 2.15 -44.24
CA PHE A 612 14.18 2.12 -45.47
C PHE A 612 14.93 1.29 -46.50
N GLN A 613 14.48 0.05 -46.69
CA GLN A 613 15.17 -0.92 -47.55
C GLN A 613 14.90 -0.60 -49.02
N GLU A 614 15.70 0.34 -49.55
CA GLU A 614 15.41 0.96 -50.85
C GLU A 614 15.49 -0.03 -52.01
N GLN A 615 16.24 -1.11 -51.86
CA GLN A 615 16.37 -2.07 -52.95
C GLN A 615 15.17 -3.01 -53.06
N LEU A 616 14.35 -3.10 -52.02
CA LEU A 616 13.15 -3.94 -52.05
C LEU A 616 12.03 -3.26 -52.82
N ARG A 617 11.15 -4.07 -53.41
CA ARG A 617 10.04 -3.53 -54.18
C ARG A 617 8.95 -2.97 -53.26
N PHE A 618 8.67 -3.66 -52.17
CA PHE A 618 7.60 -3.31 -51.23
C PHE A 618 8.16 -2.70 -49.96
N ARG A 619 9.13 -1.79 -50.11
CA ARG A 619 9.87 -1.24 -48.97
C ARG A 619 8.99 -0.48 -48.00
N GLY A 620 7.95 0.20 -48.49
CA GLY A 620 7.04 0.88 -47.60
C GLY A 620 6.25 -0.07 -46.73
N VAL A 621 5.77 -1.17 -47.32
CA VAL A 621 5.02 -2.16 -46.56
C VAL A 621 5.93 -2.89 -45.58
N VAL A 622 7.19 -3.12 -45.97
CA VAL A 622 8.15 -3.75 -45.06
C VAL A 622 8.43 -2.86 -43.86
N LEU A 623 8.61 -1.56 -44.12
CA LEU A 623 8.84 -0.61 -43.03
C LEU A 623 7.62 -0.50 -42.12
N LEU A 624 6.42 -0.52 -42.70
CA LEU A 624 5.20 -0.48 -41.89
C LEU A 624 5.04 -1.74 -41.05
N LEU A 625 5.41 -2.90 -41.61
CA LEU A 625 5.36 -4.14 -40.84
C LEU A 625 6.35 -4.10 -39.68
N LEU A 626 7.56 -3.58 -39.93
CA LEU A 626 8.55 -3.46 -38.87
C LEU A 626 8.08 -2.52 -37.77
N LEU A 627 7.49 -1.38 -38.15
CA LEU A 627 6.99 -0.43 -37.16
C LEU A 627 5.83 -1.01 -36.36
N ALA A 628 4.94 -1.74 -37.03
CA ALA A 628 3.82 -2.37 -36.33
C ALA A 628 4.31 -3.44 -35.36
N TYR A 629 5.31 -4.22 -35.77
CA TYR A 629 5.89 -5.22 -34.88
C TYR A 629 6.54 -4.58 -33.67
N VAL A 630 7.27 -3.48 -33.89
CA VAL A 630 7.95 -2.79 -32.80
C VAL A 630 6.94 -2.24 -31.80
N LEU A 631 5.88 -1.59 -32.30
CA LEU A 631 4.86 -1.03 -31.42
C LEU A 631 4.12 -2.12 -30.65
N LEU A 632 3.73 -3.20 -31.33
CA LEU A 632 3.02 -4.28 -30.66
C LEU A 632 3.90 -4.97 -29.62
N THR A 633 5.17 -5.20 -29.94
CA THR A 633 6.07 -5.86 -29.01
C THR A 633 6.35 -4.97 -27.79
N TYR A 634 6.50 -3.66 -27.99
CA TYR A 634 6.75 -2.78 -26.86
C TYR A 634 5.51 -2.65 -25.97
N VAL A 635 4.32 -2.62 -26.57
CA VAL A 635 3.09 -2.63 -25.80
C VAL A 635 2.96 -3.92 -25.00
N LEU A 636 3.32 -5.05 -25.62
CA LEU A 636 3.27 -6.34 -24.94
C LEU A 636 4.27 -6.41 -23.78
N LEU A 637 5.48 -5.88 -23.99
CA LEU A 637 6.49 -5.88 -22.93
C LEU A 637 6.08 -4.99 -21.77
N LEU A 638 5.50 -3.83 -22.07
CA LEU A 638 4.99 -2.95 -21.02
C LEU A 638 3.85 -3.60 -20.25
N ASN A 639 2.98 -4.32 -20.96
CA ASN A 639 1.89 -5.04 -20.30
C ASN A 639 2.44 -6.11 -19.37
N MET A 640 3.45 -6.85 -19.81
CA MET A 640 3.97 -7.94 -18.99
C MET A 640 4.70 -7.39 -17.78
N LEU A 641 5.46 -6.30 -17.96
CA LEU A 641 6.14 -5.64 -16.85
C LEU A 641 5.17 -5.13 -15.80
N ILE A 642 4.10 -4.46 -16.23
CA ILE A 642 3.14 -3.91 -15.28
C ILE A 642 2.33 -5.02 -14.61
N ALA A 643 1.98 -6.07 -15.36
CA ALA A 643 1.27 -7.20 -14.77
C ALA A 643 2.11 -7.94 -13.74
N LEU A 644 3.40 -8.13 -14.04
CA LEU A 644 4.31 -8.76 -13.07
C LEU A 644 4.52 -7.85 -11.87
N MET A 645 4.50 -6.54 -12.11
CA MET A 645 4.60 -5.56 -11.02
C MET A 645 3.38 -5.59 -10.11
N SER A 646 2.22 -5.97 -10.65
CA SER A 646 1.01 -5.99 -9.84
C SER A 646 1.01 -7.16 -8.86
N GLU A 647 1.51 -8.33 -9.26
CA GLU A 647 1.45 -9.51 -8.40
C GLU A 647 2.56 -9.54 -7.36
N THR A 648 3.72 -8.97 -7.66
CA THR A 648 4.88 -9.11 -6.80
C THR A 648 5.04 -8.02 -5.77
N VAL A 649 4.66 -6.78 -6.08
CA VAL A 649 4.76 -5.70 -5.11
C VAL A 649 3.43 -5.60 -4.39
N ASN A 650 3.36 -6.17 -3.18
CA ASN A 650 2.13 -6.21 -2.41
C ASN A 650 2.33 -6.01 -0.92
N HIS A 651 3.54 -5.65 -0.48
CA HIS A 651 3.93 -5.44 0.92
C HIS A 651 3.72 -6.67 1.79
N VAL A 652 3.74 -7.87 1.21
CA VAL A 652 3.70 -9.10 1.99
C VAL A 652 5.05 -9.29 2.65
N ALA A 653 5.02 -9.68 3.94
CA ALA A 653 6.24 -9.84 4.72
C ALA A 653 7.15 -10.91 4.12
N ASP A 654 8.46 -10.70 4.24
CA ASP A 654 9.46 -11.51 3.58
C ASP A 654 9.54 -12.88 4.24
N ASN A 655 9.34 -13.93 3.44
CA ASN A 655 9.49 -15.30 3.90
C ASN A 655 10.76 -15.97 3.40
N SER A 656 11.74 -15.18 2.94
CA SER A 656 12.94 -15.76 2.34
C SER A 656 13.84 -16.43 3.37
N TRP A 657 13.82 -15.93 4.62
CA TRP A 657 14.63 -16.53 5.67
C TRP A 657 14.16 -17.95 5.99
N SER A 658 12.84 -18.15 6.07
CA SER A 658 12.31 -19.49 6.35
C SER A 658 12.52 -20.44 5.18
N ILE A 659 12.46 -19.94 3.94
CA ILE A 659 12.73 -20.79 2.78
C ILE A 659 14.20 -21.18 2.74
N TRP A 660 15.10 -20.25 3.11
CA TRP A 660 16.51 -20.59 3.21
C TRP A 660 16.76 -21.61 4.32
N LYS A 661 16.03 -21.49 5.43
CA LYS A 661 16.11 -22.48 6.50
C LYS A 661 15.62 -23.85 6.03
N LEU A 662 14.57 -23.87 5.21
CA LEU A 662 14.09 -25.14 4.65
C LEU A 662 15.11 -25.75 3.69
N GLN A 663 15.79 -24.91 2.89
CA GLN A 663 16.85 -25.41 2.02
C GLN A 663 18.00 -25.99 2.84
N LYS A 664 18.37 -25.32 3.92
CA LYS A 664 19.40 -25.85 4.81
C LYS A 664 18.95 -27.16 5.47
N ALA A 665 17.67 -27.26 5.80
CA ALA A 665 17.14 -28.50 6.39
C ALA A 665 17.21 -29.65 5.39
N ILE A 666 16.87 -29.39 4.13
CA ILE A 666 16.95 -30.41 3.09
C ILE A 666 18.40 -30.85 2.88
N SER A 667 19.33 -29.88 2.84
CA SER A 667 20.74 -30.19 2.69
C SER A 667 21.26 -31.01 3.86
N VAL A 668 20.82 -30.67 5.08
CA VAL A 668 21.26 -31.38 6.29
C VAL A 668 20.73 -32.82 6.28
N LEU A 669 19.47 -32.99 5.92
CA LEU A 669 18.88 -34.33 5.92
C LEU A 669 19.46 -35.21 4.82
N GLU A 670 19.91 -34.61 3.71
CA GLU A 670 20.60 -35.40 2.71
C GLU A 670 22.05 -35.68 3.11
N MET A 671 22.68 -34.76 3.82
CA MET A 671 24.06 -34.95 4.24
C MET A 671 24.17 -35.97 5.36
N GLU A 672 23.10 -36.16 6.14
CA GLU A 672 23.12 -37.12 7.22
C GLU A 672 23.18 -38.56 6.75
N ASN A 673 22.73 -38.84 5.53
CA ASN A 673 22.80 -40.19 4.99
C ASN A 673 24.20 -40.58 4.54
N GLY A 674 25.10 -39.61 4.43
CA GLY A 674 26.45 -39.88 3.95
C GLY A 674 26.55 -39.82 2.46
N TYR A 675 27.34 -40.73 1.88
CA TYR A 675 27.52 -40.82 0.44
C TYR A 675 26.96 -42.15 -0.05
N TRP A 676 26.88 -42.29 -1.37
CA TRP A 676 26.41 -43.54 -1.95
C TRP A 676 27.40 -44.68 -1.72
N TRP A 677 28.68 -44.35 -1.62
CA TRP A 677 29.72 -45.34 -1.35
C TRP A 677 30.05 -45.49 0.12
N CYS A 678 29.49 -44.65 0.99
CA CYS A 678 29.79 -44.71 2.42
C CYS A 678 28.58 -44.15 3.16
N ARG A 679 27.87 -45.02 3.87
CA ARG A 679 26.66 -44.65 4.59
C ARG A 679 26.98 -44.39 6.05
N ARG A 680 26.62 -43.20 6.53
CA ARG A 680 26.90 -42.82 7.91
C ARG A 680 25.95 -43.52 8.87
N LYS A 681 26.46 -43.80 10.07
CA LYS A 681 25.60 -44.25 11.15
C LYS A 681 24.90 -43.05 11.78
N LYS A 682 23.59 -43.16 11.97
CA LYS A 682 22.81 -42.05 12.50
C LYS A 682 23.14 -41.81 13.97
N HIS A 683 23.24 -40.54 14.33
CA HIS A 683 23.53 -40.12 15.70
C HIS A 683 22.24 -39.57 16.31
N ARG A 684 21.82 -40.15 17.43
CA ARG A 684 20.57 -39.77 18.06
C ARG A 684 20.74 -38.49 18.86
N GLU A 685 19.79 -37.57 18.72
CA GLU A 685 19.83 -36.31 19.43
C GLU A 685 19.05 -36.38 20.74
N GLY A 686 19.32 -35.43 21.61
CA GLY A 686 18.65 -35.38 22.89
C GLY A 686 19.23 -36.36 23.89
N ARG A 687 18.66 -36.33 25.09
CA ARG A 687 19.06 -37.22 26.17
C ARG A 687 17.83 -37.94 26.71
N LEU A 688 18.01 -39.16 27.18
CA LEU A 688 16.92 -39.92 27.76
C LEU A 688 16.67 -39.45 29.20
N LEU A 689 15.48 -38.95 29.45
CA LEU A 689 15.14 -38.39 30.76
C LEU A 689 13.78 -38.92 31.20
N LYS A 690 13.63 -39.14 32.50
CA LYS A 690 12.36 -39.56 33.06
C LYS A 690 11.54 -38.32 33.44
N VAL A 691 10.37 -38.18 32.81
CA VAL A 691 9.54 -37.01 33.01
C VAL A 691 8.33 -37.29 33.89
N GLY A 692 8.22 -38.49 34.43
CA GLY A 692 7.08 -38.82 35.28
C GLY A 692 6.77 -40.31 35.20
N THR A 693 5.48 -40.62 35.34
CA THR A 693 4.99 -41.99 35.30
C THR A 693 3.90 -42.10 34.25
N ARG A 694 3.97 -43.16 33.44
CA ARG A 694 2.99 -43.37 32.38
C ARG A 694 1.65 -43.80 32.96
N PRO A 699 7.69 -45.85 34.64
CA PRO A 699 8.53 -44.67 34.42
C PRO A 699 8.39 -44.11 33.01
N ASP A 700 8.05 -42.82 32.92
CA ASP A 700 7.85 -42.16 31.62
C ASP A 700 9.20 -41.59 31.17
N GLU A 701 9.95 -42.43 30.45
CA GLU A 701 11.27 -42.07 29.95
C GLU A 701 11.17 -41.67 28.48
N ARG A 702 11.55 -40.45 28.18
CA ARG A 702 11.50 -39.92 26.82
C ARG A 702 12.83 -39.30 26.46
N TRP A 703 13.11 -39.24 25.16
CA TRP A 703 14.27 -38.52 24.65
C TRP A 703 13.90 -37.06 24.48
N CYS A 704 14.52 -36.19 25.27
CA CYS A 704 14.12 -34.80 25.37
C CYS A 704 15.21 -33.89 24.83
N PHE A 705 14.80 -32.79 24.22
CA PHE A 705 15.70 -31.78 23.65
C PHE A 705 15.52 -30.49 24.43
N ARG A 706 16.62 -29.97 24.96
CA ARG A 706 16.58 -28.76 25.78
C ARG A 706 16.71 -27.53 24.89
N VAL A 707 15.73 -26.61 24.99
CA VAL A 707 15.69 -25.41 24.18
C VAL A 707 15.64 -24.21 25.11
N GLU A 708 16.56 -23.26 24.92
CA GLU A 708 16.61 -22.02 25.68
C GLU A 708 15.95 -20.91 24.88
N GLU A 709 14.98 -20.24 25.49
CA GLU A 709 14.22 -19.18 24.82
C GLU A 709 14.31 -17.90 25.64
N VAL A 710 14.60 -16.79 24.98
CA VAL A 710 14.58 -15.46 25.58
C VAL A 710 13.49 -14.65 24.90
N ASN A 711 12.59 -14.07 25.69
CA ASN A 711 11.46 -13.31 25.15
C ASN A 711 11.13 -12.21 26.15
N TRP A 712 11.56 -10.99 25.84
CA TRP A 712 11.41 -9.88 26.77
C TRP A 712 9.98 -9.35 26.80
N ALA A 713 9.33 -9.27 25.63
CA ALA A 713 7.98 -8.72 25.57
C ALA A 713 6.98 -9.64 26.26
N ALA A 714 7.10 -10.95 26.03
CA ALA A 714 6.21 -11.92 26.65
C ALA A 714 6.37 -11.92 28.16
N TRP A 715 7.60 -11.77 28.65
CA TRP A 715 7.84 -11.72 30.09
C TRP A 715 7.33 -10.41 30.68
N GLU A 716 7.46 -9.31 29.93
CA GLU A 716 7.01 -8.01 30.42
C GLU A 716 5.48 -7.94 30.48
N LYS A 717 4.81 -8.71 29.62
CA LYS A 717 3.35 -8.71 29.65
C LYS A 717 2.77 -9.39 30.90
N THR A 718 3.52 -10.27 31.56
CA THR A 718 3.01 -10.94 32.75
C THR A 718 3.37 -10.23 34.05
N LEU A 719 4.13 -9.14 34.00
CA LEU A 719 4.48 -8.43 35.22
C LEU A 719 3.30 -7.60 35.73
N PRO B 32 26.41 -25.86 30.06
CA PRO B 32 26.11 -25.58 31.47
C PRO B 32 24.86 -26.32 31.97
N PRO B 33 24.87 -26.76 33.22
CA PRO B 33 23.70 -27.43 33.77
C PRO B 33 22.56 -26.45 34.00
N PRO B 34 21.32 -26.94 34.10
CA PRO B 34 20.21 -26.03 34.36
C PRO B 34 20.28 -25.42 35.75
N MET B 35 19.69 -24.23 35.89
CA MET B 35 19.56 -23.61 37.20
C MET B 35 18.69 -24.45 38.13
N GLU B 36 17.59 -24.98 37.60
CA GLU B 36 16.72 -25.87 38.34
C GLU B 36 16.08 -26.85 37.36
N SER B 37 15.97 -28.10 37.78
CA SER B 37 15.42 -29.11 36.88
C SER B 37 14.65 -30.16 37.65
N PRO B 38 13.35 -30.32 37.40
CA PRO B 38 12.59 -31.41 38.04
C PRO B 38 12.92 -32.78 37.47
N PHE B 39 13.65 -32.86 36.36
CA PHE B 39 13.90 -34.12 35.66
C PHE B 39 15.35 -34.56 35.69
N GLN B 40 16.29 -33.64 35.89
CA GLN B 40 17.71 -33.94 35.90
C GLN B 40 18.27 -33.69 37.30
N ARG B 41 18.94 -34.70 37.86
CA ARG B 41 19.53 -34.56 39.18
C ARG B 41 20.80 -33.73 39.11
N GLU B 42 21.15 -33.08 40.22
CA GLU B 42 22.32 -32.22 40.27
C GLU B 42 23.60 -33.01 40.11
N ASP B 43 24.62 -32.37 39.53
CA ASP B 43 25.87 -33.04 39.22
C ASP B 43 26.70 -33.26 40.48
N ARG B 44 27.67 -34.17 40.37
CA ARG B 44 28.65 -34.42 41.43
C ARG B 44 30.08 -34.19 40.93
N ASN B 45 30.27 -33.29 39.98
CA ASN B 45 31.59 -33.00 39.45
C ASN B 45 32.42 -32.20 40.44
N ARG B 74 22.39 -40.88 59.00
CA ARG B 74 23.08 -40.31 57.85
C ARG B 74 22.17 -39.34 57.10
N PHE B 75 22.72 -38.16 56.76
CA PHE B 75 21.99 -37.11 56.07
C PHE B 75 22.86 -36.58 54.94
N ASP B 76 22.68 -37.15 53.75
CA ASP B 76 23.51 -36.82 52.60
C ASP B 76 22.89 -35.69 51.78
N ARG B 77 23.47 -35.44 50.62
CA ARG B 77 23.07 -34.29 49.81
C ARG B 77 21.73 -34.53 49.12
N ASP B 78 21.49 -35.75 48.62
CA ASP B 78 20.25 -36.06 47.93
C ASP B 78 19.03 -35.98 48.83
N ARG B 79 19.12 -36.51 50.05
CA ARG B 79 18.01 -36.45 50.99
C ARG B 79 17.71 -35.00 51.37
N LEU B 80 18.75 -34.20 51.63
CA LEU B 80 18.58 -32.80 51.97
C LEU B 80 17.94 -32.02 50.82
N PHE B 81 18.39 -32.29 49.58
CA PHE B 81 17.83 -31.59 48.43
C PHE B 81 16.38 -31.98 48.20
N SER B 82 16.04 -33.26 48.40
CA SER B 82 14.65 -33.68 48.25
C SER B 82 13.77 -33.07 49.35
N VAL B 83 14.31 -32.93 50.57
CA VAL B 83 13.54 -32.34 51.67
C VAL B 83 13.28 -30.87 51.41
N VAL B 84 14.31 -30.13 51.00
CA VAL B 84 14.09 -28.70 50.73
C VAL B 84 13.33 -28.48 49.43
N SER B 85 13.27 -29.47 48.55
CA SER B 85 12.39 -29.37 47.40
C SER B 85 10.93 -29.58 47.79
N ARG B 86 10.67 -30.56 48.67
CA ARG B 86 9.31 -30.79 49.14
C ARG B 86 8.84 -29.65 50.05
N GLY B 87 9.73 -29.12 50.86
CA GLY B 87 9.37 -28.00 51.72
C GLY B 87 8.82 -28.38 53.07
N VAL B 88 9.06 -29.60 53.54
CA VAL B 88 8.59 -30.06 54.85
C VAL B 88 9.73 -29.85 55.85
N PRO B 89 9.56 -28.99 56.85
CA PRO B 89 10.70 -28.70 57.74
C PRO B 89 10.99 -29.79 58.75
N GLU B 90 10.03 -30.66 59.06
CA GLU B 90 10.24 -31.66 60.10
C GLU B 90 11.10 -32.81 59.65
N GLU B 91 11.38 -32.94 58.34
CA GLU B 91 12.29 -33.97 57.88
C GLU B 91 13.75 -33.55 57.97
N LEU B 92 14.03 -32.34 58.46
CA LEU B 92 15.39 -31.88 58.68
C LEU B 92 15.97 -32.33 60.01
N THR B 93 15.22 -33.09 60.80
CA THR B 93 15.71 -33.56 62.09
C THR B 93 16.82 -34.58 61.90
N GLY B 94 17.90 -34.43 62.67
CA GLY B 94 19.07 -35.26 62.55
C GLY B 94 20.14 -34.72 61.64
N LEU B 95 19.86 -33.66 60.87
CA LEU B 95 20.86 -33.06 60.01
C LEU B 95 21.91 -32.31 60.81
N LEU B 96 21.47 -31.54 61.81
CA LEU B 96 22.38 -30.76 62.63
C LEU B 96 23.29 -31.67 63.45
N GLU B 97 22.73 -32.76 64.00
CA GLU B 97 23.53 -33.71 64.76
C GLU B 97 24.53 -34.45 63.88
N TYR B 98 24.13 -34.79 62.64
CA TYR B 98 25.05 -35.42 61.70
C TYR B 98 26.19 -34.48 61.33
N LEU B 99 25.87 -33.20 61.12
CA LEU B 99 26.90 -32.22 60.78
C LEU B 99 27.85 -31.98 61.94
N ARG B 100 27.31 -31.98 63.16
CA ARG B 100 28.17 -31.82 64.34
C ARG B 100 29.04 -33.04 64.56
N TRP B 101 28.50 -34.23 64.28
CA TRP B 101 29.28 -35.46 64.45
C TRP B 101 30.40 -35.55 63.43
N ASN B 102 30.12 -35.17 62.18
CA ASN B 102 31.14 -35.26 61.13
C ASN B 102 31.94 -33.98 60.97
N SER B 103 31.67 -32.96 61.78
CA SER B 103 32.33 -31.65 61.72
C SER B 103 32.23 -31.02 60.34
N LYS B 104 31.08 -31.15 59.70
CA LYS B 104 30.85 -30.62 58.37
C LYS B 104 29.86 -29.46 58.42
N TYR B 105 29.79 -28.73 57.31
CA TYR B 105 28.95 -27.56 57.18
C TYR B 105 28.13 -27.66 55.90
N LEU B 106 27.01 -26.93 55.86
CA LEU B 106 26.15 -26.94 54.69
C LEU B 106 26.77 -26.26 53.48
N THR B 107 27.76 -25.39 53.70
CA THR B 107 28.44 -24.72 52.59
C THR B 107 29.59 -25.55 52.02
N ASP B 108 29.84 -26.74 52.56
CA ASP B 108 30.93 -27.58 52.09
C ASP B 108 30.60 -28.15 50.71
N SER B 109 31.65 -28.59 50.01
CA SER B 109 31.49 -29.03 48.62
C SER B 109 30.72 -30.33 48.52
N ALA B 110 30.65 -31.10 49.60
CA ALA B 110 29.90 -32.35 49.58
C ALA B 110 28.40 -32.13 49.56
N TYR B 111 27.93 -30.98 50.03
CA TYR B 111 26.49 -30.69 50.12
C TYR B 111 26.02 -29.74 49.03
N THR B 112 26.86 -29.44 48.04
CA THR B 112 26.50 -28.56 46.94
C THR B 112 26.55 -29.33 45.62
N GLU B 113 26.00 -28.70 44.58
CA GLU B 113 26.17 -29.20 43.23
C GLU B 113 27.64 -29.06 42.84
N GLY B 114 28.21 -30.12 42.26
CA GLY B 114 29.63 -30.13 41.99
C GLY B 114 30.04 -29.14 40.91
N SER B 115 29.24 -29.03 39.85
CA SER B 115 29.63 -28.21 38.72
C SER B 115 29.45 -26.72 39.01
N THR B 116 28.46 -26.34 39.81
CA THR B 116 28.15 -24.93 40.03
C THR B 116 28.44 -24.44 41.43
N GLY B 117 28.41 -25.30 42.44
CA GLY B 117 28.47 -24.83 43.81
C GLY B 117 27.14 -24.38 44.37
N LYS B 118 26.03 -24.70 43.71
CA LYS B 118 24.71 -24.36 44.20
C LYS B 118 24.39 -25.12 45.48
N THR B 119 24.00 -24.39 46.52
CA THR B 119 23.82 -24.93 47.85
C THR B 119 22.36 -25.34 48.07
N CYS B 120 22.10 -25.82 49.28
CA CYS B 120 20.75 -26.27 49.63
C CYS B 120 19.80 -25.11 49.84
N LEU B 121 20.32 -23.95 50.26
CA LEU B 121 19.46 -22.78 50.43
C LEU B 121 18.95 -22.26 49.09
N MET B 122 19.81 -22.25 48.08
CA MET B 122 19.36 -21.86 46.74
C MET B 122 18.36 -22.87 46.20
N LYS B 123 18.53 -24.16 46.54
CA LYS B 123 17.55 -25.17 46.17
C LYS B 123 16.22 -24.93 46.86
N ALA B 124 16.26 -24.43 48.10
CA ALA B 124 15.04 -24.13 48.83
C ALA B 124 14.32 -22.93 48.24
N VAL B 125 15.07 -21.88 47.89
CA VAL B 125 14.45 -20.69 47.30
C VAL B 125 13.96 -20.96 45.88
N LEU B 126 14.64 -21.85 45.14
CA LEU B 126 14.20 -22.18 43.79
C LEU B 126 12.91 -23.00 43.77
N ASN B 127 12.46 -23.50 44.92
CA ASN B 127 11.26 -24.31 45.03
C ASN B 127 10.24 -23.66 45.97
N LEU B 128 10.02 -22.36 45.81
CA LEU B 128 9.02 -21.66 46.61
C LEU B 128 7.62 -22.05 46.16
N GLN B 129 6.76 -22.41 47.11
CA GLN B 129 5.37 -22.71 46.86
C GLN B 129 4.53 -21.55 47.38
N ASP B 130 3.88 -20.83 46.45
CA ASP B 130 3.11 -19.61 46.74
C ASP B 130 3.95 -18.56 47.47
N GLY B 131 5.21 -18.45 47.09
CA GLY B 131 6.10 -17.44 47.65
C GLY B 131 6.70 -17.77 48.99
N VAL B 132 6.46 -18.96 49.54
CA VAL B 132 6.95 -19.33 50.86
C VAL B 132 7.43 -20.77 50.84
N ASN B 133 8.64 -20.98 51.37
CA ASN B 133 9.18 -22.33 51.58
C ASN B 133 9.48 -22.45 53.06
N ALA B 134 8.89 -23.45 53.71
CA ALA B 134 9.01 -23.59 55.15
C ALA B 134 10.37 -24.13 55.59
N CYS B 135 11.19 -24.59 54.65
CA CYS B 135 12.47 -25.19 55.02
C CYS B 135 13.59 -24.17 55.11
N ILE B 136 13.32 -22.88 54.87
CA ILE B 136 14.40 -21.89 54.77
C ILE B 136 14.91 -21.53 56.16
N MET B 137 14.01 -21.10 57.04
CA MET B 137 14.41 -20.70 58.40
C MET B 137 15.02 -21.84 59.23
N PRO B 138 14.47 -23.07 59.26
CA PRO B 138 15.21 -24.14 59.95
C PRO B 138 16.57 -24.44 59.35
N LEU B 139 16.73 -24.31 58.02
CA LEU B 139 18.04 -24.53 57.41
C LEU B 139 19.04 -23.49 57.86
N LEU B 140 18.61 -22.23 57.98
CA LEU B 140 19.49 -21.18 58.47
C LEU B 140 19.81 -21.39 59.95
N GLN B 141 18.84 -21.90 60.72
CA GLN B 141 19.10 -22.21 62.13
C GLN B 141 20.12 -23.33 62.27
N ILE B 142 20.02 -24.37 61.42
CA ILE B 142 21.00 -25.45 61.45
C ILE B 142 22.37 -24.94 61.03
N ASP B 143 22.42 -24.05 60.03
CA ASP B 143 23.68 -23.47 59.59
C ASP B 143 24.32 -22.64 60.69
N LYS B 144 23.51 -21.87 61.44
CA LYS B 144 24.04 -21.10 62.55
C LYS B 144 24.52 -22.00 63.68
N ASP B 145 23.75 -23.05 63.98
CA ASP B 145 24.11 -23.94 65.08
C ASP B 145 25.28 -24.85 64.76
N SER B 146 25.65 -24.98 63.48
CA SER B 146 26.77 -25.82 63.10
C SER B 146 28.11 -25.14 63.24
N GLY B 147 28.14 -23.86 63.62
CA GLY B 147 29.40 -23.14 63.73
C GLY B 147 30.07 -22.87 62.41
N ASN B 148 29.30 -22.57 61.37
CA ASN B 148 29.87 -22.33 60.05
C ASN B 148 30.47 -20.92 59.99
N PRO B 149 31.76 -20.78 59.72
CA PRO B 149 32.33 -19.42 59.59
C PRO B 149 31.89 -18.71 58.32
N LYS B 150 31.40 -19.42 57.31
CA LYS B 150 30.85 -18.82 56.10
C LYS B 150 29.34 -18.97 56.16
N LEU B 151 28.62 -17.85 56.12
CA LEU B 151 27.16 -17.89 56.23
C LEU B 151 26.55 -18.50 54.98
N LEU B 152 25.48 -19.28 55.17
CA LEU B 152 24.83 -19.94 54.04
C LEU B 152 24.07 -18.94 53.17
N VAL B 153 23.65 -17.81 53.75
CA VAL B 153 22.93 -16.79 52.98
C VAL B 153 23.85 -16.12 51.97
N ASN B 154 25.14 -16.01 52.27
CA ASN B 154 26.10 -15.34 51.41
C ASN B 154 26.87 -16.30 50.51
N ALA B 155 26.51 -17.58 50.48
CA ALA B 155 27.16 -18.51 49.57
C ALA B 155 26.74 -18.23 48.14
N GLN B 156 27.70 -18.31 47.22
CA GLN B 156 27.46 -17.99 45.83
C GLN B 156 27.93 -19.13 44.94
N CYS B 157 27.33 -19.22 43.76
CA CYS B 157 27.75 -20.24 42.80
C CYS B 157 29.12 -19.90 42.23
N THR B 158 29.88 -20.94 41.88
CA THR B 158 31.28 -20.79 41.50
C THR B 158 31.58 -21.10 40.04
N ASP B 159 30.63 -21.63 39.27
CA ASP B 159 30.90 -21.94 37.87
C ASP B 159 30.98 -20.67 37.05
N GLU B 160 31.50 -20.81 35.83
CA GLU B 160 31.74 -19.65 34.98
C GLU B 160 30.43 -19.10 34.41
N PHE B 161 29.36 -19.89 34.42
CA PHE B 161 28.10 -19.44 33.83
C PHE B 161 27.23 -18.70 34.85
N TYR B 162 27.18 -19.20 36.09
CA TYR B 162 26.36 -18.60 37.13
C TYR B 162 27.19 -18.00 38.26
N GLN B 163 28.34 -17.40 37.95
CA GLN B 163 29.25 -16.94 39.00
C GLN B 163 28.66 -15.78 39.78
N GLY B 164 28.72 -15.88 41.11
CA GLY B 164 28.21 -14.86 41.99
C GLY B 164 26.72 -14.94 42.26
N HIS B 165 26.02 -15.91 41.69
CA HIS B 165 24.58 -16.04 41.91
C HIS B 165 24.30 -16.49 43.33
N SER B 166 23.37 -15.80 44.00
CA SER B 166 23.08 -16.05 45.40
C SER B 166 21.58 -16.28 45.56
N ALA B 167 21.19 -16.63 46.80
CA ALA B 167 19.80 -16.93 47.08
C ALA B 167 18.94 -15.68 47.11
N LEU B 168 19.54 -14.52 47.40
CA LEU B 168 18.78 -13.28 47.39
C LEU B 168 18.34 -12.90 45.98
N HIS B 169 19.19 -13.15 44.98
CA HIS B 169 18.81 -12.94 43.59
C HIS B 169 17.64 -13.83 43.20
N ILE B 170 17.65 -15.09 43.65
CA ILE B 170 16.56 -16.01 43.34
C ILE B 170 15.28 -15.57 44.04
N ALA B 171 15.40 -15.09 45.28
CA ALA B 171 14.22 -14.62 46.02
C ALA B 171 13.61 -13.39 45.37
N ILE B 172 14.45 -12.49 44.85
CA ILE B 172 13.94 -11.31 44.16
C ILE B 172 13.30 -11.70 42.82
N GLU B 173 13.94 -12.61 42.08
CA GLU B 173 13.43 -13.00 40.77
C GLU B 173 12.13 -13.79 40.89
N LYS B 174 11.97 -14.54 41.99
CA LYS B 174 10.72 -15.24 42.24
C LYS B 174 9.62 -14.33 42.78
N ARG B 175 9.92 -13.03 42.95
CA ARG B 175 8.97 -12.01 43.40
C ARG B 175 8.37 -12.34 44.77
N SER B 176 9.20 -12.86 45.67
CA SER B 176 8.77 -13.23 47.02
C SER B 176 9.35 -12.23 47.99
N LEU B 177 8.56 -11.21 48.35
CA LEU B 177 9.00 -10.20 49.30
C LEU B 177 9.20 -10.79 50.69
N GLN B 178 8.39 -11.79 51.06
CA GLN B 178 8.56 -12.45 52.34
C GLN B 178 9.91 -13.16 52.44
N CYS B 179 10.31 -13.85 51.36
CA CYS B 179 11.60 -14.53 51.35
C CYS B 179 12.75 -13.54 51.34
N VAL B 180 12.58 -12.40 50.65
CA VAL B 180 13.60 -11.36 50.65
C VAL B 180 13.79 -10.80 52.06
N LYS B 181 12.68 -10.53 52.75
CA LYS B 181 12.75 -10.05 54.13
C LYS B 181 13.38 -11.07 55.04
N LEU B 182 13.04 -12.36 54.84
CA LEU B 182 13.59 -13.43 55.68
C LEU B 182 15.09 -13.57 55.47
N LEU B 183 15.55 -13.40 54.22
CA LEU B 183 16.98 -13.50 53.95
C LEU B 183 17.74 -12.29 54.47
N VAL B 184 17.15 -11.09 54.33
CA VAL B 184 17.81 -9.87 54.79
C VAL B 184 17.91 -9.85 56.31
N GLU B 185 16.85 -10.33 57.00
CA GLU B 185 16.85 -10.35 58.46
C GLU B 185 17.93 -11.27 59.03
N ASN B 186 18.36 -12.27 58.27
CA ASN B 186 19.37 -13.23 58.72
C ASN B 186 20.76 -12.93 58.19
N GLY B 187 20.99 -11.76 57.59
CA GLY B 187 22.32 -11.33 57.24
C GLY B 187 22.74 -11.56 55.82
N ALA B 188 21.82 -11.47 54.86
CA ALA B 188 22.18 -11.58 53.46
C ALA B 188 22.84 -10.28 52.99
N ASP B 189 23.99 -10.41 52.34
CA ASP B 189 24.66 -9.26 51.77
C ASP B 189 23.90 -8.80 50.54
N VAL B 190 23.50 -7.54 50.53
CA VAL B 190 22.64 -7.00 49.47
C VAL B 190 23.49 -6.39 48.36
N HIS B 191 24.81 -6.61 48.42
CA HIS B 191 25.73 -6.08 47.42
C HIS B 191 26.54 -7.19 46.74
N LEU B 192 26.09 -8.43 46.82
CA LEU B 192 26.72 -9.50 46.07
C LEU B 192 26.37 -9.37 44.59
N ARG B 193 27.37 -9.58 43.74
CA ARG B 193 27.24 -9.35 42.31
C ARG B 193 27.17 -10.69 41.59
N ALA B 194 26.08 -10.92 40.87
CA ALA B 194 25.95 -12.07 39.98
C ALA B 194 26.68 -11.75 38.69
N CYS B 195 27.91 -12.22 38.55
CA CYS B 195 28.77 -11.84 37.44
C CYS B 195 29.16 -12.99 36.52
N GLY B 196 28.33 -14.01 36.40
CA GLY B 196 28.63 -15.10 35.47
C GLY B 196 28.30 -14.72 34.05
N ARG B 197 28.57 -15.68 33.15
CA ARG B 197 28.30 -15.47 31.73
C ARG B 197 26.81 -15.40 31.43
N PHE B 198 25.98 -16.06 32.24
CA PHE B 198 24.53 -15.94 32.08
C PHE B 198 24.04 -14.54 32.41
N PHE B 199 24.74 -13.86 33.33
CA PHE B 199 24.33 -12.53 33.77
C PHE B 199 24.99 -11.40 32.99
N GLN B 200 25.90 -11.72 32.06
CA GLN B 200 26.48 -10.70 31.21
C GLN B 200 25.55 -10.42 30.03
N LYS B 201 25.87 -9.37 29.28
CA LYS B 201 25.10 -8.97 28.12
C LYS B 201 25.80 -9.45 26.85
N HIS B 202 25.16 -10.35 26.12
CA HIS B 202 25.68 -10.84 24.85
C HIS B 202 24.50 -11.36 24.04
N GLN B 203 24.82 -11.93 22.88
CA GLN B 203 23.77 -12.36 21.95
C GLN B 203 23.24 -13.75 22.25
N GLY B 204 23.80 -14.46 23.23
CA GLY B 204 23.35 -15.78 23.58
C GLY B 204 22.23 -15.77 24.59
N THR B 205 22.02 -16.92 25.22
CA THR B 205 21.03 -17.04 26.29
C THR B 205 21.58 -16.36 27.55
N CYS B 206 21.01 -15.21 27.89
CA CYS B 206 21.52 -14.42 28.99
C CYS B 206 20.42 -13.51 29.52
N PHE B 207 20.65 -12.99 30.72
CA PHE B 207 19.76 -12.00 31.33
C PHE B 207 20.65 -10.99 32.05
N TYR B 208 20.95 -9.89 31.39
CA TYR B 208 21.64 -8.79 32.04
C TYR B 208 20.64 -7.86 32.70
N PHE B 209 20.86 -7.58 33.98
CA PHE B 209 20.02 -6.67 34.74
C PHE B 209 20.88 -5.75 35.60
N GLY B 210 22.13 -5.54 35.22
CA GLY B 210 23.14 -5.21 36.22
C GLY B 210 23.63 -6.52 36.84
N GLU B 211 24.17 -6.41 38.05
CA GLU B 211 24.60 -7.61 38.76
C GLU B 211 24.13 -7.64 40.21
N LEU B 212 23.62 -6.57 40.73
CA LEU B 212 23.26 -6.32 42.11
C LEU B 212 21.79 -6.66 42.37
N PRO B 213 21.46 -7.05 43.60
CA PRO B 213 20.05 -7.32 43.93
C PRO B 213 19.11 -6.13 43.73
N LEU B 214 19.56 -4.91 44.02
CA LEU B 214 18.72 -3.74 43.83
C LEU B 214 18.46 -3.49 42.35
N SER B 215 19.48 -3.67 41.51
CA SER B 215 19.30 -3.54 40.07
C SER B 215 18.38 -4.63 39.52
N LEU B 216 18.45 -5.84 40.10
CA LEU B 216 17.52 -6.90 39.71
C LEU B 216 16.09 -6.55 40.10
N ALA B 217 15.90 -6.00 41.29
CA ALA B 217 14.56 -5.62 41.73
C ALA B 217 14.01 -4.46 40.90
N ALA B 218 14.88 -3.56 40.46
CA ALA B 218 14.43 -2.45 39.62
C ALA B 218 14.10 -2.91 38.21
N CYS B 219 14.92 -3.80 37.64
CA CYS B 219 14.71 -4.21 36.25
C CYS B 219 13.53 -5.15 36.11
N THR B 220 13.07 -5.75 37.20
CA THR B 220 11.91 -6.64 37.16
C THR B 220 10.62 -5.99 37.63
N LYS B 221 10.64 -4.66 37.85
CA LYS B 221 9.48 -3.86 38.24
C LYS B 221 8.87 -4.37 39.55
N GLN B 222 9.67 -4.23 40.62
CA GLN B 222 9.27 -4.65 41.96
C GLN B 222 9.51 -3.45 42.89
N TRP B 223 8.47 -2.64 43.06
CA TRP B 223 8.61 -1.41 43.86
C TRP B 223 8.74 -1.73 45.35
N ASP B 224 8.01 -2.75 45.82
CA ASP B 224 8.08 -3.10 47.24
C ASP B 224 9.45 -3.66 47.61
N VAL B 225 10.03 -4.47 46.72
CA VAL B 225 11.34 -5.04 46.97
C VAL B 225 12.41 -3.96 46.94
N VAL B 226 12.29 -3.01 46.00
CA VAL B 226 13.22 -1.89 45.92
C VAL B 226 13.13 -1.04 47.18
N THR B 227 11.90 -0.75 47.63
CA THR B 227 11.70 0.07 48.82
C THR B 227 12.24 -0.63 50.07
N TYR B 228 12.04 -1.95 50.17
CA TYR B 228 12.56 -2.68 51.32
C TYR B 228 14.08 -2.73 51.29
N LEU B 229 14.67 -2.94 50.11
CA LEU B 229 16.13 -3.04 50.02
C LEU B 229 16.80 -1.70 50.29
N LEU B 230 16.11 -0.60 49.95
CA LEU B 230 16.75 0.71 50.09
C LEU B 230 16.78 1.19 51.54
N GLU B 231 15.81 0.80 52.37
CA GLU B 231 15.73 1.37 53.70
C GLU B 231 15.37 0.35 54.78
N ASN B 232 15.82 -0.90 54.64
CA ASN B 232 15.68 -1.85 55.73
C ASN B 232 16.68 -1.52 56.83
N PRO B 233 16.31 -1.75 58.10
CA PRO B 233 17.24 -1.45 59.21
C PRO B 233 18.39 -2.42 59.35
N HIS B 234 18.36 -3.56 58.66
CA HIS B 234 19.41 -4.55 58.80
C HIS B 234 20.62 -4.21 57.92
N GLN B 235 20.39 -4.08 56.61
CA GLN B 235 21.46 -3.73 55.68
C GLN B 235 20.86 -3.06 54.45
N PRO B 236 20.79 -1.73 54.42
CA PRO B 236 20.17 -1.06 53.27
C PRO B 236 21.07 -1.07 52.05
N ALA B 237 20.46 -1.29 50.90
CA ALA B 237 21.20 -1.25 49.64
C ALA B 237 21.49 0.19 49.25
N SER B 238 22.58 0.39 48.50
CA SER B 238 23.03 1.69 48.09
C SER B 238 22.73 1.91 46.61
N LEU B 239 22.20 3.08 46.29
CA LEU B 239 21.97 3.43 44.89
C LEU B 239 23.27 3.72 44.15
N GLU B 240 24.34 4.00 44.89
CA GLU B 240 25.65 4.28 44.29
C GLU B 240 26.44 3.01 44.01
N ALA B 241 25.91 1.84 44.36
CA ALA B 241 26.63 0.59 44.15
C ALA B 241 26.74 0.28 42.66
N THR B 242 27.90 -0.21 42.25
CA THR B 242 28.19 -0.44 40.85
C THR B 242 28.48 -1.92 40.61
N ASP B 243 28.18 -2.36 39.40
CA ASP B 243 28.46 -3.73 38.98
C ASP B 243 29.91 -3.87 38.50
N SER B 244 30.22 -5.00 37.86
CA SER B 244 31.56 -5.25 37.37
C SER B 244 31.96 -4.32 36.23
N LEU B 245 30.99 -3.77 35.51
CA LEU B 245 31.26 -2.79 34.46
C LEU B 245 31.20 -1.36 34.95
N GLY B 246 31.04 -1.14 36.25
CA GLY B 246 30.85 0.19 36.79
C GLY B 246 29.43 0.72 36.65
N ASN B 247 28.51 -0.10 36.17
CA ASN B 247 27.14 0.34 35.95
C ASN B 247 26.38 0.41 37.26
N THR B 248 25.67 1.52 37.47
CA THR B 248 24.75 1.64 38.59
C THR B 248 23.37 1.13 38.16
N VAL B 249 22.37 1.36 39.02
CA VAL B 249 21.02 0.90 38.72
C VAL B 249 20.41 1.71 37.57
N LEU B 250 20.78 2.99 37.46
CA LEU B 250 20.30 3.81 36.34
C LEU B 250 20.96 3.37 35.04
N HIS B 251 22.25 3.03 35.08
CA HIS B 251 22.92 2.46 33.92
C HIS B 251 22.27 1.15 33.51
N ALA B 252 21.91 0.31 34.49
CA ALA B 252 21.27 -0.97 34.20
C ALA B 252 19.89 -0.78 33.60
N LEU B 253 19.15 0.24 34.05
CA LEU B 253 17.86 0.54 33.46
C LEU B 253 18.02 1.03 32.02
N VAL B 254 19.08 1.80 31.76
CA VAL B 254 19.38 2.20 30.38
C VAL B 254 19.74 0.97 29.54
N MET B 255 20.45 0.01 30.15
CA MET B 255 20.87 -1.19 29.44
C MET B 255 19.70 -2.06 29.01
N ILE B 256 18.71 -2.23 29.89
CA ILE B 256 17.60 -3.12 29.61
C ILE B 256 16.51 -2.37 28.86
N ALA B 257 16.76 -1.11 28.53
CA ALA B 257 15.76 -0.31 27.85
C ALA B 257 15.63 -0.72 26.40
N ASP B 258 14.38 -0.85 25.95
CA ASP B 258 14.06 -1.03 24.54
C ASP B 258 13.22 0.14 24.08
N ASN B 259 13.08 0.27 22.77
CA ASN B 259 12.36 1.39 22.18
C ASN B 259 10.88 1.09 21.99
N SER B 260 10.41 -0.08 22.41
CA SER B 260 8.98 -0.36 22.43
C SER B 260 8.30 0.48 23.51
N PRO B 261 7.03 0.84 23.32
CA PRO B 261 6.35 1.73 24.29
C PRO B 261 6.22 1.16 25.68
N GLU B 262 5.96 -0.14 25.83
CA GLU B 262 5.78 -0.72 27.16
C GLU B 262 7.09 -0.77 27.93
N ASN B 263 8.15 -1.24 27.27
CA ASN B 263 9.48 -1.29 27.90
C ASN B 263 9.97 0.11 28.25
N SER B 264 9.73 1.08 27.35
CA SER B 264 10.15 2.46 27.62
C SER B 264 9.37 3.06 28.78
N ALA B 265 8.06 2.76 28.87
CA ALA B 265 7.28 3.24 29.99
C ALA B 265 7.75 2.65 31.31
N LEU B 266 8.06 1.34 31.31
CA LEU B 266 8.59 0.70 32.53
C LEU B 266 9.92 1.31 32.94
N VAL B 267 10.83 1.52 31.97
CA VAL B 267 12.15 2.04 32.27
C VAL B 267 12.05 3.49 32.77
N ILE B 268 11.18 4.28 32.14
CA ILE B 268 11.01 5.68 32.53
C ILE B 268 10.42 5.79 33.93
N HIS B 269 9.41 4.97 34.23
CA HIS B 269 8.80 4.98 35.56
C HIS B 269 9.80 4.56 36.63
N MET B 270 10.57 3.50 36.37
CA MET B 270 11.57 3.03 37.33
C MET B 270 12.67 4.06 37.53
N TYR B 271 13.13 4.67 36.44
CA TYR B 271 14.19 5.68 36.49
C TYR B 271 13.76 6.90 37.29
N ASP B 272 12.56 7.41 37.02
CA ASP B 272 12.07 8.59 37.72
C ASP B 272 11.84 8.30 39.20
N GLY B 273 11.26 7.14 39.52
CA GLY B 273 11.05 6.79 40.91
C GLY B 273 12.34 6.62 41.68
N LEU B 274 13.34 5.99 41.06
CA LEU B 274 14.63 5.80 41.73
C LEU B 274 15.35 7.12 41.91
N LEU B 275 15.23 8.03 40.93
CA LEU B 275 15.84 9.35 41.08
C LEU B 275 15.16 10.16 42.18
N GLN B 276 13.84 10.06 42.28
CA GLN B 276 13.11 10.75 43.34
C GLN B 276 13.42 10.18 44.72
N MET B 277 13.64 8.86 44.80
CA MET B 277 14.03 8.29 46.09
C MET B 277 15.48 8.59 46.43
N GLY B 278 16.34 8.75 45.40
CA GLY B 278 17.70 9.17 45.66
C GLY B 278 17.77 10.61 46.10
N ALA B 279 16.78 11.42 45.72
CA ALA B 279 16.68 12.77 46.25
C ALA B 279 16.40 12.78 47.75
N ARG B 280 15.86 11.68 48.30
CA ARG B 280 15.59 11.57 49.74
C ARG B 280 16.71 10.85 50.48
N LEU B 281 17.12 9.67 50.01
CA LEU B 281 18.08 8.83 50.71
C LEU B 281 19.50 9.37 50.66
N CYS B 282 19.95 9.84 49.49
CA CYS B 282 21.28 10.45 49.34
C CYS B 282 21.14 11.77 48.61
N PRO B 283 20.69 12.82 49.31
CA PRO B 283 20.42 14.10 48.63
C PRO B 283 21.66 14.82 48.12
N THR B 284 22.82 14.59 48.75
CA THR B 284 24.04 15.25 48.32
C THR B 284 24.76 14.51 47.20
N VAL B 285 24.22 13.38 46.74
CA VAL B 285 24.87 12.56 45.72
C VAL B 285 24.18 12.81 44.40
N GLN B 286 24.97 13.18 43.39
CA GLN B 286 24.48 13.30 42.01
C GLN B 286 24.52 11.92 41.37
N LEU B 287 23.35 11.27 41.34
CA LEU B 287 23.27 9.90 40.86
C LEU B 287 23.50 9.81 39.35
N GLU B 288 23.05 10.82 38.60
CA GLU B 288 23.20 10.82 37.15
C GLU B 288 24.59 11.28 36.70
N GLU B 289 25.43 11.74 37.62
CA GLU B 289 26.79 12.13 37.27
C GLU B 289 27.79 11.00 37.47
N ILE B 290 27.34 9.81 37.88
CA ILE B 290 28.25 8.69 38.09
C ILE B 290 28.58 8.08 36.74
N SER B 291 29.87 7.89 36.47
CA SER B 291 30.34 7.31 35.22
C SER B 291 30.79 5.87 35.46
N ASN B 292 30.54 5.01 34.47
CA ASN B 292 30.98 3.62 34.56
C ASN B 292 32.44 3.51 34.10
N HIS B 293 32.89 2.28 33.86
CA HIS B 293 34.27 2.05 33.47
C HIS B 293 34.58 2.55 32.07
N GLN B 294 33.56 2.79 31.24
CA GLN B 294 33.76 3.43 29.94
C GLN B 294 33.73 4.95 30.04
N GLY B 295 33.50 5.52 31.23
CA GLY B 295 33.37 6.94 31.38
C GLY B 295 32.02 7.50 31.00
N LEU B 296 30.99 6.67 30.89
CA LEU B 296 29.69 7.12 30.45
C LEU B 296 28.73 7.31 31.62
N THR B 297 28.03 8.43 31.60
CA THR B 297 26.88 8.67 32.46
C THR B 297 25.68 7.95 31.87
N PRO B 298 24.56 7.82 32.62
CA PRO B 298 23.36 7.21 32.01
C PRO B 298 22.84 7.92 30.77
N LEU B 299 22.96 9.24 30.70
CA LEU B 299 22.60 9.97 29.49
C LEU B 299 23.54 9.62 28.33
N LYS B 300 24.85 9.60 28.60
CA LYS B 300 25.81 9.24 27.57
C LYS B 300 25.69 7.76 27.18
N LEU B 301 25.35 6.90 28.13
CA LEU B 301 25.12 5.50 27.81
C LEU B 301 23.87 5.32 26.94
N ALA B 302 22.82 6.09 27.22
CA ALA B 302 21.63 6.04 26.38
C ALA B 302 21.92 6.58 24.98
N ALA B 303 22.79 7.59 24.89
CA ALA B 303 23.18 8.12 23.59
C ALA B 303 24.00 7.11 22.80
N LYS B 304 24.85 6.34 23.50
CA LYS B 304 25.73 5.40 22.81
C LYS B 304 24.97 4.17 22.34
N GLU B 305 24.00 3.69 23.12
CA GLU B 305 23.30 2.46 22.79
C GLU B 305 22.08 2.68 21.91
N GLY B 306 21.77 3.91 21.54
CA GLY B 306 20.63 4.15 20.68
C GLY B 306 19.29 4.02 21.35
N LYS B 307 19.25 4.11 22.68
CA LYS B 307 17.99 4.00 23.43
C LYS B 307 17.28 5.35 23.38
N ILE B 308 16.52 5.53 22.29
CA ILE B 308 16.02 6.85 21.92
C ILE B 308 14.98 7.37 22.91
N GLU B 309 14.15 6.47 23.44
CA GLU B 309 13.04 6.91 24.30
C GLU B 309 13.54 7.42 25.65
N ILE B 310 14.41 6.66 26.31
CA ILE B 310 14.91 7.10 27.61
C ILE B 310 15.89 8.25 27.44
N PHE B 311 16.58 8.32 26.29
CA PHE B 311 17.43 9.47 25.98
C PHE B 311 16.61 10.74 25.86
N ARG B 312 15.47 10.66 25.16
CA ARG B 312 14.58 11.80 25.04
C ARG B 312 13.98 12.18 26.38
N HIS B 313 13.65 11.18 27.21
CA HIS B 313 13.05 11.47 28.50
C HIS B 313 14.04 12.16 29.44
N ILE B 314 15.28 11.66 29.49
CA ILE B 314 16.30 12.28 30.33
C ILE B 314 16.66 13.67 29.82
N LEU B 315 16.76 13.80 28.50
CA LEU B 315 17.21 15.05 27.88
C LEU B 315 16.20 16.17 28.08
N GLN B 316 14.91 15.83 28.15
CA GLN B 316 13.85 16.82 28.26
C GLN B 316 13.06 16.69 29.56
N ARG B 317 13.71 16.26 30.64
CA ARG B 317 13.02 15.98 31.88
C ARG B 317 12.63 17.27 32.60
N GLU B 318 11.39 17.31 33.08
CA GLU B 318 10.88 18.49 33.76
C GLU B 318 10.00 18.06 34.93
N PHE B 319 10.22 18.67 36.09
CA PHE B 319 9.41 18.45 37.28
C PHE B 319 8.99 19.79 37.86
N SER B 320 7.86 19.78 38.56
CA SER B 320 7.30 20.99 39.16
C SER B 320 7.19 20.83 40.67
N GLY B 321 7.41 21.93 41.38
CA GLY B 321 7.35 21.92 42.83
C GLY B 321 8.53 21.19 43.43
N PRO B 322 8.24 20.12 44.18
CA PRO B 322 9.33 19.23 44.63
C PRO B 322 9.93 18.48 43.46
N TYR B 323 11.17 18.02 43.65
CA TYR B 323 12.00 17.35 42.65
C TYR B 323 12.31 18.24 41.45
N GLN B 324 12.12 19.55 41.61
CA GLN B 324 12.51 20.52 40.58
C GLN B 324 14.01 20.55 40.28
N PRO B 325 14.94 20.41 41.24
CA PRO B 325 16.36 20.29 40.86
C PRO B 325 16.68 19.06 40.02
N LEU B 326 15.82 18.04 40.00
CA LEU B 326 16.03 16.88 39.13
C LEU B 326 15.67 17.16 37.69
N SER B 327 15.13 18.32 37.37
CA SER B 327 14.76 18.64 36.01
C SER B 327 15.97 19.02 35.17
N ARG B 328 15.89 18.73 33.87
CA ARG B 328 16.85 19.24 32.90
C ARG B 328 16.22 20.24 31.94
N LYS B 329 14.89 20.34 31.92
CA LYS B 329 14.17 21.32 31.12
C LYS B 329 13.38 22.21 32.05
N PHE B 330 13.49 23.52 31.84
CA PHE B 330 12.85 24.52 32.70
C PHE B 330 12.03 25.44 31.81
N THR B 331 10.71 25.42 31.97
CA THR B 331 9.84 26.32 31.22
C THR B 331 10.03 27.75 31.70
N GLU B 332 10.20 28.67 30.75
CA GLU B 332 10.45 30.07 31.07
C GLU B 332 9.18 30.91 30.98
N TRP B 333 8.55 30.95 29.80
CA TRP B 333 7.28 31.65 29.65
C TRP B 333 6.51 31.07 28.48
N CYS B 334 5.20 31.29 28.50
CA CYS B 334 4.31 30.84 27.45
C CYS B 334 3.37 31.98 27.05
N TYR B 335 3.03 32.01 25.76
CA TYR B 335 2.08 33.00 25.25
C TYR B 335 1.39 32.37 24.03
N GLY B 336 0.18 31.84 24.24
CA GLY B 336 -0.52 31.14 23.21
C GLY B 336 0.18 29.86 22.81
N PRO B 337 0.41 29.67 21.51
CA PRO B 337 1.13 28.47 21.05
C PRO B 337 2.64 28.56 21.20
N VAL B 338 3.17 29.63 21.79
CA VAL B 338 4.60 29.81 21.95
C VAL B 338 5.01 29.34 23.34
N ARG B 339 5.96 28.43 23.40
CA ARG B 339 6.53 27.94 24.66
C ARG B 339 8.03 28.13 24.61
N VAL B 340 8.58 28.80 25.61
CA VAL B 340 10.01 29.07 25.71
C VAL B 340 10.56 28.35 26.94
N SER B 341 11.60 27.56 26.74
CA SER B 341 12.14 26.72 27.79
C SER B 341 13.66 26.85 27.83
N LEU B 342 14.22 26.52 28.99
CA LEU B 342 15.66 26.43 29.19
C LEU B 342 16.06 24.97 29.32
N TYR B 343 17.10 24.57 28.61
CA TYR B 343 17.56 23.19 28.59
C TYR B 343 18.95 23.09 29.18
N ASP B 344 19.15 22.13 30.07
CA ASP B 344 20.45 21.89 30.67
C ASP B 344 21.43 21.37 29.60
N LEU B 345 22.56 22.05 29.47
CA LEU B 345 23.57 21.68 28.49
C LEU B 345 24.73 20.90 29.10
N SER B 346 24.60 20.44 30.34
CA SER B 346 25.65 19.66 30.97
C SER B 346 25.77 18.31 30.28
N SER B 347 27.01 17.95 29.92
CA SER B 347 27.41 16.74 29.20
C SER B 347 26.83 16.66 27.79
N VAL B 348 26.22 17.72 27.28
CA VAL B 348 25.61 17.71 25.96
C VAL B 348 26.42 18.54 24.97
N ASP B 349 26.87 19.71 25.41
CA ASP B 349 27.60 20.64 24.54
C ASP B 349 28.96 20.07 24.16
N SER B 350 29.34 20.26 22.89
CA SER B 350 30.57 19.70 22.35
C SER B 350 31.82 20.42 22.83
N TRP B 351 31.67 21.51 23.59
CA TRP B 351 32.82 22.15 24.23
C TRP B 351 33.52 21.21 25.20
N GLU B 352 32.75 20.33 25.85
CA GLU B 352 33.31 19.36 26.78
C GLU B 352 33.75 18.11 26.02
N LYS B 353 34.83 17.49 26.50
CA LYS B 353 35.31 16.25 25.91
C LYS B 353 34.33 15.12 26.19
N ASN B 354 34.16 14.23 25.20
CA ASN B 354 33.29 13.05 25.26
C ASN B 354 31.84 13.45 25.56
N SER B 355 31.29 14.32 24.73
CA SER B 355 29.95 14.83 24.94
C SER B 355 28.92 13.93 24.27
N VAL B 356 27.65 14.27 24.49
CA VAL B 356 26.54 13.52 23.90
C VAL B 356 26.56 13.63 22.38
N LEU B 357 26.85 14.84 21.87
CA LEU B 357 26.90 15.05 20.42
C LEU B 357 28.01 14.24 19.77
N GLU B 358 29.20 14.23 20.40
CA GLU B 358 30.31 13.45 19.88
C GLU B 358 30.03 11.96 19.94
N ILE B 359 29.37 11.50 21.00
CA ILE B 359 29.01 10.09 21.14
C ILE B 359 28.01 9.68 20.07
N ILE B 360 27.01 10.52 19.82
CA ILE B 360 26.01 10.22 18.80
C ILE B 360 26.64 10.21 17.41
N ALA B 361 27.52 11.17 17.14
CA ALA B 361 28.09 11.29 15.80
C ALA B 361 29.10 10.18 15.51
N PHE B 362 30.00 9.89 16.46
CA PHE B 362 31.15 9.06 16.17
C PHE B 362 31.25 7.78 16.98
N HIS B 363 30.45 7.60 18.04
CA HIS B 363 30.56 6.42 18.88
C HIS B 363 29.34 5.50 18.81
N CYS B 364 28.20 6.00 18.35
CA CYS B 364 26.99 5.19 18.33
C CYS B 364 26.95 4.34 17.06
N LYS B 365 26.53 3.08 17.22
CA LYS B 365 26.39 2.17 16.10
C LYS B 365 24.94 1.95 15.68
N SER B 366 23.99 2.52 16.41
CA SER B 366 22.60 2.17 16.22
C SER B 366 22.04 2.84 14.97
N PRO B 367 21.04 2.23 14.31
CA PRO B 367 20.50 2.84 13.08
C PRO B 367 19.69 4.11 13.30
N ASN B 368 19.25 4.40 14.52
CA ASN B 368 18.47 5.59 14.78
C ASN B 368 19.31 6.75 15.30
N ARG B 369 20.54 6.90 14.82
CA ARG B 369 21.36 8.06 15.18
C ARG B 369 20.76 9.34 14.64
N HIS B 370 20.16 9.28 13.45
CA HIS B 370 19.59 10.48 12.84
C HIS B 370 18.32 10.92 13.55
N ARG B 371 17.68 10.02 14.31
CA ARG B 371 16.50 10.41 15.08
C ARG B 371 16.88 11.12 16.37
N MET B 372 18.11 10.94 16.85
CA MET B 372 18.52 11.59 18.09
C MET B 372 18.86 13.05 17.87
N VAL B 373 19.46 13.38 16.72
CA VAL B 373 19.95 14.73 16.48
C VAL B 373 18.84 15.72 16.16
N VAL B 374 17.61 15.24 15.92
CA VAL B 374 16.49 16.13 15.66
C VAL B 374 15.66 16.42 16.90
N LEU B 375 16.07 15.89 18.05
CA LEU B 375 15.40 16.18 19.30
C LEU B 375 15.93 17.49 19.90
N GLU B 376 15.07 18.17 20.63
CA GLU B 376 15.51 19.38 21.31
C GLU B 376 16.17 19.01 22.64
N PRO B 377 17.21 19.74 23.06
CA PRO B 377 17.80 20.96 22.47
C PRO B 377 18.89 20.69 21.46
N LEU B 378 19.06 19.44 21.02
CA LEU B 378 20.17 19.10 20.12
C LEU B 378 19.97 19.74 18.74
N ASN B 379 18.72 19.80 18.28
CA ASN B 379 18.42 20.32 16.95
C ASN B 379 18.78 21.79 16.83
N LYS B 380 18.32 22.61 17.79
CA LYS B 380 18.61 24.05 17.72
C LYS B 380 20.07 24.33 17.97
N LEU B 381 20.71 23.59 18.87
CA LEU B 381 22.13 23.77 19.14
C LEU B 381 22.98 23.49 17.91
N LEU B 382 22.68 22.38 17.22
CA LEU B 382 23.39 22.07 15.98
C LEU B 382 23.05 23.08 14.89
N GLN B 383 21.85 23.65 14.92
CA GLN B 383 21.48 24.67 13.94
C GLN B 383 22.31 25.94 14.11
N GLU B 384 22.47 26.42 15.35
CA GLU B 384 23.31 27.60 15.57
C GLU B 384 24.77 27.31 15.27
N LYS B 385 25.24 26.10 15.58
CA LYS B 385 26.60 25.73 15.23
C LYS B 385 26.81 25.73 13.71
N TRP B 386 25.84 25.22 12.96
CA TRP B 386 25.94 25.21 11.50
C TRP B 386 25.87 26.62 10.94
N ASP B 387 25.01 27.47 11.51
CA ASP B 387 24.94 28.86 11.08
C ASP B 387 26.24 29.60 11.36
N ARG B 388 26.95 29.21 12.41
CA ARG B 388 28.24 29.80 12.69
C ARG B 388 29.36 29.26 11.79
N LEU B 389 29.27 28.01 11.34
CA LEU B 389 30.35 27.40 10.57
C LEU B 389 30.09 27.24 9.07
N VAL B 390 28.97 27.74 8.56
CA VAL B 390 28.63 27.55 7.15
C VAL B 390 29.61 28.28 6.23
N SER B 391 30.12 29.45 6.65
CA SER B 391 31.10 30.16 5.85
C SER B 391 32.41 29.40 5.75
N ARG B 392 32.84 28.76 6.84
CA ARG B 392 34.03 27.93 6.81
C ARG B 392 33.82 26.70 5.94
N PHE B 393 32.62 26.11 5.99
CA PHE B 393 32.29 24.97 5.12
C PHE B 393 32.42 25.34 3.65
N PHE B 394 31.85 26.48 3.26
CA PHE B 394 31.91 26.86 1.85
C PHE B 394 33.28 27.42 1.45
N PHE B 395 34.05 27.94 2.40
CA PHE B 395 35.45 28.27 2.10
C PHE B 395 36.27 27.02 1.82
N ASN B 396 36.04 25.96 2.59
CA ASN B 396 36.69 24.67 2.30
C ASN B 396 36.27 24.13 0.94
N PHE B 397 34.98 24.28 0.60
CA PHE B 397 34.51 23.87 -0.72
C PHE B 397 35.19 24.67 -1.84
N ALA B 398 35.36 25.99 -1.63
CA ALA B 398 36.01 26.82 -2.63
C ALA B 398 37.47 26.44 -2.81
N CYS B 399 38.16 26.14 -1.70
CA CYS B 399 39.55 25.70 -1.78
C CYS B 399 39.67 24.37 -2.52
N TYR B 400 38.75 23.44 -2.28
CA TYR B 400 38.80 22.17 -2.99
C TYR B 400 38.46 22.35 -4.47
N LEU B 401 37.57 23.29 -4.79
CA LEU B 401 37.27 23.59 -6.19
C LEU B 401 38.49 24.16 -6.91
N VAL B 402 39.23 25.06 -6.24
CA VAL B 402 40.44 25.62 -6.84
C VAL B 402 41.47 24.53 -7.06
N TYR B 403 41.65 23.66 -6.06
CA TYR B 403 42.62 22.57 -6.17
C TYR B 403 42.24 21.61 -7.30
N MET B 404 40.95 21.31 -7.44
CA MET B 404 40.53 20.38 -8.48
C MET B 404 40.59 21.01 -9.86
N PHE B 405 40.36 22.31 -9.97
CA PHE B 405 40.49 23.00 -11.25
C PHE B 405 41.94 23.00 -11.72
N ILE B 406 42.88 23.28 -10.79
CA ILE B 406 44.29 23.23 -11.15
C ILE B 406 44.71 21.80 -11.49
N PHE B 407 44.14 20.81 -10.78
CA PHE B 407 44.39 19.41 -11.09
C PHE B 407 43.94 19.05 -12.51
N THR B 408 42.75 19.50 -12.90
CA THR B 408 42.23 19.22 -14.23
C THR B 408 43.06 19.90 -15.31
N VAL B 409 43.48 21.14 -15.06
CA VAL B 409 44.30 21.86 -16.04
C VAL B 409 45.65 21.19 -16.21
N VAL B 410 46.27 20.76 -15.10
CA VAL B 410 47.58 20.12 -15.17
C VAL B 410 47.49 18.75 -15.85
N ALA B 411 46.46 17.96 -15.51
CA ALA B 411 46.30 16.65 -16.13
C ALA B 411 45.93 16.75 -17.61
N TYR B 412 45.26 17.85 -18.00
CA TYR B 412 44.88 18.01 -19.40
C TYR B 412 46.09 18.33 -20.27
N HIS B 413 47.05 19.08 -19.74
CA HIS B 413 48.20 19.55 -20.51
C HIS B 413 49.47 18.77 -20.21
N GLN B 414 49.36 17.47 -20.03
CA GLN B 414 50.55 16.64 -19.86
C GLN B 414 51.29 16.53 -21.19
N PRO B 415 52.62 16.37 -21.16
CA PRO B 415 53.34 16.24 -22.42
C PRO B 415 53.48 14.80 -22.90
N SER B 416 54.23 14.63 -23.99
CA SER B 416 54.35 13.32 -24.60
C SER B 416 55.33 12.44 -23.83
N LEU B 417 55.05 11.14 -23.81
CA LEU B 417 55.92 10.18 -23.15
C LEU B 417 56.95 9.63 -24.14
N PHE B 429 57.44 29.44 -20.98
CA PHE B 429 56.48 29.94 -20.00
C PHE B 429 55.44 28.89 -19.65
N GLY B 430 55.06 28.09 -20.66
CA GLY B 430 54.13 27.00 -20.42
C GLY B 430 54.72 25.89 -19.58
N GLU B 431 55.99 25.57 -19.82
CA GLU B 431 56.65 24.51 -19.06
C GLU B 431 56.84 24.89 -17.60
N SER B 432 57.21 26.15 -17.34
CA SER B 432 57.35 26.61 -15.96
C SER B 432 56.01 26.65 -15.24
N MET B 433 54.94 27.06 -15.95
CA MET B 433 53.61 27.05 -15.36
C MET B 433 53.14 25.62 -15.07
N LEU B 434 53.48 24.67 -15.94
CA LEU B 434 53.13 23.28 -15.69
C LEU B 434 53.91 22.72 -14.52
N LEU B 435 55.17 23.11 -14.37
CA LEU B 435 55.96 22.69 -13.21
C LEU B 435 55.37 23.27 -11.92
N LEU B 436 54.95 24.54 -11.96
CA LEU B 436 54.31 25.17 -10.81
C LEU B 436 53.00 24.47 -10.46
N GLY B 437 52.22 24.09 -11.48
CA GLY B 437 50.99 23.35 -11.23
C GLY B 437 51.24 21.98 -10.64
N HIS B 438 52.31 21.31 -11.08
CA HIS B 438 52.68 20.03 -10.49
C HIS B 438 53.09 20.19 -9.03
N ILE B 439 53.82 21.26 -8.71
CA ILE B 439 54.19 21.54 -7.33
C ILE B 439 52.94 21.81 -6.48
N LEU B 440 51.98 22.57 -7.03
CA LEU B 440 50.75 22.86 -6.31
C LEU B 440 49.93 21.60 -6.07
N ILE B 441 49.86 20.72 -7.06
CA ILE B 441 49.16 19.45 -6.91
C ILE B 441 49.83 18.59 -5.85
N LEU B 442 51.16 18.56 -5.82
CA LEU B 442 51.88 17.78 -4.82
C LEU B 442 51.64 18.32 -3.42
N LEU B 443 51.67 19.65 -3.27
CA LEU B 443 51.45 20.26 -1.95
C LEU B 443 50.02 20.06 -1.48
N GLY B 444 49.05 20.18 -2.38
CA GLY B 444 47.66 19.94 -2.00
C GLY B 444 47.41 18.49 -1.63
N GLY B 445 48.06 17.55 -2.35
CA GLY B 445 47.94 16.15 -1.98
C GLY B 445 48.55 15.85 -0.63
N ILE B 446 49.70 16.46 -0.33
CA ILE B 446 50.33 16.29 0.97
C ILE B 446 49.44 16.85 2.09
N TYR B 447 48.84 18.02 1.84
CA TYR B 447 47.95 18.64 2.82
C TYR B 447 46.73 17.77 3.09
N LEU B 448 46.09 17.27 2.04
CA LEU B 448 44.91 16.43 2.21
C LEU B 448 45.27 15.10 2.87
N LEU B 449 46.44 14.55 2.54
CA LEU B 449 46.89 13.30 3.15
C LEU B 449 47.12 13.48 4.65
N LEU B 450 47.77 14.58 5.04
CA LEU B 450 48.00 14.83 6.45
C LEU B 450 46.69 15.08 7.20
N GLY B 451 45.75 15.79 6.56
CA GLY B 451 44.45 16.01 7.20
C GLY B 451 43.67 14.73 7.41
N GLN B 452 43.65 13.85 6.40
CA GLN B 452 42.94 12.58 6.54
C GLN B 452 43.63 11.65 7.53
N LEU B 453 44.97 11.65 7.57
CA LEU B 453 45.67 10.86 8.56
C LEU B 453 45.40 11.35 9.97
N TRP B 454 45.33 12.68 10.16
CA TRP B 454 44.97 13.23 11.46
C TRP B 454 43.55 12.86 11.85
N TYR B 455 42.63 12.87 10.89
CA TYR B 455 41.25 12.47 11.16
C TYR B 455 41.18 11.01 11.59
N PHE B 456 41.86 10.12 10.87
CA PHE B 456 41.80 8.70 11.21
C PHE B 456 42.59 8.38 12.47
N TRP B 457 43.53 9.25 12.84
CA TRP B 457 44.21 9.10 14.13
C TRP B 457 43.30 9.54 15.28
N ARG B 458 42.54 10.62 15.08
CA ARG B 458 41.61 11.06 16.12
C ARG B 458 40.45 10.10 16.27
N ARG B 459 40.06 9.42 15.19
CA ARG B 459 38.95 8.46 15.23
C ARG B 459 39.50 7.05 15.43
N ARG B 460 40.54 6.92 16.26
CA ARG B 460 41.32 5.71 16.43
C ARG B 460 40.51 4.50 16.88
N LEU B 461 39.93 4.57 18.09
CA LEU B 461 39.29 3.39 18.68
C LEU B 461 38.00 3.03 17.95
N PHE B 462 37.24 4.02 17.51
CA PHE B 462 35.97 3.80 16.83
C PHE B 462 36.07 3.93 15.32
N ILE B 463 37.16 3.44 14.72
CA ILE B 463 37.41 3.64 13.30
C ILE B 463 36.40 2.88 12.45
N TRP B 464 35.95 1.71 12.93
CA TRP B 464 34.95 0.95 12.18
C TRP B 464 33.60 1.67 12.19
N ILE B 465 33.33 2.46 13.23
CA ILE B 465 32.12 3.28 13.25
C ILE B 465 32.34 4.56 12.44
N SER B 466 33.60 4.89 12.17
CA SER B 466 33.90 6.16 11.52
C SER B 466 33.52 6.16 10.04
N PHE B 467 33.77 5.07 9.31
CA PHE B 467 33.54 5.11 7.87
C PHE B 467 32.30 4.35 7.43
N MET B 468 31.44 3.93 8.37
CA MET B 468 30.22 3.24 7.95
C MET B 468 29.19 4.21 7.39
N ASP B 469 29.34 5.50 7.70
CA ASP B 469 28.52 6.56 7.11
C ASP B 469 29.36 7.71 6.59
N SER B 470 30.68 7.54 6.54
CA SER B 470 31.58 8.59 6.10
C SER B 470 32.63 8.01 5.15
N TYR B 471 32.18 7.31 4.11
CA TYR B 471 33.09 6.75 3.11
C TYR B 471 33.85 7.83 2.35
N PHE B 472 33.38 9.08 2.36
CA PHE B 472 34.12 10.16 1.73
C PHE B 472 35.45 10.42 2.42
N GLU B 473 35.58 10.10 3.71
CA GLU B 473 36.89 10.18 4.36
C GLU B 473 37.88 9.20 3.74
N ILE B 474 37.44 7.97 3.51
CA ILE B 474 38.26 6.97 2.84
C ILE B 474 38.60 7.42 1.42
N LEU B 475 37.62 7.98 0.72
CA LEU B 475 37.85 8.42 -0.66
C LEU B 475 38.83 9.60 -0.73
N PHE B 476 38.73 10.55 0.20
CA PHE B 476 39.67 11.66 0.24
C PHE B 476 41.08 11.20 0.57
N LEU B 477 41.20 10.27 1.52
CA LEU B 477 42.52 9.70 1.85
C LEU B 477 43.12 8.97 0.66
N LEU B 478 42.29 8.18 -0.05
CA LEU B 478 42.78 7.43 -1.20
C LEU B 478 43.18 8.36 -2.34
N GLN B 479 42.41 9.44 -2.56
CA GLN B 479 42.75 10.42 -3.58
C GLN B 479 44.07 11.11 -3.28
N ALA B 480 44.28 11.50 -2.01
CA ALA B 480 45.54 12.14 -1.64
C ALA B 480 46.72 11.18 -1.77
N LEU B 481 46.52 9.91 -1.39
CA LEU B 481 47.57 8.90 -1.54
C LEU B 481 47.93 8.68 -3.00
N LEU B 482 46.91 8.61 -3.87
CA LEU B 482 47.16 8.44 -5.31
C LEU B 482 47.86 9.66 -5.90
N THR B 483 47.50 10.85 -5.45
CA THR B 483 48.17 12.06 -5.93
C THR B 483 49.65 12.08 -5.54
N VAL B 484 49.95 11.73 -4.29
CA VAL B 484 51.34 11.72 -3.84
C VAL B 484 52.12 10.63 -4.56
N LEU B 485 51.50 9.46 -4.76
CA LEU B 485 52.17 8.36 -5.46
C LEU B 485 52.44 8.72 -6.92
N SER B 486 51.48 9.39 -7.57
CA SER B 486 51.67 9.78 -8.98
C SER B 486 52.76 10.84 -9.11
N GLN B 487 52.82 11.78 -8.15
CA GLN B 487 53.89 12.78 -8.22
C GLN B 487 55.25 12.18 -7.87
N VAL B 488 55.27 11.12 -7.05
CA VAL B 488 56.52 10.44 -6.78
C VAL B 488 56.99 9.67 -8.00
N LEU B 489 56.06 8.99 -8.68
CA LEU B 489 56.42 8.20 -9.86
C LEU B 489 56.84 9.08 -11.02
N ARG B 490 56.35 10.33 -11.07
CA ARG B 490 56.79 11.26 -12.10
C ARG B 490 58.25 11.65 -11.90
N PHE B 491 58.69 11.73 -10.64
CA PHE B 491 60.10 12.04 -10.37
C PHE B 491 61.00 10.87 -10.76
N MET B 492 60.49 9.64 -10.67
CA MET B 492 61.22 8.46 -11.08
C MET B 492 61.15 8.20 -12.59
N GLU B 493 60.41 9.04 -13.31
CA GLU B 493 60.32 9.03 -14.78
C GLU B 493 59.77 7.71 -15.34
N THR B 494 58.88 7.05 -14.60
CA THR B 494 58.20 5.88 -15.13
C THR B 494 56.89 6.30 -15.79
N GLU B 495 56.43 5.48 -16.74
CA GLU B 495 55.24 5.84 -17.51
C GLU B 495 53.95 5.60 -16.73
N TRP B 496 54.02 4.89 -15.60
CA TRP B 496 52.81 4.54 -14.86
C TRP B 496 52.30 5.66 -13.97
N TYR B 497 52.97 6.81 -13.97
CA TYR B 497 52.47 7.96 -13.22
C TYR B 497 51.19 8.51 -13.84
N LEU B 498 51.04 8.36 -15.16
CA LEU B 498 49.91 9.00 -15.85
C LEU B 498 48.58 8.31 -15.59
N PRO B 499 48.46 6.97 -15.60
CA PRO B 499 47.21 6.37 -15.11
C PRO B 499 46.91 6.65 -13.65
N LEU B 500 47.94 6.73 -12.79
CA LEU B 500 47.72 7.10 -11.40
C LEU B 500 47.21 8.52 -11.27
N LEU B 501 47.79 9.45 -12.05
CA LEU B 501 47.33 10.84 -12.03
C LEU B 501 45.89 10.95 -12.55
N VAL B 502 45.56 10.20 -13.60
CA VAL B 502 44.22 10.22 -14.16
C VAL B 502 43.21 9.63 -13.17
N LEU B 503 43.58 8.55 -12.48
CA LEU B 503 42.67 7.94 -11.52
C LEU B 503 42.47 8.82 -10.29
N SER B 504 43.53 9.50 -9.85
CA SER B 504 43.37 10.46 -8.77
C SER B 504 42.54 11.67 -9.20
N LEU B 505 42.63 12.05 -10.47
CA LEU B 505 41.75 13.11 -11.00
C LEU B 505 40.28 12.67 -10.97
N VAL B 506 40.03 11.41 -11.34
CA VAL B 506 38.68 10.85 -11.27
C VAL B 506 38.16 10.90 -9.83
N LEU B 507 38.97 10.40 -8.89
CA LEU B 507 38.57 10.39 -7.50
C LEU B 507 38.36 11.80 -6.95
N GLY B 508 39.20 12.75 -7.36
CA GLY B 508 39.04 14.12 -6.91
C GLY B 508 37.77 14.77 -7.43
N TRP B 509 37.39 14.46 -8.67
CA TRP B 509 36.13 15.00 -9.19
C TRP B 509 34.93 14.32 -8.54
N LEU B 510 35.05 13.03 -8.20
CA LEU B 510 33.96 12.37 -7.48
C LEU B 510 33.85 12.89 -6.05
N ASN B 511 34.96 13.31 -5.46
CA ASN B 511 34.96 13.79 -4.09
C ASN B 511 34.29 15.15 -3.93
N LEU B 512 34.03 15.85 -5.03
CA LEU B 512 33.36 17.13 -4.98
C LEU B 512 31.89 17.00 -4.59
N LEU B 513 31.33 15.80 -4.68
CA LEU B 513 29.94 15.56 -4.30
C LEU B 513 29.76 15.45 -2.80
N TYR B 514 30.84 15.51 -2.02
CA TYR B 514 30.73 15.61 -0.57
C TYR B 514 30.03 16.90 -0.16
N TYR B 515 30.31 17.98 -0.88
CA TYR B 515 29.84 19.31 -0.48
C TYR B 515 28.41 19.60 -0.90
N THR B 516 27.71 18.62 -1.47
CA THR B 516 26.28 18.83 -1.76
C THR B 516 25.45 18.84 -0.49
N ARG B 517 25.99 18.34 0.62
CA ARG B 517 25.30 18.34 1.91
C ARG B 517 25.21 19.72 2.54
N GLY B 518 25.90 20.72 1.99
CA GLY B 518 25.80 22.07 2.50
C GLY B 518 24.47 22.75 2.23
N PHE B 519 23.72 22.25 1.26
CA PHE B 519 22.40 22.77 0.94
C PHE B 519 21.35 21.73 1.27
N GLN B 520 20.15 22.20 1.61
CA GLN B 520 19.05 21.30 1.89
C GLN B 520 18.62 20.55 0.64
N HIS B 521 18.55 21.26 -0.49
CA HIS B 521 17.99 20.70 -1.72
C HIS B 521 18.87 19.58 -2.27
N THR B 522 20.18 19.83 -2.38
CA THR B 522 21.10 18.79 -2.84
C THR B 522 21.43 17.78 -1.75
N GLY B 523 21.56 18.24 -0.49
CA GLY B 523 21.94 17.37 0.60
C GLY B 523 20.90 16.34 0.97
N ILE B 524 19.61 16.71 0.93
CA ILE B 524 18.57 15.72 1.15
C ILE B 524 18.52 14.72 0.01
N TYR B 525 18.64 15.21 -1.24
CA TYR B 525 18.56 14.35 -2.41
C TYR B 525 19.69 13.33 -2.45
N SER B 526 20.90 13.73 -2.03
CA SER B 526 22.01 12.79 -1.98
C SER B 526 21.77 11.67 -0.97
N VAL B 527 20.90 11.88 0.01
CA VAL B 527 20.48 10.82 0.90
C VAL B 527 19.36 9.98 0.28
N MET B 528 18.43 10.63 -0.43
CA MET B 528 17.32 9.90 -1.03
C MET B 528 17.78 8.94 -2.11
N ILE B 529 18.80 9.30 -2.89
CA ILE B 529 19.20 8.42 -3.99
C ILE B 529 19.84 7.13 -3.46
N GLN B 530 20.79 7.24 -2.54
CA GLN B 530 21.49 6.05 -2.06
C GLN B 530 20.64 5.31 -1.04
N LYS B 531 20.65 3.98 -1.14
CA LYS B 531 19.83 3.11 -0.31
C LYS B 531 20.45 1.72 -0.32
N VAL B 532 19.63 0.71 0.03
CA VAL B 532 20.08 -0.68 0.15
C VAL B 532 20.44 -1.33 -1.17
N ILE B 533 20.41 -0.59 -2.28
CA ILE B 533 20.79 -1.12 -3.59
C ILE B 533 22.25 -1.60 -3.58
N LEU B 534 23.11 -0.91 -2.82
CA LEU B 534 24.53 -1.24 -2.81
C LEU B 534 24.82 -2.63 -2.24
N ARG B 535 24.10 -3.04 -1.19
CA ARG B 535 24.37 -4.34 -0.60
C ARG B 535 23.75 -5.48 -1.41
N ASP B 536 22.75 -5.19 -2.23
CA ASP B 536 22.17 -6.21 -3.10
C ASP B 536 22.86 -6.26 -4.45
N LEU B 537 23.54 -5.18 -4.83
CA LEU B 537 24.29 -5.16 -6.09
C LEU B 537 25.41 -6.20 -6.09
N LEU B 538 26.12 -6.32 -4.96
CA LEU B 538 27.19 -7.32 -4.85
C LEU B 538 26.63 -8.74 -4.88
N ARG B 539 25.50 -8.97 -4.22
CA ARG B 539 24.90 -10.29 -4.18
C ARG B 539 24.36 -10.71 -5.55
N PHE B 540 23.81 -9.76 -6.32
CA PHE B 540 23.42 -10.05 -7.70
C PHE B 540 24.65 -10.24 -8.58
N LEU B 541 25.71 -9.49 -8.31
CA LEU B 541 26.94 -9.57 -9.09
C LEU B 541 27.59 -10.94 -8.93
N LEU B 542 27.43 -11.56 -7.76
CA LEU B 542 27.97 -12.90 -7.55
C LEU B 542 27.34 -13.92 -8.51
N VAL B 543 26.04 -13.82 -8.75
CA VAL B 543 25.38 -14.70 -9.72
C VAL B 543 25.75 -14.32 -11.15
N TYR B 544 25.77 -13.02 -11.43
CA TYR B 544 25.99 -12.53 -12.79
C TYR B 544 27.40 -12.86 -13.27
N LEU B 545 28.40 -12.78 -12.40
CA LEU B 545 29.77 -13.08 -12.79
C LEU B 545 29.94 -14.57 -13.07
N VAL B 546 29.24 -15.42 -12.33
CA VAL B 546 29.26 -16.85 -12.62
C VAL B 546 28.67 -17.13 -13.99
N PHE B 547 27.53 -16.49 -14.29
CA PHE B 547 26.91 -16.61 -15.62
C PHE B 547 27.87 -16.17 -16.72
N LEU B 548 28.49 -15.00 -16.51
CA LEU B 548 29.40 -14.40 -17.49
C LEU B 548 30.61 -15.29 -17.74
N PHE B 549 31.26 -15.75 -16.67
CA PHE B 549 32.47 -16.56 -16.81
C PHE B 549 32.17 -17.91 -17.46
N GLY B 550 31.07 -18.56 -17.06
CA GLY B 550 30.74 -19.85 -17.65
C GLY B 550 30.45 -19.74 -19.13
N PHE B 551 29.62 -18.77 -19.53
CA PHE B 551 29.31 -18.63 -20.95
C PHE B 551 30.51 -18.12 -21.73
N ALA B 552 31.40 -17.36 -21.09
CA ALA B 552 32.60 -16.86 -21.78
C ALA B 552 33.57 -17.99 -22.09
N VAL B 553 33.85 -18.85 -21.10
CA VAL B 553 34.76 -19.97 -21.37
C VAL B 553 34.13 -20.95 -22.35
N ALA B 554 32.79 -21.08 -22.31
CA ALA B 554 32.10 -21.91 -23.30
C ALA B 554 32.26 -21.37 -24.71
N LEU B 555 32.08 -20.06 -24.88
CA LEU B 555 32.16 -19.48 -26.22
C LEU B 555 33.58 -19.45 -26.74
N VAL B 556 34.57 -19.35 -25.84
CA VAL B 556 35.96 -19.42 -26.28
C VAL B 556 36.30 -20.85 -26.71
N SER B 557 35.84 -21.85 -25.94
CA SER B 557 36.14 -23.23 -26.28
C SER B 557 35.44 -23.68 -27.56
N LEU B 558 34.21 -23.22 -27.78
CA LEU B 558 33.43 -23.68 -28.92
C LEU B 558 33.83 -23.00 -30.23
N SER B 559 34.36 -21.77 -30.16
CA SER B 559 34.65 -21.02 -31.37
C SER B 559 36.07 -21.26 -31.89
N ARG B 560 36.83 -22.16 -31.28
CA ARG B 560 38.20 -22.40 -31.70
C ARG B 560 38.31 -23.12 -33.03
N GLU B 561 37.22 -23.73 -33.50
CA GLU B 561 37.23 -24.54 -34.71
C GLU B 561 36.46 -23.81 -35.81
N ALA B 562 37.07 -23.70 -36.99
CA ALA B 562 36.44 -23.08 -38.13
C ALA B 562 35.81 -24.14 -39.04
N ARG B 563 34.83 -23.70 -39.83
CA ARG B 563 34.13 -24.61 -40.74
C ARG B 563 34.99 -24.95 -41.95
N PRO B 589 36.04 -14.18 -33.58
CA PRO B 589 34.91 -13.72 -32.77
C PRO B 589 35.22 -13.74 -31.27
N TYR B 590 35.55 -14.92 -30.76
CA TYR B 590 35.84 -15.12 -29.34
C TYR B 590 37.22 -15.79 -29.25
N ARG B 591 38.27 -14.98 -29.28
CA ARG B 591 39.63 -15.50 -29.28
C ARG B 591 40.22 -15.61 -27.89
N SER B 592 39.72 -14.84 -26.93
CA SER B 592 40.26 -14.84 -25.59
C SER B 592 39.12 -14.70 -24.60
N ILE B 593 39.44 -14.92 -23.32
CA ILE B 593 38.43 -14.85 -22.26
C ILE B 593 37.94 -13.41 -22.09
N LEU B 594 38.87 -12.45 -22.13
CA LEU B 594 38.51 -11.05 -21.96
C LEU B 594 37.63 -10.55 -23.09
N ASP B 595 37.94 -10.96 -24.32
CA ASP B 595 37.14 -10.54 -25.48
C ASP B 595 35.72 -11.09 -25.40
N ALA B 596 35.59 -12.39 -25.09
CA ALA B 596 34.27 -13.00 -25.00
C ALA B 596 33.47 -12.43 -23.83
N SER B 597 34.16 -12.14 -22.72
CA SER B 597 33.50 -11.52 -21.57
C SER B 597 32.98 -10.13 -21.92
N LEU B 598 33.76 -9.36 -22.70
CA LEU B 598 33.31 -8.04 -23.12
C LEU B 598 32.12 -8.13 -24.08
N GLU B 599 32.16 -9.09 -25.02
CA GLU B 599 31.03 -9.26 -25.94
C GLU B 599 29.77 -9.70 -25.20
N LEU B 600 29.91 -10.52 -24.16
CA LEU B 600 28.73 -10.91 -23.39
C LEU B 600 28.24 -9.79 -22.48
N PHE B 601 29.16 -8.94 -21.99
CA PHE B 601 28.74 -7.80 -21.18
C PHE B 601 28.07 -6.73 -22.04
N LYS B 602 28.36 -6.71 -23.34
CA LYS B 602 27.72 -5.75 -24.25
C LYS B 602 26.20 -5.95 -24.33
N PHE B 603 25.70 -7.14 -24.01
CA PHE B 603 24.27 -7.39 -24.08
C PHE B 603 23.49 -6.62 -23.02
N THR B 604 24.11 -6.37 -21.86
CA THR B 604 23.42 -5.66 -20.80
C THR B 604 23.30 -4.17 -21.08
N ILE B 605 24.23 -3.61 -21.85
CA ILE B 605 24.21 -2.18 -22.15
C ILE B 605 23.52 -1.88 -23.48
N GLY B 606 22.88 -2.86 -24.07
CA GLY B 606 22.16 -2.65 -25.32
C GLY B 606 23.00 -2.66 -26.57
N MET B 607 24.19 -3.26 -26.52
CA MET B 607 25.06 -3.35 -27.69
C MET B 607 25.53 -4.76 -27.99
N GLY B 608 24.78 -5.78 -27.58
CA GLY B 608 25.20 -7.15 -27.78
C GLY B 608 25.03 -7.56 -29.23
N GLU B 609 26.07 -8.15 -29.82
CA GLU B 609 26.00 -8.62 -31.19
C GLU B 609 25.48 -10.05 -31.22
N LEU B 610 24.41 -10.27 -31.98
CA LEU B 610 23.72 -11.55 -32.04
C LEU B 610 23.53 -11.91 -33.51
N ALA B 611 24.43 -12.72 -34.05
CA ALA B 611 24.41 -13.03 -35.48
C ALA B 611 24.75 -14.49 -35.69
N PHE B 612 24.50 -14.97 -36.90
CA PHE B 612 24.81 -16.34 -37.29
C PHE B 612 26.25 -16.37 -37.81
N GLN B 613 27.18 -16.85 -37.00
CA GLN B 613 28.60 -16.82 -37.30
C GLN B 613 28.94 -17.93 -38.30
N GLU B 614 28.73 -17.61 -39.59
CA GLU B 614 28.73 -18.63 -40.63
C GLU B 614 30.10 -19.27 -40.84
N GLN B 615 31.18 -18.58 -40.46
CA GLN B 615 32.51 -19.15 -40.66
C GLN B 615 32.88 -20.16 -39.58
N LEU B 616 32.17 -20.19 -38.47
CA LEU B 616 32.43 -21.15 -37.41
C LEU B 616 31.83 -22.51 -37.75
N ARG B 617 32.46 -23.57 -37.22
CA ARG B 617 31.98 -24.92 -37.48
C ARG B 617 30.71 -25.23 -36.69
N PHE B 618 30.65 -24.79 -35.44
CA PHE B 618 29.54 -25.07 -34.54
C PHE B 618 28.64 -23.84 -34.36
N ARG B 619 28.34 -23.17 -35.46
CA ARG B 619 27.63 -21.90 -35.43
C ARG B 619 26.23 -22.00 -34.82
N GLY B 620 25.55 -23.13 -35.04
CA GLY B 620 24.24 -23.31 -34.43
C GLY B 620 24.32 -23.40 -32.91
N VAL B 621 25.31 -24.15 -32.41
CA VAL B 621 25.48 -24.28 -30.96
C VAL B 621 25.94 -22.96 -30.36
N VAL B 622 26.76 -22.20 -31.07
CA VAL B 622 27.19 -20.89 -30.59
C VAL B 622 26.00 -19.94 -30.51
N LEU B 623 25.13 -19.95 -31.52
CA LEU B 623 23.94 -19.11 -31.50
C LEU B 623 22.99 -19.52 -30.38
N LEU B 624 22.84 -20.83 -30.15
CA LEU B 624 21.98 -21.29 -29.07
C LEU B 624 22.56 -20.93 -27.70
N LEU B 625 23.89 -20.97 -27.55
CA LEU B 625 24.51 -20.54 -26.31
C LEU B 625 24.30 -19.05 -26.07
N LEU B 626 24.42 -18.24 -27.12
CA LEU B 626 24.18 -16.80 -26.99
C LEU B 626 22.73 -16.51 -26.62
N LEU B 627 21.79 -17.21 -27.26
CA LEU B 627 20.38 -17.01 -26.94
C LEU B 627 20.04 -17.44 -25.53
N ALA B 628 20.62 -18.57 -25.08
CA ALA B 628 20.41 -19.03 -23.71
C ALA B 628 20.98 -18.05 -22.70
N TYR B 629 22.17 -17.50 -22.98
CA TYR B 629 22.76 -16.51 -22.10
C TYR B 629 21.91 -15.25 -22.04
N VAL B 630 21.39 -14.81 -23.18
CA VAL B 630 20.56 -13.60 -23.22
C VAL B 630 19.28 -13.80 -22.41
N LEU B 631 18.63 -14.95 -22.60
CA LEU B 631 17.38 -15.22 -21.88
C LEU B 631 17.62 -15.35 -20.38
N LEU B 632 18.69 -16.07 -19.98
CA LEU B 632 18.98 -16.22 -18.56
C LEU B 632 19.37 -14.89 -17.91
N THR B 633 20.16 -14.07 -18.61
CA THR B 633 20.57 -12.78 -18.07
C THR B 633 19.39 -11.83 -17.95
N TYR B 634 18.48 -11.84 -18.91
CA TYR B 634 17.33 -10.96 -18.83
C TYR B 634 16.35 -11.39 -17.75
N VAL B 635 16.18 -12.71 -17.56
CA VAL B 635 15.37 -13.22 -16.46
C VAL B 635 16.00 -12.84 -15.12
N LEU B 636 17.33 -12.92 -15.02
CA LEU B 636 18.03 -12.55 -13.80
C LEU B 636 17.89 -11.05 -13.51
N LEU B 637 18.01 -10.22 -14.54
CA LEU B 637 17.88 -8.77 -14.36
C LEU B 637 16.47 -8.39 -13.94
N LEU B 638 15.46 -9.04 -14.54
CA LEU B 638 14.07 -8.80 -14.15
C LEU B 638 13.83 -9.24 -12.72
N ASN B 639 14.41 -10.37 -12.31
CA ASN B 639 14.30 -10.83 -10.93
C ASN B 639 14.92 -9.83 -9.96
N MET B 640 16.09 -9.29 -10.31
CA MET B 640 16.77 -8.38 -9.39
C MET B 640 16.02 -7.06 -9.30
N LEU B 641 15.50 -6.57 -10.43
CA LEU B 641 14.69 -5.35 -10.43
C LEU B 641 13.43 -5.49 -9.59
N ILE B 642 12.71 -6.61 -9.74
CA ILE B 642 11.47 -6.79 -9.00
C ILE B 642 11.76 -7.02 -7.52
N ALA B 643 12.83 -7.75 -7.20
CA ALA B 643 13.21 -7.97 -5.80
C ALA B 643 13.62 -6.67 -5.13
N LEU B 644 14.38 -5.82 -5.82
CA LEU B 644 14.76 -4.52 -5.29
C LEU B 644 13.54 -3.62 -5.15
N MET B 645 12.58 -3.78 -6.07
CA MET B 645 11.33 -3.04 -6.02
C MET B 645 10.49 -3.46 -4.82
N SER B 646 10.62 -4.71 -4.37
CA SER B 646 9.82 -5.17 -3.24
C SER B 646 10.30 -4.58 -1.91
N GLU B 647 11.61 -4.43 -1.73
CA GLU B 647 12.13 -3.96 -0.44
C GLU B 647 12.07 -2.45 -0.30
N THR B 648 12.16 -1.71 -1.41
CA THR B 648 12.30 -0.25 -1.33
C THR B 648 10.99 0.50 -1.40
N VAL B 649 10.00 0.00 -2.15
CA VAL B 649 8.70 0.67 -2.23
C VAL B 649 7.80 0.06 -1.17
N ASN B 650 7.67 0.73 -0.03
CA ASN B 650 6.90 0.22 1.08
C ASN B 650 6.11 1.29 1.83
N HIS B 651 6.05 2.51 1.31
CA HIS B 651 5.37 3.66 1.89
C HIS B 651 5.87 4.04 3.27
N VAL B 652 7.12 3.69 3.60
CA VAL B 652 7.71 4.14 4.85
C VAL B 652 8.04 5.62 4.73
N ALA B 653 7.74 6.37 5.80
CA ALA B 653 7.95 7.82 5.80
C ALA B 653 9.41 8.17 5.61
N ASP B 654 9.65 9.28 4.91
CA ASP B 654 10.99 9.69 4.49
C ASP B 654 11.81 10.15 5.68
N ASN B 655 12.95 9.50 5.89
CA ASN B 655 13.90 9.90 6.93
C ASN B 655 15.12 10.61 6.38
N SER B 656 15.06 11.11 5.14
CA SER B 656 16.25 11.70 4.51
C SER B 656 16.61 13.04 5.13
N TRP B 657 15.63 13.78 5.63
CA TRP B 657 15.90 15.06 6.27
C TRP B 657 16.71 14.89 7.55
N SER B 658 16.38 13.88 8.36
CA SER B 658 17.13 13.63 9.59
C SER B 658 18.52 13.08 9.30
N ILE B 659 18.68 12.29 8.25
CA ILE B 659 20.01 11.81 7.88
C ILE B 659 20.87 12.95 7.35
N TRP B 660 20.27 13.88 6.62
CA TRP B 660 21.01 15.07 6.19
C TRP B 660 21.39 15.94 7.38
N LYS B 661 20.50 16.02 8.38
CA LYS B 661 20.83 16.74 9.61
C LYS B 661 21.98 16.07 10.36
N LEU B 662 22.01 14.73 10.35
CA LEU B 662 23.11 14.01 10.99
C LEU B 662 24.42 14.24 10.24
N GLN B 663 24.37 14.29 8.90
CA GLN B 663 25.57 14.61 8.12
C GLN B 663 26.07 16.02 8.42
N LYS B 664 25.15 16.97 8.54
CA LYS B 664 25.52 18.33 8.92
C LYS B 664 26.11 18.37 10.33
N ALA B 665 25.58 17.56 11.25
CA ALA B 665 26.11 17.49 12.60
C ALA B 665 27.53 16.95 12.62
N ILE B 666 27.79 15.91 11.81
CA ILE B 666 29.13 15.34 11.73
C ILE B 666 30.10 16.37 11.14
N SER B 667 29.68 17.08 10.09
CA SER B 667 30.51 18.12 9.48
C SER B 667 30.80 19.24 10.47
N VAL B 668 29.79 19.63 11.26
CA VAL B 668 29.96 20.70 12.23
C VAL B 668 30.92 20.29 13.34
N LEU B 669 30.78 19.05 13.84
CA LEU B 669 31.65 18.60 14.91
C LEU B 669 33.08 18.38 14.44
N GLU B 670 33.28 18.06 13.17
CA GLU B 670 34.64 18.00 12.64
C GLU B 670 35.21 19.40 12.37
N MET B 671 34.35 20.34 11.96
CA MET B 671 34.81 21.69 11.68
C MET B 671 35.14 22.45 12.94
N GLU B 672 34.54 22.07 14.07
CA GLU B 672 34.80 22.75 15.33
C GLU B 672 36.21 22.51 15.84
N ASN B 673 36.85 21.40 15.45
CA ASN B 673 38.22 21.15 15.89
C ASN B 673 39.24 21.98 15.13
N GLY B 674 38.83 22.64 14.05
CA GLY B 674 39.76 23.42 13.24
C GLY B 674 40.47 22.58 12.21
N TYR B 675 41.74 22.86 11.99
CA TYR B 675 42.56 22.13 11.03
C TYR B 675 43.67 21.39 11.77
N TRP B 676 44.37 20.53 11.05
CA TRP B 676 45.48 19.79 11.65
C TRP B 676 46.64 20.72 12.00
N TRP B 677 46.80 21.81 11.24
CA TRP B 677 47.85 22.79 11.48
C TRP B 677 47.39 23.95 12.35
N CYS B 678 46.09 24.03 12.69
CA CYS B 678 45.58 25.13 13.49
C CYS B 678 44.34 24.63 14.23
N ARG B 679 44.45 24.49 15.55
CA ARG B 679 43.38 23.96 16.38
C ARG B 679 42.59 25.11 17.00
N ARG B 680 41.28 25.11 16.78
CA ARG B 680 40.43 26.17 17.29
C ARG B 680 40.20 26.01 18.79
N LYS B 681 40.04 27.13 19.48
CA LYS B 681 39.58 27.11 20.86
C LYS B 681 38.07 26.94 20.89
N LYS B 682 37.60 26.00 21.72
CA LYS B 682 36.17 25.71 21.78
C LYS B 682 35.41 26.87 22.42
N HIS B 683 34.26 27.17 21.84
CA HIS B 683 33.37 28.22 22.33
C HIS B 683 32.18 27.57 23.02
N ARG B 684 31.96 27.92 24.28
CA ARG B 684 30.91 27.30 25.08
C ARG B 684 29.56 27.93 24.75
N GLU B 685 28.55 27.08 24.58
CA GLU B 685 27.21 27.55 24.26
C GLU B 685 26.38 27.72 25.52
N GLY B 686 25.29 28.47 25.39
CA GLY B 686 24.40 28.71 26.51
C GLY B 686 24.95 29.78 27.44
N ARG B 687 24.15 30.07 28.48
CA ARG B 687 24.49 31.02 29.50
C ARG B 687 24.37 30.38 30.86
N LEU B 688 25.21 30.81 31.80
CA LEU B 688 25.14 30.30 33.16
C LEU B 688 24.01 30.96 33.91
N LEU B 689 23.04 30.17 34.37
CA LEU B 689 21.86 30.69 35.04
C LEU B 689 21.59 29.88 36.30
N LYS B 690 21.10 30.56 37.33
CA LYS B 690 20.72 29.89 38.57
C LYS B 690 19.26 29.46 38.48
N VAL B 691 19.01 28.15 38.56
CA VAL B 691 17.67 27.61 38.40
C VAL B 691 17.05 27.20 39.72
N GLY B 692 17.73 27.43 40.84
CA GLY B 692 17.19 27.03 42.13
C GLY B 692 18.31 26.74 43.12
N THR B 693 18.02 25.80 44.02
CA THR B 693 18.97 25.39 45.04
C THR B 693 19.16 23.88 44.97
N ARG B 694 20.41 23.45 45.04
CA ARG B 694 20.74 22.03 44.97
C ARG B 694 20.32 21.31 46.26
N PRO B 699 23.36 27.14 45.59
CA PRO B 699 22.82 27.67 44.33
C PRO B 699 22.97 26.70 43.17
N ASP B 700 21.86 26.37 42.52
CA ASP B 700 21.88 25.44 41.39
C ASP B 700 22.12 26.23 40.11
N GLU B 701 23.39 26.38 39.77
CA GLU B 701 23.81 27.12 38.60
C GLU B 701 24.16 26.16 37.48
N ARG B 702 23.44 26.28 36.35
CA ARG B 702 23.64 25.42 35.21
C ARG B 702 23.79 26.26 33.95
N TRP B 703 24.45 25.68 32.95
CA TRP B 703 24.54 26.30 31.63
C TRP B 703 23.30 25.90 30.84
N CYS B 704 22.46 26.87 30.53
CA CYS B 704 21.14 26.61 29.96
C CYS B 704 21.05 27.16 28.54
N PHE B 705 20.31 26.45 27.70
CA PHE B 705 20.09 26.82 26.30
C PHE B 705 18.62 27.16 26.13
N ARG B 706 18.34 28.35 25.61
CA ARG B 706 16.97 28.81 25.44
C ARG B 706 16.44 28.38 24.08
N VAL B 707 15.32 27.67 24.08
CA VAL B 707 14.70 27.14 22.86
C VAL B 707 13.28 27.66 22.77
N GLU B 708 12.94 28.28 21.64
CA GLU B 708 11.60 28.78 21.37
C GLU B 708 10.86 27.77 20.52
N GLU B 709 9.67 27.36 20.98
CA GLU B 709 8.87 26.36 20.30
C GLU B 709 7.47 26.92 20.03
N VAL B 710 7.00 26.75 18.80
CA VAL B 710 5.64 27.11 18.41
C VAL B 710 4.91 25.82 18.02
N ASN B 711 3.75 25.59 18.62
CA ASN B 711 2.99 24.36 18.38
C ASN B 711 1.51 24.71 18.53
N TRP B 712 0.84 24.87 17.40
CA TRP B 712 -0.56 25.31 17.41
C TRP B 712 -1.50 24.19 17.81
N ALA B 713 -1.26 22.97 17.33
CA ALA B 713 -2.16 21.86 17.63
C ALA B 713 -2.10 21.48 19.10
N ALA B 714 -0.89 21.44 19.67
CA ALA B 714 -0.73 21.11 21.07
C ALA B 714 -1.38 22.15 21.97
N TRP B 715 -1.29 23.42 21.59
CA TRP B 715 -1.92 24.48 22.37
C TRP B 715 -3.45 24.44 22.21
N GLU B 716 -3.93 24.09 21.02
CA GLU B 716 -5.37 24.02 20.79
C GLU B 716 -6.00 22.85 21.53
N LYS B 717 -5.22 21.79 21.76
CA LYS B 717 -5.75 20.65 22.50
C LYS B 717 -6.01 20.95 23.98
N THR B 718 -5.34 21.94 24.56
CA THR B 718 -5.54 22.26 25.97
C THR B 718 -6.60 23.34 26.20
N LEU B 719 -7.18 23.91 25.16
CA LEU B 719 -8.20 24.94 25.34
C LEU B 719 -9.54 24.31 25.75
N PRO C 32 16.16 39.24 21.67
CA PRO C 32 15.16 39.86 22.55
C PRO C 32 15.08 39.16 23.91
N PRO C 33 14.85 39.92 24.97
CA PRO C 33 14.71 39.33 26.31
C PRO C 33 13.40 38.57 26.41
N PRO C 34 13.30 37.65 27.37
CA PRO C 34 12.03 36.91 27.55
C PRO C 34 10.92 37.82 28.03
N MET C 35 9.69 37.44 27.72
CA MET C 35 8.53 38.13 28.24
C MET C 35 8.44 38.00 29.76
N GLU C 36 8.73 36.81 30.27
CA GLU C 36 8.78 36.57 31.71
C GLU C 36 9.80 35.47 31.97
N SER C 37 10.57 35.63 33.03
CA SER C 37 11.61 34.64 33.32
C SER C 37 11.82 34.50 34.82
N PRO C 38 11.60 33.31 35.39
CA PRO C 38 11.90 33.10 36.81
C PRO C 38 13.39 33.01 37.10
N PHE C 39 14.25 32.93 36.08
CA PHE C 39 15.66 32.70 36.26
C PHE C 39 16.53 33.87 35.83
N GLN C 40 16.04 34.73 34.96
CA GLN C 40 16.79 35.87 34.44
C GLN C 40 16.12 37.17 34.93
N ARG C 41 16.92 38.04 35.54
CA ARG C 41 16.40 39.31 36.02
C ARG C 41 16.22 40.28 34.86
N GLU C 42 15.30 41.22 35.01
CA GLU C 42 15.00 42.18 33.97
C GLU C 42 16.18 43.11 33.70
N ASP C 43 16.30 43.55 32.46
CA ASP C 43 17.43 44.37 32.05
C ASP C 43 17.32 45.79 32.57
N ARG C 44 18.45 46.50 32.57
CA ARG C 44 18.51 47.92 32.91
C ARG C 44 19.06 48.75 31.77
N ASN C 45 18.86 48.33 30.53
CA ASN C 45 19.36 49.06 29.38
C ASN C 45 18.55 50.32 29.13
N ARG C 74 13.17 53.61 51.05
CA ARG C 74 13.50 53.45 49.64
C ARG C 74 12.74 52.28 49.03
N PHE C 75 12.16 52.51 47.84
CA PHE C 75 11.37 51.52 47.13
C PHE C 75 11.80 51.52 45.67
N ASP C 76 12.75 50.66 45.33
CA ASP C 76 13.33 50.62 44.00
C ASP C 76 12.58 49.62 43.11
N ARG C 77 13.13 49.38 41.93
CA ARG C 77 12.44 48.56 40.93
C ARG C 77 12.48 47.09 41.29
N ASP C 78 13.61 46.60 41.81
CA ASP C 78 13.74 45.19 42.15
C ASP C 78 12.82 44.77 43.28
N ARG C 79 12.70 45.58 44.33
CA ARG C 79 11.80 45.26 45.44
C ARG C 79 10.35 45.26 44.97
N LEU C 80 9.97 46.24 44.15
CA LEU C 80 8.61 46.31 43.62
C LEU C 80 8.30 45.11 42.74
N PHE C 81 9.25 44.72 41.89
CA PHE C 81 9.03 43.58 41.00
C PHE C 81 8.93 42.28 41.79
N SER C 82 9.75 42.12 42.85
CA SER C 82 9.65 40.94 43.69
C SER C 82 8.33 40.90 44.46
N VAL C 83 7.84 42.07 44.89
CA VAL C 83 6.58 42.13 45.63
C VAL C 83 5.41 41.76 44.71
N VAL C 84 5.38 42.34 43.50
CA VAL C 84 4.28 42.00 42.59
C VAL C 84 4.43 40.61 42.00
N SER C 85 5.63 40.02 42.05
CA SER C 85 5.77 38.62 41.69
C SER C 85 5.22 37.70 42.78
N ARG C 86 5.51 38.03 44.05
CA ARG C 86 4.99 37.24 45.15
C ARG C 86 3.47 37.41 45.29
N GLY C 87 2.98 38.61 45.05
CA GLY C 87 1.54 38.85 45.11
C GLY C 87 1.01 39.23 46.48
N VAL C 88 1.87 39.71 47.38
CA VAL C 88 1.45 40.13 48.72
C VAL C 88 1.22 41.64 48.68
N PRO C 89 0.00 42.12 48.89
CA PRO C 89 -0.25 43.56 48.74
C PRO C 89 0.26 44.40 49.88
N GLU C 90 0.47 43.83 51.07
CA GLU C 90 0.85 44.63 52.23
C GLU C 90 2.31 45.04 52.20
N GLU C 91 3.12 44.47 51.31
CA GLU C 91 4.50 44.91 51.17
C GLU C 91 4.64 46.12 50.26
N LEU C 92 3.54 46.64 49.73
CA LEU C 92 3.56 47.85 48.93
C LEU C 92 3.51 49.13 49.76
N THR C 93 3.47 49.01 51.08
CA THR C 93 3.42 50.19 51.95
C THR C 93 4.73 50.95 51.89
N GLY C 94 4.63 52.27 51.77
CA GLY C 94 5.79 53.13 51.61
C GLY C 94 6.16 53.43 50.18
N LEU C 95 5.56 52.74 49.20
CA LEU C 95 5.86 53.01 47.81
C LEU C 95 5.25 54.34 47.36
N LEU C 96 4.00 54.59 47.76
CA LEU C 96 3.32 55.81 47.38
C LEU C 96 3.99 57.04 47.99
N GLU C 97 4.41 56.92 49.26
CA GLU C 97 5.10 58.02 49.92
C GLU C 97 6.47 58.27 49.31
N TYR C 98 7.18 57.21 48.92
CA TYR C 98 8.47 57.37 48.24
C TYR C 98 8.29 58.05 46.89
N LEU C 99 7.25 57.67 46.15
CA LEU C 99 7.00 58.27 44.84
C LEU C 99 6.59 59.73 44.98
N ARG C 100 5.82 60.05 46.03
CA ARG C 100 5.44 61.45 46.26
C ARG C 100 6.64 62.28 46.71
N TRP C 101 7.54 61.68 47.50
CA TRP C 101 8.72 62.40 47.95
C TRP C 101 9.69 62.67 46.80
N ASN C 102 9.86 61.69 45.92
CA ASN C 102 10.80 61.86 44.80
C ASN C 102 10.14 62.40 43.55
N SER C 103 8.83 62.67 43.59
CA SER C 103 8.04 63.18 42.45
C SER C 103 8.15 62.25 41.25
N LYS C 104 8.14 60.95 41.48
CA LYS C 104 8.26 59.95 40.43
C LYS C 104 6.95 59.19 40.25
N TYR C 105 6.86 58.46 39.15
CA TYR C 105 5.67 57.72 38.77
C TYR C 105 6.06 56.29 38.42
N LEU C 106 5.09 55.38 38.50
CA LEU C 106 5.33 53.98 38.19
C LEU C 106 5.58 53.75 36.70
N THR C 107 5.14 54.66 35.83
CA THR C 107 5.37 54.53 34.41
C THR C 107 6.71 55.10 33.97
N ASP C 108 7.51 55.63 34.90
CA ASP C 108 8.80 56.20 34.56
C ASP C 108 9.79 55.11 34.18
N SER C 109 10.85 55.51 33.48
CA SER C 109 11.80 54.54 32.93
C SER C 109 12.62 53.86 34.02
N ALA C 110 12.70 54.47 35.20
CA ALA C 110 13.46 53.87 36.29
C ALA C 110 12.74 52.66 36.89
N TYR C 111 11.42 52.56 36.74
CA TYR C 111 10.63 51.48 37.32
C TYR C 111 10.21 50.44 36.29
N THR C 112 10.74 50.51 35.07
CA THR C 112 10.43 49.55 34.02
C THR C 112 11.68 48.79 33.61
N GLU C 113 11.47 47.73 32.85
CA GLU C 113 12.57 47.04 32.19
C GLU C 113 13.17 47.96 31.13
N GLY C 114 14.50 48.08 31.13
CA GLY C 114 15.14 49.04 30.25
C GLY C 114 15.00 48.71 28.77
N SER C 115 15.13 47.43 28.43
CA SER C 115 15.14 47.04 27.02
C SER C 115 13.74 47.09 26.40
N THR C 116 12.70 46.79 27.18
CA THR C 116 11.35 46.66 26.65
C THR C 116 10.39 47.75 27.10
N GLY C 117 10.60 48.33 28.27
CA GLY C 117 9.60 49.22 28.84
C GLY C 117 8.50 48.51 29.58
N LYS C 118 8.67 47.22 29.89
CA LYS C 118 7.69 46.47 30.65
C LYS C 118 7.58 47.00 32.07
N THR C 119 6.36 47.31 32.49
CA THR C 119 6.10 47.97 33.75
C THR C 119 5.80 46.96 34.85
N CYS C 120 5.53 47.48 36.04
CA CYS C 120 5.24 46.62 37.19
C CYS C 120 3.86 45.99 37.10
N LEU C 121 2.92 46.67 36.43
CA LEU C 121 1.58 46.09 36.26
C LEU C 121 1.61 44.88 35.36
N MET C 122 2.39 44.93 34.27
CA MET C 122 2.55 43.76 33.41
C MET C 122 3.27 42.64 34.15
N LYS C 123 4.20 42.98 35.04
CA LYS C 123 4.83 41.98 35.90
C LYS C 123 3.82 41.34 36.84
N ALA C 124 2.86 42.13 37.33
CA ALA C 124 1.83 41.59 38.21
C ALA C 124 0.88 40.67 37.46
N VAL C 125 0.47 41.05 36.25
CA VAL C 125 -0.43 40.20 35.47
C VAL C 125 0.29 38.95 34.96
N LEU C 126 1.60 39.04 34.70
CA LEU C 126 2.33 37.87 34.24
C LEU C 126 2.54 36.83 35.33
N ASN C 127 2.24 37.18 36.59
CA ASN C 127 2.40 36.28 37.73
C ASN C 127 1.07 36.05 38.44
N LEU C 128 0.02 35.77 37.68
CA LEU C 128 -1.27 35.47 38.26
C LEU C 128 -1.26 34.08 38.89
N GLN C 129 -1.72 33.98 40.13
CA GLN C 129 -1.87 32.72 40.82
C GLN C 129 -3.34 32.36 40.88
N ASP C 130 -3.72 31.29 40.17
CA ASP C 130 -5.12 30.85 40.02
C ASP C 130 -6.01 31.96 39.45
N GLY C 131 -5.46 32.74 38.52
CA GLY C 131 -6.21 33.78 37.85
C GLY C 131 -6.37 35.07 38.61
N VAL C 132 -5.76 35.21 39.78
CA VAL C 132 -5.90 36.41 40.60
C VAL C 132 -4.56 36.77 41.22
N ASN C 133 -4.20 38.05 41.10
CA ASN C 133 -3.02 38.61 41.75
C ASN C 133 -3.50 39.76 42.63
N ALA C 134 -3.22 39.68 43.93
CA ALA C 134 -3.75 40.65 44.87
C ALA C 134 -3.03 41.99 44.81
N CYS C 135 -1.92 42.08 44.08
CA CYS C 135 -1.15 43.31 44.04
C CYS C 135 -1.61 44.27 42.95
N ILE C 136 -2.63 43.90 42.16
CA ILE C 136 -2.99 44.70 41.00
C ILE C 136 -3.76 45.95 41.41
N MET C 137 -4.84 45.77 42.16
CA MET C 137 -5.66 46.91 42.60
C MET C 137 -4.92 47.90 43.50
N PRO C 138 -4.14 47.49 44.52
CA PRO C 138 -3.33 48.49 45.24
C PRO C 138 -2.31 49.20 44.37
N LEU C 139 -1.74 48.53 43.37
CA LEU C 139 -0.81 49.19 42.46
C LEU C 139 -1.50 50.27 41.64
N LEU C 140 -2.72 49.99 41.18
CA LEU C 140 -3.48 51.00 40.44
C LEU C 140 -3.90 52.14 41.36
N GLN C 141 -4.19 51.84 42.63
CA GLN C 141 -4.52 52.90 43.59
C GLN C 141 -3.31 53.79 43.84
N ILE C 142 -2.11 53.21 43.96
CA ILE C 142 -0.90 54.00 44.14
C ILE C 142 -0.62 54.83 42.91
N ASP C 143 -0.85 54.26 41.71
CA ASP C 143 -0.66 55.00 40.47
C ASP C 143 -1.62 56.18 40.36
N LYS C 144 -2.87 55.99 40.79
CA LYS C 144 -3.83 57.09 40.78
C LYS C 144 -3.47 58.15 41.81
N ASP C 145 -3.03 57.72 42.99
CA ASP C 145 -2.71 58.67 44.06
C ASP C 145 -1.40 59.41 43.82
N SER C 146 -0.57 58.92 42.89
CA SER C 146 0.71 59.58 42.61
C SER C 146 0.56 60.74 41.63
N GLY C 147 -0.63 60.99 41.10
CA GLY C 147 -0.81 62.05 40.13
C GLY C 147 -0.16 61.78 38.79
N ASN C 148 -0.20 60.54 38.33
CA ASN C 148 0.45 60.20 37.07
C ASN C 148 -0.45 60.64 35.90
N PRO C 149 0.03 61.51 35.00
CA PRO C 149 -0.78 61.87 33.84
C PRO C 149 -0.94 60.75 32.82
N LYS C 150 -0.06 59.75 32.84
CA LYS C 150 -0.18 58.57 31.98
C LYS C 150 -0.63 57.40 32.84
N LEU C 151 -1.77 56.82 32.50
CA LEU C 151 -2.31 55.73 33.31
C LEU C 151 -1.45 54.48 33.17
N LEU C 152 -1.30 53.75 34.28
CA LEU C 152 -0.47 52.54 34.26
C LEU C 152 -1.14 51.41 33.48
N VAL C 153 -2.47 51.43 33.38
CA VAL C 153 -3.19 50.39 32.65
C VAL C 153 -2.91 50.51 31.16
N ASN C 154 -2.68 51.72 30.65
CA ASN C 154 -2.47 51.95 29.23
C ASN C 154 -1.00 52.02 28.85
N ALA C 155 -0.09 51.72 29.76
CA ALA C 155 1.32 51.68 29.42
C ALA C 155 1.62 50.48 28.54
N GLN C 156 2.46 50.68 27.53
CA GLN C 156 2.77 49.64 26.56
C GLN C 156 4.29 49.48 26.45
N CYS C 157 4.70 48.29 26.04
CA CYS C 157 6.12 48.04 25.82
C CYS C 157 6.61 48.78 24.59
N THR C 158 7.89 49.16 24.60
CA THR C 158 8.45 50.05 23.59
C THR C 158 9.49 49.41 22.69
N ASP C 159 9.94 48.19 22.98
CA ASP C 159 10.95 47.55 22.15
C ASP C 159 10.35 47.10 20.82
N GLU C 160 11.22 46.79 19.87
CA GLU C 160 10.77 46.45 18.52
C GLU C 160 10.13 45.07 18.47
N PHE C 161 10.36 44.23 19.47
CA PHE C 161 9.84 42.87 19.45
C PHE C 161 8.44 42.80 20.08
N TYR C 162 8.24 43.51 21.19
CA TYR C 162 6.97 43.49 21.90
C TYR C 162 6.25 44.83 21.86
N GLN C 163 6.33 45.56 20.75
CA GLN C 163 5.79 46.92 20.70
C GLN C 163 4.28 46.93 20.80
N GLY C 164 3.76 47.78 21.68
CA GLY C 164 2.34 47.91 21.90
C GLY C 164 1.74 46.89 22.84
N HIS C 165 2.53 45.99 23.39
CA HIS C 165 2.02 44.98 24.31
C HIS C 165 1.61 45.62 25.63
N SER C 166 0.41 45.29 26.10
CA SER C 166 -0.15 45.90 27.29
C SER C 166 -0.59 44.83 28.26
N ALA C 167 -1.03 45.26 29.44
CA ALA C 167 -1.42 44.32 30.49
C ALA C 167 -2.76 43.65 30.18
N LEU C 168 -3.61 44.30 29.38
CA LEU C 168 -4.88 43.70 29.01
C LEU C 168 -4.68 42.50 28.10
N HIS C 169 -3.70 42.56 27.20
CA HIS C 169 -3.35 41.41 26.37
C HIS C 169 -2.87 40.24 27.22
N ILE C 170 -2.07 40.53 28.26
CA ILE C 170 -1.58 39.47 29.14
C ILE C 170 -2.72 38.88 29.95
N ALA C 171 -3.65 39.73 30.40
CA ALA C 171 -4.80 39.24 31.16
C ALA C 171 -5.69 38.36 30.31
N ILE C 172 -5.87 38.72 29.04
CA ILE C 172 -6.68 37.89 28.15
C ILE C 172 -5.97 36.58 27.84
N GLU C 173 -4.66 36.64 27.58
CA GLU C 173 -3.91 35.43 27.23
C GLU C 173 -3.80 34.47 28.41
N LYS C 174 -3.76 35.01 29.63
CA LYS C 174 -3.77 34.17 30.83
C LYS C 174 -5.15 33.63 31.17
N ARG C 175 -6.18 33.97 30.36
CA ARG C 175 -7.55 33.48 30.51
C ARG C 175 -8.15 33.84 31.87
N SER C 176 -7.86 35.04 32.35
CA SER C 176 -8.35 35.51 33.64
C SER C 176 -9.40 36.58 33.39
N LEU C 177 -10.68 36.16 33.41
CA LEU C 177 -11.77 37.09 33.19
C LEU C 177 -11.89 38.09 34.33
N GLN C 178 -11.55 37.68 35.56
CA GLN C 178 -11.56 38.59 36.69
C GLN C 178 -10.54 39.71 36.51
N CYS C 179 -9.34 39.38 36.04
CA CYS C 179 -8.33 40.40 35.80
C CYS C 179 -8.70 41.30 34.64
N VAL C 180 -9.35 40.75 33.62
CA VAL C 180 -9.82 41.56 32.49
C VAL C 180 -10.87 42.56 32.97
N LYS C 181 -11.81 42.10 33.79
CA LYS C 181 -12.83 43.00 34.36
C LYS C 181 -12.20 44.06 35.24
N LEU C 182 -11.20 43.66 36.04
CA LEU C 182 -10.53 44.60 36.94
C LEU C 182 -9.78 45.67 36.16
N LEU C 183 -9.16 45.28 35.04
CA LEU C 183 -8.43 46.25 34.22
C LEU C 183 -9.39 47.17 33.47
N VAL C 184 -10.49 46.62 32.96
CA VAL C 184 -11.46 47.42 32.20
C VAL C 184 -12.16 48.43 33.12
N GLU C 185 -12.48 48.01 34.36
CA GLU C 185 -13.14 48.89 35.30
C GLU C 185 -12.29 50.09 35.69
N ASN C 186 -10.97 49.97 35.58
CA ASN C 186 -10.05 51.05 35.95
C ASN C 186 -9.53 51.83 34.74
N GLY C 187 -10.11 51.65 33.56
CA GLY C 187 -9.81 52.50 32.43
C GLY C 187 -8.81 51.96 31.45
N ALA C 188 -8.76 50.65 31.24
CA ALA C 188 -7.88 50.09 30.22
C ALA C 188 -8.47 50.32 28.84
N ASP C 189 -7.65 50.84 27.94
CA ASP C 189 -8.06 51.03 26.55
C ASP C 189 -8.12 49.68 25.87
N VAL C 190 -9.28 49.35 25.31
CA VAL C 190 -9.52 48.03 24.73
C VAL C 190 -9.17 48.04 23.25
N HIS C 191 -8.56 49.11 22.77
CA HIS C 191 -8.17 49.24 21.37
C HIS C 191 -6.69 49.47 21.20
N LEU C 192 -5.88 49.16 22.20
CA LEU C 192 -4.43 49.20 22.05
C LEU C 192 -3.97 48.03 21.20
N ARG C 193 -3.05 48.30 20.29
CA ARG C 193 -2.60 47.33 19.30
C ARG C 193 -1.21 46.84 19.67
N ALA C 194 -1.07 45.54 19.87
CA ALA C 194 0.22 44.90 20.05
C ALA C 194 0.84 44.69 18.68
N CYS C 195 1.73 45.59 18.28
CA CYS C 195 2.25 45.60 16.92
C CYS C 195 3.74 45.35 16.81
N GLY C 196 4.33 44.61 17.75
CA GLY C 196 5.74 44.29 17.66
C GLY C 196 6.00 43.16 16.68
N ARG C 197 7.29 42.82 16.54
CA ARG C 197 7.70 41.75 15.64
C ARG C 197 7.24 40.38 16.14
N PHE C 198 7.09 40.21 17.46
CA PHE C 198 6.55 38.96 17.99
C PHE C 198 5.09 38.79 17.61
N PHE C 199 4.36 39.88 17.45
CA PHE C 199 2.94 39.82 17.14
C PHE C 199 2.63 39.89 15.65
N GLN C 200 3.65 40.04 14.81
CA GLN C 200 3.44 39.98 13.37
C GLN C 200 3.43 38.53 12.90
N LYS C 201 3.06 38.34 11.64
CA LYS C 201 3.01 37.02 11.04
C LYS C 201 4.25 36.81 10.17
N HIS C 202 5.09 35.86 10.56
CA HIS C 202 6.26 35.49 9.78
C HIS C 202 6.64 34.07 10.15
N GLN C 203 7.76 33.61 9.58
CA GLN C 203 8.16 32.22 9.76
C GLN C 203 8.95 31.97 11.04
N GLY C 204 9.26 33.02 11.80
CA GLY C 204 10.01 32.87 13.04
C GLY C 204 9.11 32.60 14.23
N THR C 205 9.66 32.81 15.41
CA THR C 205 8.90 32.68 16.65
C THR C 205 7.96 33.86 16.78
N CYS C 206 6.67 33.62 16.60
CA CYS C 206 5.69 34.70 16.58
C CYS C 206 4.33 34.15 16.92
N PHE C 207 3.41 35.06 17.27
CA PHE C 207 2.01 34.72 17.51
C PHE C 207 1.18 35.87 16.93
N TYR C 208 0.71 35.70 15.71
CA TYR C 208 -0.23 36.65 15.13
C TYR C 208 -1.65 36.25 15.49
N PHE C 209 -2.40 37.21 16.05
CA PHE C 209 -3.79 37.01 16.39
C PHE C 209 -4.63 38.21 15.98
N GLY C 210 -4.16 38.98 15.00
CA GLY C 210 -4.54 40.38 14.96
C GLY C 210 -3.61 41.14 15.88
N GLU C 211 -4.06 42.31 16.33
CA GLU C 211 -3.28 43.08 17.29
C GLU C 211 -4.10 43.59 18.46
N LEU C 212 -5.40 43.51 18.41
CA LEU C 212 -6.38 44.06 19.32
C LEU C 212 -6.75 43.04 20.40
N PRO C 213 -7.14 43.52 21.58
CA PRO C 213 -7.59 42.60 22.65
C PRO C 213 -8.79 41.74 22.28
N LEU C 214 -9.74 42.28 21.52
CA LEU C 214 -10.90 41.49 21.11
C LEU C 214 -10.51 40.38 20.14
N SER C 215 -9.58 40.69 19.22
CA SER C 215 -9.08 39.66 18.30
C SER C 215 -8.28 38.61 19.04
N LEU C 216 -7.55 39.01 20.10
CA LEU C 216 -6.85 38.05 20.94
C LEU C 216 -7.83 37.14 21.68
N ALA C 217 -8.90 37.71 22.20
CA ALA C 217 -9.90 36.91 22.91
C ALA C 217 -10.63 35.97 21.97
N ALA C 218 -10.84 36.39 20.72
CA ALA C 218 -11.51 35.53 19.76
C ALA C 218 -10.58 34.40 19.29
N CYS C 219 -9.31 34.71 19.04
CA CYS C 219 -8.40 33.72 18.51
C CYS C 219 -8.00 32.68 19.55
N THR C 220 -8.19 32.97 20.82
CA THR C 220 -7.88 32.03 21.89
C THR C 220 -9.08 31.29 22.43
N LYS C 221 -10.25 31.45 21.78
CA LYS C 221 -11.51 30.75 22.12
C LYS C 221 -11.93 31.07 23.57
N GLN C 222 -12.26 32.35 23.77
CA GLN C 222 -12.69 32.85 25.07
C GLN C 222 -14.01 33.60 24.84
N TRP C 223 -15.12 32.89 24.98
CA TRP C 223 -16.43 33.48 24.69
C TRP C 223 -16.82 34.49 25.77
N ASP C 224 -16.50 34.20 27.03
CA ASP C 224 -16.86 35.10 28.12
C ASP C 224 -16.09 36.42 28.01
N VAL C 225 -14.81 36.34 27.64
CA VAL C 225 -14.00 37.54 27.50
C VAL C 225 -14.47 38.37 26.32
N VAL C 226 -14.83 37.70 25.21
CA VAL C 226 -15.36 38.39 24.04
C VAL C 226 -16.67 39.09 24.39
N THR C 227 -17.55 38.39 25.11
CA THR C 227 -18.85 38.95 25.48
C THR C 227 -18.68 40.13 26.42
N TYR C 228 -17.74 40.04 27.37
CA TYR C 228 -17.51 41.15 28.28
C TYR C 228 -16.90 42.34 27.55
N LEU C 229 -15.96 42.10 26.63
CA LEU C 229 -15.31 43.19 25.92
C LEU C 229 -16.27 43.88 24.97
N LEU C 230 -17.25 43.15 24.44
CA LEU C 230 -18.14 43.72 23.44
C LEU C 230 -19.20 44.63 24.06
N GLU C 231 -19.63 44.36 25.31
CA GLU C 231 -20.74 45.12 25.86
C GLU C 231 -20.56 45.48 27.34
N ASN C 232 -19.32 45.75 27.76
CA ASN C 232 -19.13 46.30 29.09
C ASN C 232 -19.56 47.77 29.11
N PRO C 233 -20.10 48.24 30.24
CA PRO C 233 -20.52 49.65 30.30
C PRO C 233 -19.39 50.65 30.42
N HIS C 234 -18.16 50.20 30.67
CA HIS C 234 -17.05 51.13 30.83
C HIS C 234 -16.48 51.55 29.48
N GLN C 235 -16.05 50.59 28.67
CA GLN C 235 -15.51 50.87 27.35
C GLN C 235 -15.68 49.64 26.46
N PRO C 236 -16.76 49.56 25.69
CA PRO C 236 -16.99 48.38 24.85
C PRO C 236 -16.08 48.36 23.64
N ALA C 237 -15.57 47.16 23.32
CA ALA C 237 -14.75 46.99 22.13
C ALA C 237 -15.63 46.98 20.89
N SER C 238 -15.03 47.39 19.77
CA SER C 238 -15.73 47.51 18.51
C SER C 238 -15.32 46.38 17.58
N LEU C 239 -16.30 45.74 16.94
CA LEU C 239 -16.00 44.71 15.95
C LEU C 239 -15.42 45.31 14.66
N GLU C 240 -15.61 46.60 14.44
CA GLU C 240 -15.07 47.28 13.27
C GLU C 240 -13.64 47.73 13.45
N ALA C 241 -13.05 47.53 14.63
CA ALA C 241 -11.70 47.97 14.88
C ALA C 241 -10.70 47.15 14.06
N THR C 242 -9.70 47.82 13.52
CA THR C 242 -8.74 47.21 12.61
C THR C 242 -7.34 47.29 13.20
N ASP C 243 -6.51 46.32 12.84
CA ASP C 243 -5.12 46.29 13.24
C ASP C 243 -4.26 47.14 12.30
N SER C 244 -2.94 46.99 12.42
CA SER C 244 -2.02 47.77 11.60
C SER C 244 -2.08 47.40 10.12
N LEU C 245 -2.54 46.19 9.80
CA LEU C 245 -2.73 45.76 8.42
C LEU C 245 -4.14 46.02 7.91
N GLY C 246 -4.98 46.68 8.70
CA GLY C 246 -6.38 46.84 8.35
C GLY C 246 -7.24 45.64 8.63
N ASN C 247 -6.69 44.62 9.27
CA ASN C 247 -7.43 43.40 9.54
C ASN C 247 -8.39 43.58 10.71
N THR C 248 -9.64 43.15 10.52
CA THR C 248 -10.58 43.10 11.63
C THR C 248 -10.48 41.75 12.32
N VAL C 249 -11.43 41.47 13.22
CA VAL C 249 -11.40 40.22 13.96
C VAL C 249 -11.74 39.03 13.05
N LEU C 250 -12.58 39.26 12.03
CA LEU C 250 -12.88 38.20 11.07
C LEU C 250 -11.68 37.93 10.17
N HIS C 251 -10.95 38.98 9.78
CA HIS C 251 -9.71 38.81 9.04
C HIS C 251 -8.70 38.04 9.87
N ALA C 252 -8.61 38.35 11.17
CA ALA C 252 -7.68 37.67 12.06
C ALA C 252 -8.04 36.20 12.23
N LEU C 253 -9.34 35.90 12.29
CA LEU C 253 -9.77 34.51 12.36
C LEU C 253 -9.43 33.76 11.07
N VAL C 254 -9.55 34.45 9.92
CA VAL C 254 -9.11 33.85 8.66
C VAL C 254 -7.59 33.63 8.67
N MET C 255 -6.85 34.56 9.28
CA MET C 255 -5.40 34.46 9.34
C MET C 255 -4.92 33.27 10.16
N ILE C 256 -5.55 33.02 11.30
CA ILE C 256 -5.09 31.97 12.20
C ILE C 256 -5.75 30.65 11.81
N ALA C 257 -6.51 30.64 10.72
CA ALA C 257 -7.21 29.44 10.30
C ALA C 257 -6.23 28.45 9.68
N ASP C 258 -6.37 27.19 10.08
CA ASP C 258 -5.67 26.08 9.45
C ASP C 258 -6.70 25.12 8.86
N ASN C 259 -6.24 24.22 8.02
CA ASN C 259 -7.12 23.29 7.33
C ASN C 259 -7.33 22.00 8.11
N SER C 260 -6.76 21.88 9.30
CA SER C 260 -7.05 20.76 10.17
C SER C 260 -8.48 20.88 10.70
N PRO C 261 -9.13 19.74 10.98
CA PRO C 261 -10.55 19.79 11.41
C PRO C 261 -10.81 20.54 12.71
N GLU C 262 -9.91 20.43 13.69
CA GLU C 262 -10.14 21.08 14.98
C GLU C 262 -9.99 22.59 14.86
N ASN C 263 -8.92 23.05 14.20
CA ASN C 263 -8.70 24.47 13.98
C ASN C 263 -9.81 25.08 13.13
N SER C 264 -10.26 24.34 12.10
CA SER C 264 -11.34 24.84 11.26
C SER C 264 -12.65 24.92 12.02
N ALA C 265 -12.92 23.95 12.90
CA ALA C 265 -14.13 24.00 13.71
C ALA C 265 -14.10 25.17 14.67
N LEU C 266 -12.94 25.42 15.30
CA LEU C 266 -12.80 26.57 16.20
C LEU C 266 -13.00 27.89 15.44
N VAL C 267 -12.39 28.02 14.26
CA VAL C 267 -12.48 29.26 13.50
C VAL C 267 -13.91 29.48 13.01
N ILE C 268 -14.57 28.40 12.57
CA ILE C 268 -15.95 28.51 12.07
C ILE C 268 -16.90 28.88 13.18
N HIS C 269 -16.75 28.26 14.36
CA HIS C 269 -17.60 28.59 15.50
C HIS C 269 -17.41 30.04 15.94
N MET C 270 -16.15 30.48 16.03
CA MET C 270 -15.86 31.86 16.43
C MET C 270 -16.40 32.85 15.41
N TYR C 271 -16.21 32.57 14.12
CA TYR C 271 -16.65 33.43 13.05
C TYR C 271 -18.17 33.59 13.04
N ASP C 272 -18.89 32.46 13.15
CA ASP C 272 -20.35 32.50 13.13
C ASP C 272 -20.89 33.21 14.37
N GLY C 273 -20.31 32.95 15.54
CA GLY C 273 -20.77 33.63 16.74
C GLY C 273 -20.53 35.12 16.71
N LEU C 274 -19.36 35.54 16.20
CA LEU C 274 -19.07 36.96 16.11
C LEU C 274 -19.96 37.65 15.08
N LEU C 275 -20.27 36.96 13.98
CA LEU C 275 -21.18 37.53 12.99
C LEU C 275 -22.59 37.67 13.56
N GLN C 276 -23.04 36.68 14.32
CA GLN C 276 -24.36 36.74 14.94
C GLN C 276 -24.43 37.82 16.01
N MET C 277 -23.33 38.04 16.74
CA MET C 277 -23.34 39.14 17.71
C MET C 277 -23.22 40.49 17.04
N GLY C 278 -22.55 40.55 15.88
CA GLY C 278 -22.53 41.79 15.12
C GLY C 278 -23.86 42.13 14.50
N ALA C 279 -24.69 41.10 14.28
CA ALA C 279 -26.07 41.34 13.87
C ALA C 279 -26.89 42.03 14.96
N ARG C 280 -26.46 41.94 16.22
CA ARG C 280 -27.13 42.59 17.33
C ARG C 280 -26.51 43.94 17.70
N LEU C 281 -25.19 43.98 17.89
CA LEU C 281 -24.50 45.17 18.37
C LEU C 281 -24.40 46.26 17.32
N CYS C 282 -24.06 45.91 16.08
CA CYS C 282 -24.00 46.87 14.97
C CYS C 282 -24.78 46.32 13.78
N PRO C 283 -26.11 46.39 13.83
CA PRO C 283 -26.92 45.76 12.77
C PRO C 283 -26.80 46.43 11.42
N THR C 284 -26.50 47.73 11.38
CA THR C 284 -26.39 48.45 10.12
C THR C 284 -25.00 48.34 9.49
N VAL C 285 -24.08 47.64 10.13
CA VAL C 285 -22.70 47.53 9.65
C VAL C 285 -22.52 46.18 8.99
N GLN C 286 -22.06 46.19 7.73
CA GLN C 286 -21.69 44.96 7.02
C GLN C 286 -20.26 44.61 7.41
N LEU C 287 -20.14 43.66 8.35
CA LEU C 287 -18.83 43.30 8.89
C LEU C 287 -17.98 42.57 7.87
N GLU C 288 -18.60 41.76 7.01
CA GLU C 288 -17.87 41.01 6.01
C GLU C 288 -17.52 41.82 4.77
N GLU C 289 -18.02 43.05 4.67
CA GLU C 289 -17.68 43.92 3.56
C GLU C 289 -16.51 44.84 3.86
N ILE C 290 -15.91 44.73 5.05
CA ILE C 290 -14.78 45.58 5.40
C ILE C 290 -13.52 45.02 4.74
N SER C 291 -12.78 45.88 4.06
CA SER C 291 -11.56 45.50 3.37
C SER C 291 -10.35 45.99 4.16
N ASN C 292 -9.28 45.20 4.16
CA ASN C 292 -8.05 45.60 4.81
C ASN C 292 -7.22 46.48 3.88
N HIS C 293 -5.94 46.69 4.24
CA HIS C 293 -5.07 47.55 3.45
C HIS C 293 -4.72 46.95 2.10
N GLN C 294 -4.88 45.64 1.92
CA GLN C 294 -4.72 45.01 0.62
C GLN C 294 -6.00 45.05 -0.21
N GLY C 295 -7.09 45.58 0.33
CA GLY C 295 -8.36 45.57 -0.36
C GLY C 295 -9.12 44.27 -0.27
N LEU C 296 -8.76 43.39 0.67
CA LEU C 296 -9.39 42.08 0.75
C LEU C 296 -10.44 42.03 1.85
N THR C 297 -11.59 41.47 1.52
CA THR C 297 -12.60 41.07 2.49
C THR C 297 -12.17 39.75 3.12
N PRO C 298 -12.82 39.33 4.23
CA PRO C 298 -12.47 38.00 4.79
C PRO C 298 -12.65 36.84 3.82
N LEU C 299 -13.64 36.89 2.94
CA LEU C 299 -13.78 35.86 1.91
C LEU C 299 -12.62 35.91 0.92
N LYS C 300 -12.25 37.11 0.47
CA LYS C 300 -11.13 37.25 -0.45
C LYS C 300 -9.81 36.91 0.23
N LEU C 301 -9.69 37.21 1.51
CA LEU C 301 -8.49 36.84 2.25
C LEU C 301 -8.38 35.33 2.41
N ALA C 302 -9.51 34.66 2.65
CA ALA C 302 -9.50 33.21 2.72
C ALA C 302 -9.18 32.59 1.37
N ALA C 303 -9.63 33.23 0.29
CA ALA C 303 -9.31 32.74 -1.05
C ALA C 303 -7.83 32.92 -1.36
N LYS C 304 -7.23 34.02 -0.87
CA LYS C 304 -5.83 34.30 -1.18
C LYS C 304 -4.89 33.40 -0.39
N GLU C 305 -5.23 33.11 0.87
CA GLU C 305 -4.33 32.36 1.73
C GLU C 305 -4.52 30.86 1.64
N GLY C 306 -5.46 30.38 0.82
CA GLY C 306 -5.66 28.95 0.69
C GLY C 306 -6.35 28.29 1.85
N LYS C 307 -7.07 29.07 2.67
CA LYS C 307 -7.78 28.53 3.83
C LYS C 307 -9.09 27.93 3.35
N ILE C 308 -9.01 26.66 2.91
CA ILE C 308 -10.08 26.04 2.13
C ILE C 308 -11.33 25.82 2.97
N GLU C 309 -11.17 25.47 4.25
CA GLU C 309 -12.32 25.12 5.08
C GLU C 309 -13.19 26.34 5.39
N ILE C 310 -12.57 27.43 5.85
CA ILE C 310 -13.36 28.62 6.17
C ILE C 310 -13.85 29.29 4.89
N PHE C 311 -13.11 29.14 3.78
CA PHE C 311 -13.58 29.64 2.49
C PHE C 311 -14.85 28.90 2.06
N ARG C 312 -14.86 27.57 2.21
CA ARG C 312 -16.05 26.79 1.89
C ARG C 312 -17.21 27.13 2.82
N HIS C 313 -16.91 27.37 4.10
CA HIS C 313 -17.97 27.68 5.06
C HIS C 313 -18.61 29.04 4.76
N ILE C 314 -17.79 30.05 4.48
CA ILE C 314 -18.32 31.38 4.17
C ILE C 314 -19.06 31.35 2.83
N LEU C 315 -18.51 30.62 1.86
CA LEU C 315 -19.06 30.61 0.50
C LEU C 315 -20.42 29.92 0.45
N GLN C 316 -20.65 28.95 1.33
CA GLN C 316 -21.87 28.16 1.33
C GLN C 316 -22.67 28.34 2.62
N ARG C 317 -22.59 29.50 3.26
CA ARG C 317 -23.20 29.71 4.56
C ARG C 317 -24.72 29.83 4.44
N GLU C 318 -25.43 29.15 5.33
CA GLU C 318 -26.88 29.15 5.32
C GLU C 318 -27.41 29.16 6.75
N PHE C 319 -28.36 30.04 7.02
CA PHE C 319 -29.03 30.13 8.31
C PHE C 319 -30.54 30.14 8.09
N SER C 320 -31.27 29.68 9.10
CA SER C 320 -32.72 29.58 9.04
C SER C 320 -33.35 30.42 10.15
N GLY C 321 -34.49 31.03 9.85
CA GLY C 321 -35.19 31.86 10.81
C GLY C 321 -34.46 33.16 11.05
N PRO C 322 -34.05 33.38 12.31
CA PRO C 322 -33.16 34.51 12.59
C PRO C 322 -31.79 34.28 11.99
N TYR C 323 -31.06 35.39 11.78
CA TYR C 323 -29.75 35.44 11.13
C TYR C 323 -29.79 34.96 9.69
N GLN C 324 -30.99 34.90 9.10
CA GLN C 324 -31.14 34.58 7.68
C GLN C 324 -30.48 35.59 6.73
N PRO C 325 -30.48 36.92 6.98
CA PRO C 325 -29.70 37.81 6.11
C PRO C 325 -28.20 37.57 6.15
N LEU C 326 -27.68 36.86 7.16
CA LEU C 326 -26.26 36.51 7.19
C LEU C 326 -25.92 35.34 6.28
N SER C 327 -26.91 34.72 5.65
CA SER C 327 -26.66 33.59 4.77
C SER C 327 -26.14 34.05 3.41
N ARG C 328 -25.32 33.20 2.80
CA ARG C 328 -24.93 33.37 1.40
C ARG C 328 -25.50 32.29 0.50
N LYS C 329 -26.05 31.23 1.08
CA LYS C 329 -26.72 30.16 0.35
C LYS C 329 -28.17 30.10 0.79
N PHE C 330 -29.09 30.07 -0.17
CA PHE C 330 -30.52 30.06 0.10
C PHE C 330 -31.15 28.88 -0.62
N THR C 331 -31.68 27.93 0.15
CA THR C 331 -32.36 26.78 -0.44
C THR C 331 -33.67 27.22 -1.08
N GLU C 332 -33.91 26.78 -2.31
CA GLU C 332 -35.09 27.17 -3.06
C GLU C 332 -36.18 26.11 -3.00
N TRP C 333 -35.89 24.90 -3.47
CA TRP C 333 -36.83 23.80 -3.37
C TRP C 333 -36.09 22.47 -3.40
N CYS C 334 -36.75 21.45 -2.87
CA CYS C 334 -36.22 20.10 -2.84
C CYS C 334 -37.28 19.12 -3.31
N TYR C 335 -36.82 18.05 -3.98
CA TYR C 335 -37.72 16.98 -4.43
C TYR C 335 -36.90 15.70 -4.50
N GLY C 336 -37.00 14.88 -3.47
CA GLY C 336 -36.20 13.68 -3.37
C GLY C 336 -34.73 14.00 -3.20
N PRO C 337 -33.89 13.39 -4.03
CA PRO C 337 -32.44 13.68 -3.97
C PRO C 337 -32.04 14.97 -4.66
N VAL C 338 -32.98 15.75 -5.18
CA VAL C 338 -32.69 17.00 -5.88
C VAL C 338 -32.82 18.16 -4.92
N ARG C 339 -31.77 18.95 -4.80
CA ARG C 339 -31.76 20.16 -3.99
C ARG C 339 -31.36 21.33 -4.87
N VAL C 340 -32.17 22.38 -4.89
CA VAL C 340 -31.92 23.57 -5.69
C VAL C 340 -31.72 24.75 -4.74
N SER C 341 -30.62 25.46 -4.91
CA SER C 341 -30.24 26.54 -4.00
C SER C 341 -29.81 27.76 -4.79
N LEU C 342 -29.90 28.91 -4.13
CA LEU C 342 -29.39 30.17 -4.65
C LEU C 342 -28.14 30.57 -3.90
N TYR C 343 -27.11 30.97 -4.63
CA TYR C 343 -25.82 31.31 -4.05
C TYR C 343 -25.52 32.78 -4.29
N ASP C 344 -25.10 33.48 -3.24
CA ASP C 344 -24.71 34.88 -3.36
C ASP C 344 -23.44 35.00 -4.21
N LEU C 345 -23.51 35.83 -5.24
CA LEU C 345 -22.39 36.03 -6.15
C LEU C 345 -21.63 37.33 -5.86
N SER C 346 -21.90 37.97 -4.73
CA SER C 346 -21.18 39.19 -4.39
C SER C 346 -19.73 38.87 -4.09
N SER C 347 -18.82 39.63 -4.70
CA SER C 347 -17.36 39.52 -4.63
C SER C 347 -16.84 38.20 -5.21
N VAL C 348 -17.68 37.40 -5.87
CA VAL C 348 -17.27 36.11 -6.42
C VAL C 348 -17.18 36.16 -7.94
N ASP C 349 -18.17 36.79 -8.57
CA ASP C 349 -18.24 36.83 -10.02
C ASP C 349 -17.11 37.68 -10.60
N SER C 350 -16.54 37.22 -11.71
CA SER C 350 -15.38 37.87 -12.33
C SER C 350 -15.74 39.15 -13.06
N TRP C 351 -17.03 39.49 -13.15
CA TRP C 351 -17.43 40.80 -13.68
C TRP C 351 -16.88 41.94 -12.83
N GLU C 352 -16.75 41.72 -11.53
CA GLU C 352 -16.20 42.73 -10.62
C GLU C 352 -14.69 42.63 -10.59
N LYS C 353 -14.03 43.77 -10.45
CA LYS C 353 -12.58 43.80 -10.32
C LYS C 353 -12.15 43.18 -8.99
N ASN C 354 -11.02 42.45 -9.02
CA ASN C 354 -10.43 41.80 -7.86
C ASN C 354 -11.40 40.82 -7.19
N SER C 355 -11.92 39.88 -7.97
CA SER C 355 -12.91 38.95 -7.48
C SER C 355 -12.24 37.71 -6.87
N VAL C 356 -13.07 36.84 -6.31
CA VAL C 356 -12.59 35.60 -5.70
C VAL C 356 -11.96 34.69 -6.75
N LEU C 357 -12.58 34.62 -7.93
CA LEU C 357 -12.05 33.78 -9.01
C LEU C 357 -10.69 34.27 -9.49
N GLU C 358 -10.56 35.59 -9.66
CA GLU C 358 -9.28 36.17 -10.07
C GLU C 358 -8.21 35.96 -9.01
N ILE C 359 -8.59 36.08 -7.74
CA ILE C 359 -7.64 35.90 -6.64
C ILE C 359 -7.16 34.45 -6.59
N ILE C 360 -8.09 33.51 -6.75
CA ILE C 360 -7.71 32.08 -6.74
C ILE C 360 -6.82 31.75 -7.93
N ALA C 361 -7.16 32.28 -9.11
CA ALA C 361 -6.42 31.91 -10.32
C ALA C 361 -5.03 32.54 -10.33
N PHE C 362 -4.92 33.83 -10.00
CA PHE C 362 -3.70 34.57 -10.25
C PHE C 362 -3.01 35.15 -9.02
N HIS C 363 -3.66 35.16 -7.85
CA HIS C 363 -3.06 35.75 -6.67
C HIS C 363 -2.73 34.74 -5.57
N CYS C 364 -3.32 33.55 -5.60
CA CYS C 364 -3.10 32.57 -4.54
C CYS C 364 -1.83 31.77 -4.82
N LYS C 365 -1.04 31.54 -3.78
CA LYS C 365 0.18 30.75 -3.88
C LYS C 365 0.02 29.33 -3.32
N SER C 366 -1.12 29.03 -2.72
CA SER C 366 -1.26 27.80 -1.95
C SER C 366 -1.40 26.60 -2.88
N PRO C 367 -0.97 25.41 -2.45
CA PRO C 367 -1.07 24.24 -3.33
C PRO C 367 -2.49 23.72 -3.55
N ASN C 368 -3.45 24.12 -2.73
CA ASN C 368 -4.82 23.65 -2.88
C ASN C 368 -5.70 24.63 -3.65
N ARG C 369 -5.14 25.32 -4.65
CA ARG C 369 -5.94 26.19 -5.50
C ARG C 369 -6.95 25.39 -6.31
N HIS C 370 -6.55 24.18 -6.75
CA HIS C 370 -7.43 23.37 -7.57
C HIS C 370 -8.58 22.78 -6.75
N ARG C 371 -8.45 22.74 -5.43
CA ARG C 371 -9.55 22.27 -4.59
C ARG C 371 -10.59 23.36 -4.38
N MET C 372 -10.22 24.62 -4.55
CA MET C 372 -11.19 25.70 -4.35
C MET C 372 -12.14 25.83 -5.53
N VAL C 373 -11.64 25.62 -6.75
CA VAL C 373 -12.44 25.86 -7.94
C VAL C 373 -13.49 24.79 -8.19
N VAL C 374 -13.44 23.67 -7.46
CA VAL C 374 -14.43 22.61 -7.61
C VAL C 374 -15.54 22.71 -6.58
N LEU C 375 -15.51 23.73 -5.72
CA LEU C 375 -16.58 23.96 -4.78
C LEU C 375 -17.72 24.75 -5.42
N GLU C 376 -18.93 24.50 -4.94
CA GLU C 376 -20.05 25.27 -5.43
C GLU C 376 -20.14 26.60 -4.69
N PRO C 377 -20.56 27.68 -5.37
CA PRO C 377 -21.06 27.79 -6.75
C PRO C 377 -19.97 28.04 -7.78
N LEU C 378 -18.69 27.91 -7.40
CA LEU C 378 -17.60 28.24 -8.31
C LEU C 378 -17.53 27.26 -9.48
N ASN C 379 -17.81 25.98 -9.20
CA ASN C 379 -17.72 24.94 -10.21
C ASN C 379 -18.71 25.15 -11.34
N LYS C 380 -19.99 25.37 -10.99
CA LYS C 380 -21.02 25.55 -12.01
C LYS C 380 -20.83 26.87 -12.75
N LEU C 381 -20.43 27.92 -12.04
CA LEU C 381 -20.19 29.22 -12.67
C LEU C 381 -19.07 29.14 -13.70
N LEU C 382 -17.97 28.48 -13.34
CA LEU C 382 -16.87 28.30 -14.29
C LEU C 382 -17.30 27.37 -15.43
N GLN C 383 -18.21 26.42 -15.16
CA GLN C 383 -18.69 25.54 -16.22
C GLN C 383 -19.50 26.30 -17.26
N GLU C 384 -20.42 27.18 -16.83
CA GLU C 384 -21.17 27.98 -17.80
C GLU C 384 -20.26 28.96 -18.53
N LYS C 385 -19.27 29.52 -17.84
CA LYS C 385 -18.31 30.39 -18.52
C LYS C 385 -17.52 29.64 -19.59
N TRP C 386 -17.10 28.40 -19.29
CA TRP C 386 -16.38 27.60 -20.28
C TRP C 386 -17.28 27.20 -21.44
N ASP C 387 -18.54 26.87 -21.15
CA ASP C 387 -19.47 26.54 -22.21
C ASP C 387 -19.74 27.74 -23.11
N ARG C 388 -19.66 28.95 -22.55
CA ARG C 388 -19.80 30.15 -23.36
C ARG C 388 -18.54 30.49 -24.16
N LEU C 389 -17.35 30.15 -23.66
CA LEU C 389 -16.11 30.54 -24.32
C LEU C 389 -15.36 29.42 -25.05
N VAL C 390 -15.94 28.22 -25.13
CA VAL C 390 -15.24 27.10 -25.76
C VAL C 390 -15.04 27.32 -27.26
N SER C 391 -15.99 27.98 -27.93
CA SER C 391 -15.84 28.26 -29.35
C SER C 391 -14.70 29.25 -29.59
N ARG C 392 -14.56 30.25 -28.73
CA ARG C 392 -13.44 31.19 -28.84
C ARG C 392 -12.11 30.48 -28.56
N PHE C 393 -12.10 29.55 -27.60
CA PHE C 393 -10.90 28.78 -27.32
C PHE C 393 -10.45 27.98 -28.54
N PHE C 394 -11.39 27.29 -29.19
CA PHE C 394 -11.01 26.49 -30.34
C PHE C 394 -10.78 27.33 -31.60
N PHE C 395 -11.36 28.52 -31.68
CA PHE C 395 -10.99 29.45 -32.75
C PHE C 395 -9.56 29.92 -32.59
N ASN C 396 -9.13 30.20 -31.35
CA ASN C 396 -7.74 30.55 -31.09
C ASN C 396 -6.82 29.39 -31.44
N PHE C 397 -7.24 28.17 -31.12
CA PHE C 397 -6.45 26.99 -31.49
C PHE C 397 -6.33 26.85 -33.01
N ALA C 398 -7.43 27.10 -33.74
CA ALA C 398 -7.39 27.02 -35.20
C ALA C 398 -6.47 28.08 -35.79
N CYS C 399 -6.50 29.29 -35.24
CA CYS C 399 -5.61 30.35 -35.71
C CYS C 399 -4.15 29.99 -35.46
N TYR C 400 -3.85 29.42 -34.30
CA TYR C 400 -2.47 29.01 -34.03
C TYR C 400 -2.04 27.85 -34.92
N LEU C 401 -2.97 26.94 -35.24
CA LEU C 401 -2.67 25.85 -36.16
C LEU C 401 -2.34 26.40 -37.56
N VAL C 402 -3.10 27.38 -38.02
CA VAL C 402 -2.84 27.99 -39.33
C VAL C 402 -1.48 28.67 -39.33
N TYR C 403 -1.19 29.42 -38.27
CA TYR C 403 0.09 30.12 -38.16
C TYR C 403 1.26 29.13 -38.13
N MET C 404 1.09 28.02 -37.42
CA MET C 404 2.18 27.05 -37.32
C MET C 404 2.35 26.26 -38.60
N PHE C 405 1.27 26.02 -39.34
CA PHE C 405 1.37 25.35 -40.63
C PHE C 405 2.11 26.22 -41.63
N ILE C 406 1.79 27.52 -41.66
CA ILE C 406 2.51 28.42 -42.56
C ILE C 406 3.97 28.55 -42.13
N PHE C 407 4.22 28.53 -40.82
CA PHE C 407 5.59 28.54 -40.30
C PHE C 407 6.38 27.33 -40.78
N THR C 408 5.77 26.14 -40.72
CA THR C 408 6.43 24.91 -41.14
C THR C 408 6.70 24.92 -42.64
N VAL C 409 5.73 25.40 -43.43
CA VAL C 409 5.91 25.46 -44.88
C VAL C 409 7.02 26.44 -45.26
N VAL C 410 7.07 27.59 -44.58
CA VAL C 410 8.09 28.60 -44.89
C VAL C 410 9.48 28.11 -44.47
N ALA C 411 9.58 27.50 -43.29
CA ALA C 411 10.87 26.99 -42.82
C ALA C 411 11.34 25.80 -43.64
N TYR C 412 10.41 25.04 -44.21
CA TYR C 412 10.80 23.88 -45.03
C TYR C 412 11.39 24.31 -46.36
N HIS C 413 10.88 25.40 -46.95
CA HIS C 413 11.28 25.84 -48.28
C HIS C 413 12.22 27.04 -48.25
N GLN C 414 13.15 27.06 -47.30
CA GLN C 414 14.16 28.11 -47.28
C GLN C 414 15.15 27.89 -48.41
N PRO C 415 15.74 28.96 -48.97
CA PRO C 415 16.71 28.76 -50.04
C PRO C 415 18.14 28.58 -49.55
N SER C 416 19.05 28.52 -50.52
CA SER C 416 20.45 28.25 -50.20
C SER C 416 21.14 29.49 -49.67
N LEU C 417 22.08 29.28 -48.74
CA LEU C 417 22.86 30.37 -48.18
C LEU C 417 24.14 30.59 -48.99
N PHE C 429 6.87 32.90 -58.95
CA PHE C 429 5.66 32.73 -58.16
C PHE C 429 5.98 32.12 -56.80
N GLY C 430 6.95 31.21 -56.79
CA GLY C 430 7.37 30.61 -55.54
C GLY C 430 8.08 31.59 -54.63
N GLU C 431 8.92 32.46 -55.21
CA GLU C 431 9.66 33.44 -54.42
C GLU C 431 8.72 34.48 -53.80
N SER C 432 7.73 34.93 -54.56
CA SER C 432 6.75 35.88 -54.03
C SER C 432 5.89 35.25 -52.94
N MET C 433 5.52 33.97 -53.11
CA MET C 433 4.77 33.27 -52.07
C MET C 433 5.61 33.08 -50.81
N LEU C 434 6.91 32.81 -50.98
CA LEU C 434 7.78 32.69 -49.82
C LEU C 434 7.97 34.02 -49.10
N LEU C 435 8.04 35.12 -49.86
CA LEU C 435 8.11 36.45 -49.26
C LEU C 435 6.83 36.75 -48.49
N LEU C 436 5.67 36.40 -49.06
CA LEU C 436 4.39 36.59 -48.39
C LEU C 436 4.32 35.76 -47.11
N GLY C 437 4.82 34.52 -47.16
CA GLY C 437 4.85 33.70 -45.96
C GLY C 437 5.78 34.26 -44.89
N HIS C 438 6.90 34.85 -45.30
CA HIS C 438 7.79 35.49 -44.34
C HIS C 438 7.12 36.70 -43.69
N ILE C 439 6.37 37.48 -44.49
CA ILE C 439 5.62 38.61 -43.95
C ILE C 439 4.56 38.13 -42.95
N LEU C 440 3.86 37.05 -43.29
CA LEU C 440 2.84 36.49 -42.40
C LEU C 440 3.45 35.99 -41.10
N ILE C 441 4.61 35.33 -41.18
CA ILE C 441 5.31 34.86 -39.98
C ILE C 441 5.74 36.05 -39.12
N LEU C 442 6.23 37.12 -39.74
CA LEU C 442 6.64 38.29 -38.98
C LEU C 442 5.45 38.95 -38.29
N LEU C 443 4.33 39.07 -39.00
CA LEU C 443 3.14 39.70 -38.41
C LEU C 443 2.56 38.85 -37.29
N GLY C 444 2.54 37.53 -37.46
CA GLY C 444 2.06 36.65 -36.40
C GLY C 444 2.96 36.68 -35.17
N GLY C 445 4.28 36.77 -35.40
CA GLY C 445 5.19 36.89 -34.28
C GLY C 445 5.03 38.20 -33.53
N ILE C 446 4.80 39.30 -34.26
CA ILE C 446 4.55 40.59 -33.63
C ILE C 446 3.26 40.55 -32.82
N TYR C 447 2.21 39.93 -33.38
CA TYR C 447 0.93 39.81 -32.69
C TYR C 447 1.06 39.00 -31.40
N LEU C 448 1.74 37.86 -31.47
CA LEU C 448 1.91 37.03 -30.28
C LEU C 448 2.79 37.71 -29.25
N LEU C 449 3.81 38.44 -29.70
CA LEU C 449 4.69 39.17 -28.79
C LEU C 449 3.93 40.26 -28.05
N LEU C 450 3.10 41.01 -28.77
CA LEU C 450 2.30 42.06 -28.13
C LEU C 450 1.28 41.47 -27.16
N GLY C 451 0.67 40.34 -27.53
CA GLY C 451 -0.27 39.70 -26.62
C GLY C 451 0.38 39.20 -25.34
N GLN C 452 1.55 38.56 -25.45
CA GLN C 452 2.25 38.10 -24.27
C GLN C 452 2.79 39.24 -23.42
N LEU C 453 3.24 40.33 -24.05
CA LEU C 453 3.68 41.49 -23.28
C LEU C 453 2.51 42.13 -22.54
N TRP C 454 1.34 42.19 -23.17
CA TRP C 454 0.15 42.70 -22.50
C TRP C 454 -0.25 41.79 -21.32
N TYR C 455 -0.14 40.48 -21.50
CA TYR C 455 -0.44 39.54 -20.42
C TYR C 455 0.51 39.76 -19.24
N PHE C 456 1.81 39.85 -19.50
CA PHE C 456 2.76 40.02 -18.42
C PHE C 456 2.71 41.41 -17.81
N TRP C 457 2.18 42.40 -18.55
CA TRP C 457 1.94 43.71 -17.97
C TRP C 457 0.72 43.68 -17.04
N ARG C 458 -0.33 42.95 -17.43
CA ARG C 458 -1.52 42.85 -16.59
C ARG C 458 -1.23 42.01 -15.35
N ARG C 459 -0.31 41.06 -15.45
CA ARG C 459 0.04 40.20 -14.32
C ARG C 459 1.28 40.76 -13.62
N ARG C 460 1.36 42.08 -13.52
CA ARG C 460 2.54 42.81 -13.07
C ARG C 460 3.02 42.45 -11.67
N LEU C 461 2.18 42.70 -10.65
CA LEU C 461 2.62 42.56 -9.27
C LEU C 461 2.79 41.09 -8.89
N PHE C 462 1.92 40.22 -9.39
CA PHE C 462 1.97 38.81 -9.06
C PHE C 462 2.61 37.97 -10.16
N ILE C 463 3.67 38.47 -10.78
CA ILE C 463 4.27 37.80 -11.94
C ILE C 463 4.93 36.49 -11.53
N TRP C 464 5.48 36.41 -10.31
CA TRP C 464 6.07 35.17 -9.85
C TRP C 464 5.01 34.10 -9.62
N ILE C 465 3.79 34.52 -9.28
CA ILE C 465 2.68 33.57 -9.17
C ILE C 465 2.11 33.26 -10.55
N SER C 466 2.43 34.09 -11.54
CA SER C 466 1.82 33.94 -12.85
C SER C 466 2.38 32.73 -13.62
N PHE C 467 3.69 32.48 -13.55
CA PHE C 467 4.25 31.44 -14.39
C PHE C 467 4.63 30.18 -13.61
N MET C 468 4.23 30.06 -12.34
CA MET C 468 4.54 28.83 -11.60
C MET C 468 3.64 27.69 -12.04
N ASP C 469 2.50 28.00 -12.68
CA ASP C 469 1.65 26.98 -13.27
C ASP C 469 1.26 27.33 -14.71
N SER C 470 1.89 28.35 -15.28
CA SER C 470 1.58 28.79 -16.63
C SER C 470 2.87 29.07 -17.41
N TYR C 471 3.77 28.07 -17.43
CA TYR C 471 5.01 28.18 -18.19
C TYR C 471 4.79 28.33 -19.69
N PHE C 472 3.60 27.96 -20.18
CA PHE C 472 3.29 28.16 -21.59
C PHE C 472 3.23 29.64 -21.97
N GLU C 473 2.94 30.53 -21.01
CA GLU C 473 3.03 31.95 -21.28
C GLU C 473 4.47 32.37 -21.58
N ILE C 474 5.41 31.88 -20.78
CA ILE C 474 6.83 32.12 -21.01
C ILE C 474 7.26 31.54 -22.35
N LEU C 475 6.78 30.32 -22.66
CA LEU C 475 7.16 29.68 -23.92
C LEU C 475 6.60 30.41 -25.14
N PHE C 476 5.36 30.90 -25.06
CA PHE C 476 4.78 31.66 -26.15
C PHE C 476 5.51 32.99 -26.35
N LEU C 477 5.86 33.66 -25.25
CA LEU C 477 6.63 34.90 -25.35
C LEU C 477 8.00 34.65 -25.97
N LEU C 478 8.67 33.57 -25.56
CA LEU C 478 9.99 33.26 -26.09
C LEU C 478 9.92 32.88 -27.56
N GLN C 479 8.88 32.14 -27.96
CA GLN C 479 8.69 31.79 -29.37
C GLN C 479 8.46 33.03 -30.23
N ALA C 480 7.64 33.96 -29.75
CA ALA C 480 7.40 35.19 -30.50
C ALA C 480 8.66 36.05 -30.59
N LEU C 481 9.43 36.12 -29.50
CA LEU C 481 10.69 36.86 -29.52
C LEU C 481 11.68 36.26 -30.50
N LEU C 482 11.78 34.93 -30.51
CA LEU C 482 12.69 34.26 -31.45
C LEU C 482 12.24 34.44 -32.89
N THR C 483 10.93 34.44 -33.14
CA THR C 483 10.43 34.67 -34.49
C THR C 483 10.77 36.08 -34.97
N VAL C 484 10.56 37.08 -34.11
CA VAL C 484 10.87 38.46 -34.50
C VAL C 484 12.37 38.66 -34.69
N LEU C 485 13.17 38.03 -33.83
CA LEU C 485 14.62 38.13 -33.95
C LEU C 485 15.13 37.46 -35.23
N SER C 486 14.55 36.31 -35.57
CA SER C 486 14.96 35.61 -36.80
C SER C 486 14.56 36.38 -38.04
N GLN C 487 13.39 37.02 -38.02
CA GLN C 487 12.99 37.83 -39.18
C GLN C 487 13.79 39.12 -39.26
N VAL C 488 14.27 39.63 -38.13
CA VAL C 488 15.15 40.80 -38.15
C VAL C 488 16.51 40.42 -38.71
N LEU C 489 17.05 39.27 -38.29
CA LEU C 489 18.36 38.84 -38.75
C LEU C 489 18.35 38.47 -40.23
N ARG C 490 17.20 38.05 -40.75
CA ARG C 490 17.09 37.78 -42.18
C ARG C 490 17.21 39.06 -42.99
N PHE C 491 16.71 40.17 -42.45
CA PHE C 491 16.84 41.46 -43.14
C PHE C 491 18.29 41.93 -43.15
N MET C 492 19.05 41.58 -42.11
CA MET C 492 20.47 41.92 -42.04
C MET C 492 21.35 40.94 -42.80
N GLU C 493 20.75 39.91 -43.40
CA GLU C 493 21.41 38.95 -44.30
C GLU C 493 22.54 38.18 -43.61
N THR C 494 22.41 37.92 -42.30
CA THR C 494 23.36 37.06 -41.61
C THR C 494 22.87 35.61 -41.65
N GLU C 495 23.80 34.67 -41.53
CA GLU C 495 23.44 33.26 -41.66
C GLU C 495 22.80 32.71 -40.39
N TRP C 496 22.86 33.45 -39.28
CA TRP C 496 22.37 32.93 -38.02
C TRP C 496 20.86 33.08 -37.86
N TYR C 497 20.17 33.60 -38.87
CA TYR C 497 18.71 33.66 -38.82
C TYR C 497 18.11 32.27 -38.92
N LEU C 498 18.80 31.34 -39.60
CA LEU C 498 18.19 30.03 -39.88
C LEU C 498 18.15 29.14 -38.63
N PRO C 499 19.19 29.03 -37.80
CA PRO C 499 19.00 28.34 -36.51
C PRO C 499 17.97 28.99 -35.60
N LEU C 500 17.87 30.33 -35.61
CA LEU C 500 16.84 30.99 -34.82
C LEU C 500 15.45 30.66 -35.34
N LEU C 501 15.27 30.65 -36.66
CA LEU C 501 13.99 30.29 -37.26
C LEU C 501 13.62 28.85 -36.95
N VAL C 502 14.60 27.95 -37.02
CA VAL C 502 14.37 26.53 -36.73
C VAL C 502 14.01 26.33 -35.26
N LEU C 503 14.69 27.04 -34.36
CA LEU C 503 14.41 26.90 -32.93
C LEU C 503 13.05 27.50 -32.57
N SER C 504 12.67 28.60 -33.22
CA SER C 504 11.32 29.15 -33.02
C SER C 504 10.26 28.22 -33.60
N LEU C 505 10.58 27.51 -34.68
CA LEU C 505 9.67 26.49 -35.22
C LEU C 505 9.48 25.34 -34.22
N VAL C 506 10.57 24.92 -33.59
CA VAL C 506 10.50 23.89 -32.54
C VAL C 506 9.61 24.35 -31.40
N LEU C 507 9.85 25.56 -30.91
CA LEU C 507 9.05 26.09 -29.80
C LEU C 507 7.59 26.26 -30.18
N GLY C 508 7.32 26.67 -31.43
CA GLY C 508 5.95 26.82 -31.88
C GLY C 508 5.22 25.50 -31.97
N TRP C 509 5.92 24.45 -32.40
CA TRP C 509 5.26 23.14 -32.44
C TRP C 509 5.08 22.56 -31.03
N LEU C 510 5.99 22.87 -30.11
CA LEU C 510 5.80 22.44 -28.73
C LEU C 510 4.67 23.21 -28.06
N ASN C 511 4.45 24.46 -28.48
CA ASN C 511 3.42 25.30 -27.88
C ASN C 511 2.01 24.87 -28.26
N LEU C 512 1.87 23.99 -29.25
CA LEU C 512 0.56 23.48 -29.65
C LEU C 512 -0.05 22.56 -28.60
N LEU C 513 0.77 22.05 -27.68
CA LEU C 513 0.28 21.18 -26.61
C LEU C 513 -0.41 21.95 -25.49
N TYR C 514 -0.44 23.28 -25.56
CA TYR C 514 -1.24 24.07 -24.63
C TYR C 514 -2.71 23.76 -24.80
N TYR C 515 -3.15 23.54 -26.04
CA TYR C 515 -4.57 23.43 -26.34
C TYR C 515 -5.12 22.03 -26.09
N THR C 516 -4.33 21.12 -25.52
CA THR C 516 -4.86 19.82 -25.13
C THR C 516 -5.77 19.93 -23.91
N ARG C 517 -5.70 21.03 -23.18
CA ARG C 517 -6.56 21.26 -22.02
C ARG C 517 -8.00 21.58 -22.39
N GLY C 518 -8.30 21.79 -23.68
CA GLY C 518 -9.66 22.03 -24.09
C GLY C 518 -10.56 20.81 -24.03
N PHE C 519 -9.97 19.62 -23.99
CA PHE C 519 -10.71 18.38 -23.85
C PHE C 519 -10.40 17.73 -22.51
N GLN C 520 -11.38 16.99 -21.98
CA GLN C 520 -11.18 16.28 -20.73
C GLN C 520 -10.15 15.18 -20.88
N HIS C 521 -10.21 14.44 -21.99
CA HIS C 521 -9.38 13.25 -22.17
C HIS C 521 -7.90 13.61 -22.29
N THR C 522 -7.58 14.59 -23.14
CA THR C 522 -6.19 15.03 -23.26
C THR C 522 -5.77 15.97 -22.13
N GLY C 523 -6.69 16.83 -21.67
CA GLY C 523 -6.37 17.79 -20.64
C GLY C 523 -6.09 17.20 -19.27
N ILE C 524 -6.82 16.15 -18.90
CA ILE C 524 -6.52 15.46 -17.66
C ILE C 524 -5.19 14.72 -17.78
N TYR C 525 -4.96 14.07 -18.93
CA TYR C 525 -3.74 13.28 -19.13
C TYR C 525 -2.49 14.16 -19.09
N SER C 526 -2.57 15.37 -19.66
CA SER C 526 -1.45 16.30 -19.60
C SER C 526 -1.10 16.72 -18.18
N VAL C 527 -2.05 16.61 -17.26
CA VAL C 527 -1.77 16.82 -15.85
C VAL C 527 -1.20 15.56 -15.20
N MET C 528 -1.72 14.39 -15.59
CA MET C 528 -1.26 13.14 -14.99
C MET C 528 0.20 12.84 -15.33
N ILE C 529 0.65 13.19 -16.54
CA ILE C 529 2.02 12.84 -16.93
C ILE C 529 3.03 13.67 -16.14
N GLN C 530 2.85 14.98 -16.08
CA GLN C 530 3.83 15.82 -15.41
C GLN C 530 3.65 15.77 -13.90
N LYS C 531 4.77 15.71 -13.18
CA LYS C 531 4.77 15.57 -11.73
C LYS C 531 6.12 16.05 -11.21
N VAL C 532 6.48 15.61 -10.00
CA VAL C 532 7.69 16.04 -9.30
C VAL C 532 8.99 15.53 -9.94
N ILE C 533 8.90 14.84 -11.09
CA ILE C 533 10.07 14.35 -11.79
C ILE C 533 10.99 15.50 -12.21
N LEU C 534 10.39 16.65 -12.55
CA LEU C 534 11.16 17.78 -13.05
C LEU C 534 12.10 18.37 -12.00
N ARG C 535 11.68 18.42 -10.74
CA ARG C 535 12.55 19.00 -9.72
C ARG C 535 13.63 18.02 -9.25
N ASP C 536 13.42 16.72 -9.46
CA ASP C 536 14.45 15.74 -9.12
C ASP C 536 15.37 15.46 -10.30
N LEU C 537 14.93 15.78 -11.53
CA LEU C 537 15.77 15.61 -12.70
C LEU C 537 17.00 16.49 -12.63
N LEU C 538 16.83 17.75 -12.19
CA LEU C 538 17.97 18.65 -12.05
C LEU C 538 18.92 18.19 -10.96
N ARG C 539 18.39 17.69 -9.84
CA ARG C 539 19.23 17.24 -8.74
C ARG C 539 20.00 15.98 -9.10
N PHE C 540 19.40 15.08 -9.89
CA PHE C 540 20.15 13.94 -10.40
C PHE C 540 21.17 14.37 -11.46
N LEU C 541 20.81 15.38 -12.25
CA LEU C 541 21.69 15.88 -13.29
C LEU C 541 22.95 16.51 -12.71
N LEU C 542 22.83 17.08 -11.51
CA LEU C 542 24.02 17.63 -10.84
C LEU C 542 25.06 16.55 -10.56
N VAL C 543 24.63 15.37 -10.13
CA VAL C 543 25.56 14.26 -9.90
C VAL C 543 26.06 13.69 -11.22
N TYR C 544 25.14 13.53 -12.18
CA TYR C 544 25.47 12.88 -13.45
C TYR C 544 26.47 13.71 -14.26
N LEU C 545 26.35 15.03 -14.23
CA LEU C 545 27.27 15.88 -14.97
C LEU C 545 28.66 15.86 -14.35
N VAL C 546 28.75 15.74 -13.03
CA VAL C 546 30.06 15.58 -12.38
C VAL C 546 30.70 14.28 -12.80
N PHE C 547 29.92 13.19 -12.82
CA PHE C 547 30.42 11.89 -13.29
C PHE C 547 30.93 11.99 -14.72
N LEU C 548 30.11 12.61 -15.59
CA LEU C 548 30.42 12.73 -17.01
C LEU C 548 31.69 13.54 -17.24
N PHE C 549 31.79 14.71 -16.59
CA PHE C 549 32.94 15.59 -16.80
C PHE C 549 34.22 14.96 -16.27
N GLY C 550 34.17 14.33 -15.09
CA GLY C 550 35.36 13.70 -14.54
C GLY C 550 35.87 12.57 -15.41
N PHE C 551 34.97 11.67 -15.83
CA PHE C 551 35.43 10.57 -16.67
C PHE C 551 35.82 11.05 -18.07
N ALA C 552 35.22 12.14 -18.54
CA ALA C 552 35.57 12.67 -19.86
C ALA C 552 36.97 13.25 -19.86
N VAL C 553 37.31 14.08 -18.86
CA VAL C 553 38.66 14.64 -18.82
C VAL C 553 39.68 13.54 -18.55
N ALA C 554 39.29 12.50 -17.80
CA ALA C 554 40.17 11.36 -17.59
C ALA C 554 40.47 10.63 -18.90
N LEU C 555 39.42 10.38 -19.69
CA LEU C 555 39.61 9.62 -20.93
C LEU C 555 40.35 10.45 -21.98
N VAL C 556 40.20 11.76 -21.95
CA VAL C 556 40.97 12.61 -22.86
C VAL C 556 42.44 12.62 -22.46
N SER C 557 42.72 12.71 -21.15
CA SER C 557 44.10 12.75 -20.70
C SER C 557 44.80 11.41 -20.91
N LEU C 558 44.09 10.31 -20.72
CA LEU C 558 44.73 9.00 -20.80
C LEU C 558 44.94 8.52 -22.23
N SER C 559 44.11 8.97 -23.16
CA SER C 559 44.19 8.48 -24.54
C SER C 559 45.12 9.29 -25.42
N ARG C 560 45.84 10.26 -24.87
CA ARG C 560 46.72 11.10 -25.67
C ARG C 560 47.97 10.37 -26.13
N GLU C 561 48.29 9.23 -25.54
CA GLU C 561 49.52 8.49 -25.84
C GLU C 561 49.17 7.21 -26.60
N ALA C 562 49.86 6.99 -27.71
CA ALA C 562 49.66 5.78 -28.51
C ALA C 562 50.72 4.74 -28.16
N ARG C 563 50.39 3.48 -28.44
CA ARG C 563 51.30 2.38 -28.15
C ARG C 563 52.45 2.33 -29.13
N PRO C 589 40.21 8.24 -30.68
CA PRO C 589 39.05 7.83 -29.89
C PRO C 589 38.47 8.99 -29.07
N TYR C 590 39.31 9.57 -28.20
CA TYR C 590 38.91 10.66 -27.32
C TYR C 590 39.89 11.81 -27.53
N ARG C 591 39.63 12.63 -28.55
CA ARG C 591 40.54 13.70 -28.90
C ARG C 591 40.19 15.02 -28.24
N SER C 592 38.93 15.20 -27.84
CA SER C 592 38.50 16.45 -27.24
C SER C 592 37.50 16.14 -26.14
N ILE C 593 37.21 17.17 -25.34
CA ILE C 593 36.28 17.01 -24.22
C ILE C 593 34.87 16.73 -24.73
N LEU C 594 34.45 17.44 -25.76
CA LEU C 594 33.10 17.27 -26.31
C LEU C 594 32.91 15.88 -26.90
N ASP C 595 33.94 15.37 -27.60
CA ASP C 595 33.86 14.04 -28.19
C ASP C 595 33.76 12.96 -27.13
N ALA C 596 34.61 13.04 -26.10
CA ALA C 596 34.58 12.04 -25.03
C ALA C 596 33.29 12.12 -24.22
N SER C 597 32.78 13.34 -24.02
CA SER C 597 31.50 13.51 -23.35
C SER C 597 30.36 12.89 -24.14
N LEU C 598 30.39 13.03 -25.46
CA LEU C 598 29.37 12.42 -26.30
C LEU C 598 29.46 10.90 -26.29
N GLU C 599 30.68 10.35 -26.33
CA GLU C 599 30.84 8.90 -26.27
C GLU C 599 30.40 8.35 -24.92
N LEU C 600 30.62 9.09 -23.83
CA LEU C 600 30.15 8.62 -22.53
C LEU C 600 28.64 8.79 -22.38
N PHE C 601 28.06 9.81 -23.01
CA PHE C 601 26.61 9.97 -22.98
C PHE C 601 25.91 8.92 -23.83
N LYS C 602 26.61 8.36 -24.81
CA LYS C 602 26.04 7.29 -25.64
C LYS C 602 25.68 6.04 -24.84
N PHE C 603 26.32 5.84 -23.69
CA PHE C 603 26.03 4.66 -22.89
C PHE C 603 24.64 4.69 -22.28
N THR C 604 24.12 5.88 -21.98
CA THR C 604 22.79 5.97 -21.39
C THR C 604 21.67 5.71 -22.39
N ILE C 605 21.92 5.98 -23.68
CA ILE C 605 20.91 5.79 -24.71
C ILE C 605 21.05 4.43 -25.40
N GLY C 606 21.89 3.55 -24.89
CA GLY C 606 22.04 2.23 -25.45
C GLY C 606 22.94 2.14 -26.66
N MET C 607 23.83 3.11 -26.86
CA MET C 607 24.76 3.09 -27.98
C MET C 607 26.21 3.29 -27.55
N GLY C 608 26.57 2.94 -26.32
CA GLY C 608 27.93 3.15 -25.85
C GLY C 608 28.87 2.14 -26.44
N GLU C 609 29.99 2.60 -26.98
CA GLU C 609 31.01 1.72 -27.55
C GLU C 609 31.98 1.28 -26.47
N LEU C 610 32.12 -0.03 -26.30
CA LEU C 610 32.94 -0.61 -25.24
C LEU C 610 33.84 -1.66 -25.87
N ALA C 611 35.08 -1.27 -26.17
CA ALA C 611 36.00 -2.16 -26.89
C ALA C 611 37.39 -2.01 -26.33
N PHE C 612 38.26 -2.94 -26.70
CA PHE C 612 39.65 -2.93 -26.29
C PHE C 612 40.45 -2.12 -27.30
N GLN C 613 40.78 -0.87 -26.95
CA GLN C 613 41.42 0.08 -27.86
C GLN C 613 42.90 -0.27 -28.01
N GLU C 614 43.17 -1.22 -28.92
CA GLU C 614 44.49 -1.85 -28.99
C GLU C 614 45.60 -0.88 -29.40
N GLN C 615 45.25 0.21 -30.10
CA GLN C 615 46.28 1.13 -30.54
C GLN C 615 46.72 2.09 -29.44
N LEU C 616 45.96 2.20 -28.35
CA LEU C 616 46.33 3.05 -27.23
C LEU C 616 47.38 2.37 -26.36
N ARG C 617 48.20 3.18 -25.70
CA ARG C 617 49.24 2.65 -24.82
C ARG C 617 48.66 2.11 -23.53
N PHE C 618 47.69 2.83 -22.95
CA PHE C 618 47.09 2.50 -21.67
C PHE C 618 45.70 1.90 -21.83
N ARG C 619 45.57 0.97 -22.80
CA ARG C 619 44.26 0.43 -23.18
C ARG C 619 43.56 -0.31 -22.05
N GLY C 620 44.32 -0.98 -21.18
CA GLY C 620 43.71 -1.64 -20.04
C GLY C 620 43.11 -0.66 -19.05
N VAL C 621 43.83 0.43 -18.78
CA VAL C 621 43.31 1.44 -17.85
C VAL C 621 42.13 2.17 -18.47
N VAL C 622 42.15 2.38 -19.79
CA VAL C 622 41.02 3.02 -20.48
C VAL C 622 39.78 2.13 -20.40
N LEU C 623 39.96 0.83 -20.61
CA LEU C 623 38.84 -0.10 -20.52
C LEU C 623 38.31 -0.19 -19.09
N LEU C 624 39.20 -0.16 -18.10
CA LEU C 624 38.76 -0.18 -16.71
C LEU C 624 38.02 1.10 -16.33
N LEU C 625 38.46 2.25 -16.86
CA LEU C 625 37.75 3.49 -16.62
C LEU C 625 36.37 3.46 -17.25
N LEU C 626 36.25 2.93 -18.47
CA LEU C 626 34.96 2.82 -19.11
C LEU C 626 34.02 1.89 -18.34
N LEU C 627 34.54 0.75 -17.87
CA LEU C 627 33.72 -0.17 -17.11
C LEU C 627 33.28 0.42 -15.78
N ALA C 628 34.19 1.15 -15.11
CA ALA C 628 33.84 1.81 -13.85
C ALA C 628 32.78 2.88 -14.07
N TYR C 629 32.90 3.66 -15.16
CA TYR C 629 31.90 4.66 -15.48
C TYR C 629 30.54 4.02 -15.76
N VAL C 630 30.54 2.91 -16.50
CA VAL C 630 29.30 2.23 -16.84
C VAL C 630 28.60 1.71 -15.58
N LEU C 631 29.39 1.07 -14.69
CA LEU C 631 28.82 0.52 -13.46
C LEU C 631 28.30 1.63 -12.54
N LEU C 632 29.07 2.71 -12.38
CA LEU C 632 28.64 3.81 -11.53
C LEU C 632 27.40 4.51 -12.09
N THR C 633 27.36 4.71 -13.41
CA THR C 633 26.22 5.37 -14.02
C THR C 633 24.96 4.51 -13.94
N TYR C 634 25.10 3.19 -14.11
CA TYR C 634 23.93 2.33 -14.02
C TYR C 634 23.42 2.21 -12.58
N VAL C 635 24.33 2.19 -11.61
CA VAL C 635 23.93 2.21 -10.20
C VAL C 635 23.22 3.53 -9.87
N LEU C 636 23.72 4.65 -10.41
CA LEU C 636 23.09 5.95 -10.19
C LEU C 636 21.70 6.01 -10.83
N LEU C 637 21.56 5.48 -12.04
CA LEU C 637 20.27 5.49 -12.72
C LEU C 637 19.25 4.61 -11.99
N LEU C 638 19.69 3.45 -11.49
CA LEU C 638 18.82 2.59 -10.71
C LEU C 638 18.40 3.27 -9.41
N ASN C 639 19.33 3.97 -8.77
CA ASN C 639 19.02 4.73 -7.56
C ASN C 639 17.98 5.80 -7.83
N MET C 640 18.12 6.53 -8.94
CA MET C 640 17.20 7.63 -9.23
C MET C 640 15.83 7.08 -9.59
N LEU C 641 15.79 5.98 -10.35
CA LEU C 641 14.52 5.34 -10.68
C LEU C 641 13.78 4.85 -9.44
N ILE C 642 14.49 4.18 -8.53
CA ILE C 642 13.83 3.65 -7.33
C ILE C 642 13.42 4.78 -6.39
N ALA C 643 14.25 5.83 -6.27
CA ALA C 643 13.91 6.97 -5.44
C ALA C 643 12.69 7.71 -5.98
N LEU C 644 12.61 7.89 -7.30
CA LEU C 644 11.44 8.52 -7.91
C LEU C 644 10.22 7.62 -7.77
N MET C 645 10.44 6.31 -7.79
CA MET C 645 9.36 5.35 -7.58
C MET C 645 8.82 5.41 -6.15
N SER C 646 9.67 5.78 -5.19
CA SER C 646 9.23 5.84 -3.80
C SER C 646 8.30 7.02 -3.54
N GLU C 647 8.55 8.17 -4.15
CA GLU C 647 7.76 9.37 -3.87
C GLU C 647 6.45 9.40 -4.64
N THR C 648 6.41 8.81 -5.82
CA THR C 648 5.26 8.96 -6.71
C THR C 648 4.21 7.87 -6.56
N VAL C 649 4.61 6.64 -6.26
CA VAL C 649 3.64 5.57 -6.08
C VAL C 649 3.31 5.49 -4.59
N ASN C 650 2.18 6.08 -4.20
CA ASN C 650 1.79 6.14 -2.80
C ASN C 650 0.29 5.97 -2.57
N HIS C 651 -0.46 5.61 -3.61
CA HIS C 651 -1.91 5.40 -3.58
C HIS C 651 -2.69 6.66 -3.16
N VAL C 652 -2.11 7.84 -3.36
CA VAL C 652 -2.85 9.08 -3.12
C VAL C 652 -3.87 9.27 -4.23
N ALA C 653 -5.08 9.68 -3.85
CA ALA C 653 -6.17 9.84 -4.80
C ALA C 653 -5.84 10.89 -5.86
N ASP C 654 -6.32 10.66 -7.07
CA ASP C 654 -5.96 11.46 -8.25
C ASP C 654 -6.60 12.83 -8.15
N ASN C 655 -5.77 13.87 -8.19
CA ASN C 655 -6.24 15.25 -8.22
C ASN C 655 -6.10 15.89 -9.60
N SER C 656 -5.94 15.09 -10.66
CA SER C 656 -5.70 15.64 -11.99
C SER C 656 -6.94 16.32 -12.56
N TRP C 657 -8.13 15.84 -12.20
CA TRP C 657 -9.36 16.45 -12.69
C TRP C 657 -9.53 17.87 -12.16
N SER C 658 -9.22 18.10 -10.88
CA SER C 658 -9.33 19.44 -10.31
C SER C 658 -8.25 20.37 -10.85
N ILE C 659 -7.06 19.85 -11.14
CA ILE C 659 -6.02 20.68 -11.74
C ILE C 659 -6.38 21.06 -13.17
N TRP C 660 -6.99 20.13 -13.91
CA TRP C 660 -7.48 20.45 -15.24
C TRP C 660 -8.61 21.48 -15.18
N LYS C 661 -9.47 21.39 -14.16
CA LYS C 661 -10.51 22.39 -13.97
C LYS C 661 -9.91 23.76 -13.64
N LEU C 662 -8.82 23.78 -12.87
CA LEU C 662 -8.13 25.04 -12.58
C LEU C 662 -7.49 25.63 -13.83
N GLN C 663 -6.93 24.78 -14.69
CA GLN C 663 -6.38 25.25 -15.97
C GLN C 663 -7.48 25.83 -16.86
N LYS C 664 -8.64 25.17 -16.89
CA LYS C 664 -9.77 25.70 -17.64
C LYS C 664 -10.26 27.02 -17.04
N ALA C 665 -10.23 27.16 -15.72
CA ALA C 665 -10.62 28.39 -15.07
C ALA C 665 -9.67 29.53 -15.43
N ILE C 666 -8.36 29.26 -15.46
CA ILE C 666 -7.39 30.26 -15.84
C ILE C 666 -7.59 30.68 -17.29
N SER C 667 -7.82 29.70 -18.18
CA SER C 667 -8.07 30.00 -19.59
C SER C 667 -9.33 30.83 -19.76
N VAL C 668 -10.38 30.51 -19.00
CA VAL C 668 -11.65 31.24 -19.09
C VAL C 668 -11.48 32.68 -18.61
N LEU C 669 -10.77 32.86 -17.49
CA LEU C 669 -10.61 34.20 -16.96
C LEU C 669 -9.69 35.06 -17.83
N GLU C 670 -8.77 34.44 -18.56
CA GLU C 670 -7.98 35.21 -19.52
C GLU C 670 -8.77 35.48 -20.80
N MET C 671 -9.64 34.56 -21.20
CA MET C 671 -10.43 34.75 -22.41
C MET C 671 -11.52 35.78 -22.21
N GLU C 672 -11.96 35.99 -20.97
CA GLU C 672 -13.02 36.97 -20.70
C GLU C 672 -12.55 38.40 -20.92
N ASN C 673 -11.24 38.67 -20.82
CA ASN C 673 -10.74 40.01 -21.06
C ASN C 673 -10.69 40.36 -22.54
N GLY C 674 -10.86 39.39 -23.43
CA GLY C 674 -10.77 39.64 -24.84
C GLY C 674 -9.36 39.56 -25.37
N TYR C 675 -9.01 40.46 -26.30
CA TYR C 675 -7.68 40.52 -26.87
C TYR C 675 -7.04 41.84 -26.50
N TRP C 676 -5.75 41.97 -26.79
CA TRP C 676 -5.05 43.22 -26.51
C TRP C 676 -5.53 44.35 -27.42
N TRP C 677 -6.00 44.02 -28.61
CA TRP C 677 -6.53 44.99 -29.56
C TRP C 677 -8.04 45.16 -29.47
N CYS C 678 -8.72 44.34 -28.67
CA CYS C 678 -10.18 44.42 -28.55
C CYS C 678 -10.56 43.88 -27.17
N ARG C 679 -11.03 44.76 -26.31
CA ARG C 679 -11.39 44.42 -24.93
C ARG C 679 -12.89 44.17 -24.84
N ARG C 680 -13.26 43.00 -24.34
CA ARG C 680 -14.66 42.63 -24.22
C ARG C 680 -15.31 43.36 -23.05
N LYS C 681 -16.61 43.65 -23.20
CA LYS C 681 -17.40 44.12 -22.08
C LYS C 681 -17.82 42.94 -21.22
N LYS C 682 -17.63 43.06 -19.91
CA LYS C 682 -17.94 41.97 -19.00
C LYS C 682 -19.44 41.75 -18.89
N HIS C 683 -19.82 40.49 -18.88
CA HIS C 683 -21.22 40.08 -18.76
C HIS C 683 -21.45 39.55 -17.35
N ARG C 684 -22.41 40.15 -16.64
CA ARG C 684 -22.67 39.80 -15.26
C ARG C 684 -23.50 38.52 -15.17
N GLU C 685 -23.11 37.62 -14.29
CA GLU C 685 -23.81 36.36 -14.11
C GLU C 685 -24.85 36.46 -13.00
N GLY C 686 -25.77 35.52 -13.00
CA GLY C 686 -26.82 35.49 -12.00
C GLY C 686 -27.92 36.49 -12.30
N ARG C 687 -28.92 36.48 -11.42
CA ARG C 687 -30.06 37.38 -11.50
C ARG C 687 -30.22 38.11 -10.18
N LEU C 688 -30.71 39.34 -10.25
CA LEU C 688 -30.96 40.12 -9.04
C LEU C 688 -32.27 39.67 -8.40
N LEU C 689 -32.19 39.18 -7.17
CA LEU C 689 -33.35 38.65 -6.47
C LEU C 689 -33.39 39.20 -5.05
N LYS C 690 -34.59 39.44 -4.55
CA LYS C 690 -34.78 39.89 -3.17
C LYS C 690 -34.91 38.67 -2.28
N VAL C 691 -33.99 38.53 -1.32
CA VAL C 691 -33.96 37.36 -0.45
C VAL C 691 -34.47 37.67 0.96
N GLY C 692 -34.95 38.89 1.20
CA GLY C 692 -35.43 39.24 2.52
C GLY C 692 -35.25 40.73 2.77
N THR C 693 -35.03 41.05 4.05
CA THR C 693 -34.84 42.43 4.49
C THR C 693 -33.52 42.54 5.24
N ARG C 694 -32.75 43.58 4.93
CA ARG C 694 -31.45 43.79 5.56
C ARG C 694 -31.64 44.24 7.02
N PRO C 699 -34.92 46.25 1.65
CA PRO C 699 -34.95 45.06 0.80
C PRO C 699 -33.57 44.48 0.55
N ASP C 700 -33.40 43.19 0.87
CA ASP C 700 -32.10 42.52 0.70
C ASP C 700 -32.05 41.93 -0.70
N GLU C 701 -31.56 42.75 -1.63
CA GLU C 701 -31.45 42.36 -3.03
C GLU C 701 -30.03 41.95 -3.35
N ARG C 702 -29.85 40.71 -3.79
CA ARG C 702 -28.54 40.16 -4.10
C ARG C 702 -28.57 39.53 -5.48
N TRP C 703 -27.40 39.45 -6.10
CA TRP C 703 -27.25 38.72 -7.35
C TRP C 703 -26.98 37.25 -7.02
N CYS C 704 -27.94 36.39 -7.38
CA CYS C 704 -27.93 35.00 -6.95
C CYS C 704 -27.74 34.07 -8.14
N PHE C 705 -27.04 32.96 -7.89
CA PHE C 705 -26.76 31.94 -8.90
C PHE C 705 -27.48 30.67 -8.50
N ARG C 706 -28.29 30.13 -9.39
CA ARG C 706 -29.08 28.94 -9.11
C ARG C 706 -28.27 27.69 -9.46
N VAL C 707 -28.10 26.80 -8.49
CA VAL C 707 -27.33 25.57 -8.66
C VAL C 707 -28.22 24.38 -8.33
N GLU C 708 -28.30 23.43 -9.25
CA GLU C 708 -29.07 22.20 -9.07
C GLU C 708 -28.13 21.09 -8.64
N GLU C 709 -28.43 20.43 -7.53
CA GLU C 709 -27.60 19.38 -6.98
C GLU C 709 -28.42 18.10 -6.81
N VAL C 710 -27.88 16.98 -7.26
CA VAL C 710 -28.48 15.67 -7.05
C VAL C 710 -27.51 14.85 -6.19
N ASN C 711 -28.03 14.29 -5.10
CA ASN C 711 -27.20 13.54 -4.15
C ASN C 711 -28.09 12.45 -3.53
N TRP C 712 -27.92 11.23 -4.03
CA TRP C 712 -28.78 10.13 -3.60
C TRP C 712 -28.42 9.63 -2.21
N ALA C 713 -27.12 9.53 -1.91
CA ALA C 713 -26.69 8.99 -0.63
C ALA C 713 -27.06 9.93 0.52
N ALA C 714 -26.86 11.24 0.31
CA ALA C 714 -27.19 12.23 1.33
C ALA C 714 -28.69 12.25 1.60
N TRP C 715 -29.50 12.09 0.56
CA TRP C 715 -30.95 12.06 0.74
C TRP C 715 -31.39 10.76 1.40
N GLU C 716 -30.72 9.65 1.08
CA GLU C 716 -31.07 8.36 1.68
C GLU C 716 -30.71 8.31 3.15
N LYS C 717 -29.68 9.07 3.56
CA LYS C 717 -29.31 9.09 4.97
C LYS C 717 -30.33 9.79 5.85
N THR C 718 -31.16 10.68 5.31
CA THR C 718 -32.17 11.37 6.12
C THR C 718 -33.52 10.67 6.15
N LEU C 719 -33.70 9.58 5.42
CA LEU C 719 -34.98 8.87 5.43
C LEU C 719 -35.15 8.07 6.72
N PRO D 32 -35.98 26.01 -17.31
CA PRO D 32 -37.25 25.75 -16.63
C PRO D 32 -37.36 26.51 -15.30
N PRO D 33 -38.56 26.97 -14.96
CA PRO D 33 -38.77 27.67 -13.69
C PRO D 33 -38.68 26.69 -12.53
N PRO D 34 -38.42 27.19 -11.32
CA PRO D 34 -38.36 26.30 -10.15
C PRO D 34 -39.73 25.70 -9.84
N MET D 35 -39.71 24.53 -9.21
CA MET D 35 -40.94 23.93 -8.71
C MET D 35 -41.58 24.78 -7.62
N GLU D 36 -40.76 25.32 -6.73
CA GLU D 36 -41.21 26.23 -5.69
C GLU D 36 -40.09 27.20 -5.37
N SER D 37 -40.44 28.46 -5.16
CA SER D 37 -39.41 29.46 -4.90
C SER D 37 -39.93 30.54 -3.96
N PRO D 38 -39.32 30.71 -2.78
CA PRO D 38 -39.71 31.81 -1.90
C PRO D 38 -39.24 33.17 -2.39
N PHE D 39 -38.38 33.23 -3.41
CA PHE D 39 -37.77 34.47 -3.86
C PHE D 39 -38.20 34.90 -5.25
N GLN D 40 -38.66 33.97 -6.08
CA GLN D 40 -39.07 34.26 -7.45
C GLN D 40 -40.57 34.02 -7.58
N ARG D 41 -41.28 35.03 -8.09
CA ARG D 41 -42.72 34.90 -8.28
C ARG D 41 -43.01 34.07 -9.52
N GLU D 42 -44.18 33.42 -9.52
CA GLU D 42 -44.57 32.54 -10.62
C GLU D 42 -44.77 33.33 -11.91
N ASP D 43 -44.49 32.67 -13.03
CA ASP D 43 -44.55 33.32 -14.33
C ASP D 43 -45.98 33.54 -14.79
N ARG D 44 -46.15 34.44 -15.76
CA ARG D 44 -47.43 34.69 -16.41
C ARG D 44 -47.35 34.45 -17.91
N ASN D 45 -46.50 33.53 -18.35
CA ASN D 45 -46.37 33.23 -19.76
C ASN D 45 -47.56 32.43 -20.27
N ARG D 74 -62.48 41.47 -5.57
CA ARG D 74 -61.57 40.87 -6.54
C ARG D 74 -60.60 39.90 -5.87
N PHE D 75 -60.45 38.71 -6.48
CA PHE D 75 -59.60 37.66 -5.96
C PHE D 75 -58.75 37.11 -7.11
N ASP D 76 -57.56 37.67 -7.28
CA ASP D 76 -56.69 37.31 -8.38
C ASP D 76 -55.74 36.18 -8.00
N ARG D 77 -54.79 35.90 -8.88
CA ARG D 77 -53.91 34.75 -8.70
C ARG D 77 -52.88 34.99 -7.61
N ASP D 78 -52.32 36.21 -7.55
CA ASP D 78 -51.30 36.52 -6.54
C ASP D 78 -51.83 36.47 -5.13
N ARG D 79 -53.02 37.01 -4.88
CA ARG D 79 -53.60 36.97 -3.54
C ARG D 79 -53.91 35.53 -3.13
N LEU D 80 -54.45 34.74 -4.05
CA LEU D 80 -54.74 33.33 -3.77
C LEU D 80 -53.47 32.54 -3.47
N PHE D 81 -52.41 32.79 -4.25
CA PHE D 81 -51.16 32.08 -4.02
C PHE D 81 -50.52 32.48 -2.70
N SER D 82 -50.60 33.77 -2.34
CA SER D 82 -50.08 34.20 -1.04
C SER D 82 -50.88 33.62 0.11
N VAL D 83 -52.21 33.49 -0.06
CA VAL D 83 -53.06 32.94 0.99
C VAL D 83 -52.75 31.45 1.19
N VAL D 84 -52.65 30.69 0.09
CA VAL D 84 -52.35 29.26 0.25
C VAL D 84 -50.89 29.03 0.62
N SER D 85 -50.01 30.02 0.42
CA SER D 85 -48.65 29.91 0.95
C SER D 85 -48.64 30.14 2.46
N ARG D 86 -49.39 31.13 2.93
CA ARG D 86 -49.46 31.38 4.37
C ARG D 86 -50.20 30.27 5.10
N GLY D 87 -51.25 29.73 4.47
CA GLY D 87 -51.99 28.62 5.07
C GLY D 87 -53.13 29.03 5.98
N VAL D 88 -53.63 30.26 5.85
CA VAL D 88 -54.74 30.74 6.66
C VAL D 88 -56.02 30.53 5.85
N PRO D 89 -56.95 29.69 6.30
CA PRO D 89 -58.13 29.40 5.46
C PRO D 89 -59.16 30.50 5.45
N GLU D 90 -59.18 31.38 6.45
CA GLU D 90 -60.23 32.39 6.53
C GLU D 90 -60.03 33.54 5.55
N GLU D 91 -58.85 33.64 4.92
CA GLU D 91 -58.65 34.66 3.90
C GLU D 91 -59.15 34.21 2.53
N LEU D 92 -59.71 33.01 2.42
CA LEU D 92 -60.30 32.54 1.18
C LEU D 92 -61.74 33.01 0.99
N THR D 93 -62.28 33.78 1.92
CA THR D 93 -63.66 34.26 1.80
C THR D 93 -63.76 35.27 0.66
N GLY D 94 -64.82 35.11 -0.14
CA GLY D 94 -65.01 35.94 -1.31
C GLY D 94 -64.45 35.37 -2.59
N LEU D 95 -63.65 34.31 -2.52
CA LEU D 95 -63.10 33.70 -3.72
C LEU D 95 -64.18 32.94 -4.49
N LEU D 96 -65.02 32.19 -3.77
CA LEU D 96 -66.07 31.41 -4.41
C LEU D 96 -67.09 32.32 -5.07
N GLU D 97 -67.46 33.42 -4.39
CA GLU D 97 -68.40 34.37 -4.96
C GLU D 97 -67.83 35.09 -6.18
N TYR D 98 -66.53 35.41 -6.14
CA TYR D 98 -65.88 36.03 -7.30
C TYR D 98 -65.85 35.06 -8.48
N LEU D 99 -65.56 33.79 -8.23
CA LEU D 99 -65.52 32.79 -9.28
C LEU D 99 -66.92 32.56 -9.87
N ARG D 100 -67.95 32.58 -9.01
CA ARG D 100 -69.32 32.42 -9.50
C ARG D 100 -69.76 33.65 -10.30
N TRP D 101 -69.33 34.84 -9.88
CA TRP D 101 -69.70 36.05 -10.59
C TRP D 101 -69.02 36.12 -11.96
N ASN D 102 -67.75 35.72 -12.03
CA ASN D 102 -67.02 35.79 -13.29
C ASN D 102 -67.11 34.50 -14.10
N SER D 103 -67.83 33.49 -13.60
CA SER D 103 -67.97 32.17 -14.24
C SER D 103 -66.62 31.52 -14.51
N LYS D 104 -65.69 31.67 -13.58
CA LYS D 104 -64.35 31.11 -13.72
C LYS D 104 -64.13 29.97 -12.75
N TYR D 105 -63.05 29.23 -12.98
CA TYR D 105 -62.70 28.05 -12.19
C TYR D 105 -61.25 28.15 -11.77
N LEU D 106 -60.90 27.42 -10.70
CA LEU D 106 -59.54 27.43 -10.19
C LEU D 106 -58.56 26.72 -11.12
N THR D 107 -59.04 25.85 -12.00
CA THR D 107 -58.19 25.16 -12.95
C THR D 107 -57.96 25.97 -14.22
N ASP D 108 -58.53 27.16 -14.33
CA ASP D 108 -58.37 27.98 -15.52
C ASP D 108 -56.95 28.54 -15.60
N SER D 109 -56.57 28.96 -16.80
CA SER D 109 -55.19 29.38 -17.05
C SER D 109 -54.84 30.69 -16.35
N ALA D 110 -55.87 31.47 -15.99
CA ALA D 110 -55.62 32.74 -15.30
C ALA D 110 -55.19 32.53 -13.86
N TYR D 111 -55.52 31.39 -13.25
CA TYR D 111 -55.21 31.11 -11.86
C TYR D 111 -54.04 30.15 -11.69
N THR D 112 -53.32 29.84 -12.77
CA THR D 112 -52.17 28.95 -12.72
C THR D 112 -50.92 29.69 -13.15
N GLU D 113 -49.78 29.06 -12.90
CA GLU D 113 -48.52 29.54 -13.45
C GLU D 113 -48.55 29.37 -14.96
N GLY D 114 -48.15 30.43 -15.69
CA GLY D 114 -48.29 30.40 -17.13
C GLY D 114 -47.38 29.39 -17.81
N SER D 115 -46.13 29.29 -17.34
CA SER D 115 -45.16 28.44 -18.01
C SER D 115 -45.41 26.95 -17.75
N THR D 116 -45.91 26.60 -16.57
CA THR D 116 -46.04 25.20 -16.18
C THR D 116 -47.48 24.72 -16.06
N GLY D 117 -48.42 25.59 -15.76
CA GLY D 117 -49.76 25.14 -15.43
C GLY D 117 -49.94 24.72 -14.00
N LYS D 118 -48.99 25.05 -13.12
CA LYS D 118 -49.09 24.73 -11.71
C LYS D 118 -50.23 25.50 -11.06
N THR D 119 -51.12 24.79 -10.38
CA THR D 119 -52.33 25.35 -9.83
C THR D 119 -52.13 25.78 -8.39
N CYS D 120 -53.22 26.29 -7.80
CA CYS D 120 -53.18 26.76 -6.42
C CYS D 120 -53.12 25.60 -5.43
N LEU D 121 -53.68 24.45 -5.79
CA LEU D 121 -53.63 23.28 -4.91
C LEU D 121 -52.20 22.75 -4.78
N MET D 122 -51.47 22.71 -5.89
CA MET D 122 -50.06 22.33 -5.82
C MET D 122 -49.25 23.33 -5.04
N LYS D 123 -49.61 24.62 -5.12
CA LYS D 123 -48.98 25.64 -4.30
C LYS D 123 -49.28 25.41 -2.82
N ALA D 124 -50.47 24.94 -2.51
CA ALA D 124 -50.84 24.66 -1.12
C ALA D 124 -50.07 23.45 -0.58
N VAL D 125 -49.96 22.39 -1.39
CA VAL D 125 -49.24 21.20 -0.94
C VAL D 125 -47.73 21.47 -0.88
N LEU D 126 -47.21 22.34 -1.74
CA LEU D 126 -45.78 22.65 -1.70
C LEU D 126 -45.39 23.48 -0.48
N ASN D 127 -46.37 24.00 0.27
CA ASN D 127 -46.13 24.82 1.44
C ASN D 127 -46.75 24.20 2.69
N LEU D 128 -46.55 22.90 2.87
CA LEU D 128 -47.05 22.22 4.07
C LEU D 128 -46.22 22.62 5.28
N GLN D 129 -46.89 23.00 6.36
CA GLN D 129 -46.24 23.31 7.63
C GLN D 129 -46.53 22.17 8.60
N ASP D 130 -45.46 21.44 8.96
CA ASP D 130 -45.54 20.24 9.81
C ASP D 130 -46.49 19.19 9.22
N GLY D 131 -46.48 19.06 7.90
CA GLY D 131 -47.27 18.05 7.22
C GLY D 131 -48.73 18.39 7.01
N VAL D 132 -49.17 19.58 7.38
CA VAL D 132 -50.57 19.97 7.27
C VAL D 132 -50.67 21.41 6.78
N ASN D 133 -51.51 21.62 5.77
CA ASN D 133 -51.84 22.96 5.30
C ASN D 133 -53.36 23.11 5.41
N ALA D 134 -53.81 24.11 6.15
CA ALA D 134 -55.23 24.27 6.43
C ALA D 134 -56.02 24.81 5.25
N CYS D 135 -55.34 25.24 4.19
CA CYS D 135 -56.04 25.83 3.05
C CYS D 135 -56.46 24.80 2.02
N ILE D 136 -56.16 23.52 2.23
CA ILE D 136 -56.39 22.52 1.18
C ILE D 136 -57.86 22.16 1.08
N MET D 137 -58.46 21.76 2.20
CA MET D 137 -59.88 21.37 2.20
C MET D 137 -60.83 22.51 1.83
N PRO D 138 -60.70 23.75 2.35
CA PRO D 138 -61.56 24.83 1.81
C PRO D 138 -61.36 25.11 0.34
N LEU D 139 -60.13 24.96 -0.18
CA LEU D 139 -59.90 25.15 -1.61
C LEU D 139 -60.64 24.10 -2.44
N LEU D 140 -60.63 22.85 -1.97
CA LEU D 140 -61.37 21.80 -2.66
C LEU D 140 -62.87 22.03 -2.55
N GLN D 141 -63.34 22.56 -1.42
CA GLN D 141 -64.76 22.89 -1.28
C GLN D 141 -65.16 24.00 -2.23
N ILE D 142 -64.32 25.02 -2.39
CA ILE D 142 -64.60 26.10 -3.34
C ILE D 142 -64.59 25.57 -4.77
N ASP D 143 -63.65 24.66 -5.08
CA ASP D 143 -63.59 24.05 -6.40
C ASP D 143 -64.84 23.23 -6.70
N LYS D 144 -65.33 22.49 -5.71
CA LYS D 144 -66.56 21.72 -5.89
C LYS D 144 -67.77 22.64 -6.04
N ASP D 145 -67.83 23.71 -5.25
CA ASP D 145 -68.97 24.61 -5.28
C ASP D 145 -68.99 25.50 -6.51
N SER D 146 -67.86 25.60 -7.23
CA SER D 146 -67.80 26.43 -8.42
C SER D 146 -68.31 25.73 -9.66
N GLY D 147 -68.70 24.46 -9.57
CA GLY D 147 -69.16 23.73 -10.73
C GLY D 147 -68.09 23.43 -11.74
N ASN D 148 -66.88 23.13 -11.29
CA ASN D 148 -65.78 22.86 -12.21
C ASN D 148 -65.90 21.45 -12.77
N PRO D 149 -66.00 21.29 -14.09
CA PRO D 149 -66.04 19.93 -14.66
C PRO D 149 -64.72 19.19 -14.57
N LYS D 150 -63.61 19.90 -14.40
CA LYS D 150 -62.30 19.28 -14.19
C LYS D 150 -61.92 19.45 -12.72
N LEU D 151 -61.70 18.34 -12.04
CA LEU D 151 -61.40 18.40 -10.61
C LEU D 151 -60.02 19.00 -10.38
N LEU D 152 -59.89 19.78 -9.31
CA LEU D 152 -58.61 20.44 -9.00
C LEU D 152 -57.58 19.43 -8.51
N VAL D 153 -58.03 18.31 -7.93
CA VAL D 153 -57.11 17.30 -7.44
C VAL D 153 -56.39 16.61 -8.59
N ASN D 154 -57.05 16.48 -9.75
CA ASN D 154 -56.49 15.79 -10.90
C ASN D 154 -55.84 16.73 -11.91
N ALA D 155 -55.70 18.01 -11.59
CA ALA D 155 -55.00 18.92 -12.48
C ALA D 155 -53.51 18.63 -12.47
N GLN D 156 -52.89 18.68 -13.65
CA GLN D 156 -51.49 18.34 -13.80
C GLN D 156 -50.76 19.48 -14.52
N CYS D 157 -49.46 19.55 -14.28
CA CYS D 157 -48.64 20.55 -14.97
C CYS D 157 -48.49 20.19 -16.43
N THR D 158 -48.34 21.21 -17.27
CA THR D 158 -48.37 21.04 -18.72
C THR D 158 -47.06 21.33 -19.42
N ASP D 159 -46.05 21.86 -18.73
CA ASP D 159 -44.78 22.16 -19.38
C ASP D 159 -44.01 20.86 -19.67
N GLU D 160 -43.00 20.98 -20.52
CA GLU D 160 -42.25 19.81 -20.96
C GLU D 160 -41.35 19.27 -19.87
N PHE D 161 -41.05 20.06 -18.84
CA PHE D 161 -40.14 19.63 -17.79
C PHE D 161 -40.88 18.91 -16.66
N TYR D 162 -42.05 19.42 -16.27
CA TYR D 162 -42.83 18.84 -15.19
C TYR D 162 -44.15 18.25 -15.66
N GLN D 163 -44.18 17.63 -16.84
CA GLN D 163 -45.45 17.18 -17.42
C GLN D 163 -46.05 16.03 -16.62
N GLY D 164 -47.33 16.16 -16.31
CA GLY D 164 -48.05 15.16 -15.55
C GLY D 164 -47.90 15.25 -14.05
N HIS D 165 -47.14 16.22 -13.55
CA HIS D 165 -46.95 16.37 -12.11
C HIS D 165 -48.23 16.85 -11.45
N SER D 166 -48.62 16.17 -10.36
CA SER D 166 -49.87 16.46 -9.69
C SER D 166 -49.61 16.70 -8.21
N ALA D 167 -50.69 17.06 -7.50
CA ALA D 167 -50.56 17.39 -6.08
C ALA D 167 -50.36 16.14 -5.23
N LEU D 168 -50.82 14.98 -5.71
CA LEU D 168 -50.61 13.74 -4.97
C LEU D 168 -49.14 13.35 -4.94
N HIS D 169 -48.42 13.59 -6.03
CA HIS D 169 -46.98 13.35 -6.05
C HIS D 169 -46.27 14.25 -5.05
N ILE D 170 -46.69 15.52 -4.95
CA ILE D 170 -46.08 16.45 -4.00
C ILE D 170 -46.39 16.02 -2.57
N ALA D 171 -47.63 15.56 -2.33
CA ALA D 171 -48.01 15.12 -0.99
C ALA D 171 -47.22 13.89 -0.58
N ILE D 172 -46.96 12.98 -1.51
CA ILE D 172 -46.18 11.79 -1.19
C ILE D 172 -44.71 12.17 -0.96
N GLU D 173 -44.17 13.06 -1.80
CA GLU D 173 -42.77 13.43 -1.68
C GLU D 173 -42.51 14.24 -0.41
N LYS D 174 -43.51 15.01 0.04
CA LYS D 174 -43.39 15.73 1.31
C LYS D 174 -43.62 14.83 2.52
N ARG D 175 -43.88 13.53 2.30
CA ARG D 175 -44.06 12.54 3.35
C ARG D 175 -45.20 12.88 4.31
N SER D 176 -46.29 13.41 3.76
CA SER D 176 -47.45 13.81 4.54
C SER D 176 -48.57 12.81 4.27
N LEU D 177 -48.70 11.81 5.14
CA LEU D 177 -49.74 10.80 5.00
C LEU D 177 -51.13 11.41 5.18
N GLN D 178 -51.25 12.42 6.05
CA GLN D 178 -52.52 13.11 6.24
C GLN D 178 -52.98 13.80 4.96
N CYS D 179 -52.05 14.46 4.26
CA CYS D 179 -52.40 15.13 3.02
C CYS D 179 -52.71 14.13 1.92
N VAL D 180 -52.02 12.98 1.91
CA VAL D 180 -52.32 11.93 0.94
C VAL D 180 -53.72 11.39 1.17
N LYS D 181 -54.08 11.14 2.43
CA LYS D 181 -55.43 10.68 2.75
C LYS D 181 -56.47 11.72 2.39
N LEU D 182 -56.17 12.99 2.64
CA LEU D 182 -57.11 14.07 2.33
C LEU D 182 -57.33 14.19 0.83
N LEU D 183 -56.27 14.00 0.04
CA LEU D 183 -56.40 14.08 -1.41
C LEU D 183 -57.13 12.87 -1.97
N VAL D 184 -56.85 11.68 -1.43
CA VAL D 184 -57.48 10.45 -1.92
C VAL D 184 -58.97 10.46 -1.58
N GLU D 185 -59.33 10.95 -0.39
CA GLU D 185 -60.74 10.99 0.02
C GLU D 185 -61.58 11.92 -0.87
N ASN D 186 -60.95 12.90 -1.51
CA ASN D 186 -61.66 13.85 -2.37
C ASN D 186 -61.54 13.53 -3.84
N GLY D 187 -61.04 12.35 -4.21
CA GLY D 187 -61.08 11.90 -5.59
C GLY D 187 -59.83 12.10 -6.39
N ALA D 188 -58.66 12.01 -5.77
CA ALA D 188 -57.41 12.09 -6.52
C ALA D 188 -57.16 10.78 -7.26
N ASP D 189 -56.85 10.89 -8.54
CA ASP D 189 -56.50 9.73 -9.34
C ASP D 189 -55.11 9.27 -8.94
N VAL D 190 -55.01 8.00 -8.54
CA VAL D 190 -53.75 7.46 -8.02
C VAL D 190 -52.94 6.83 -9.14
N HIS D 191 -53.36 7.03 -10.38
CA HIS D 191 -52.67 6.48 -11.53
C HIS D 191 -52.23 7.56 -12.51
N LEU D 192 -52.15 8.82 -12.07
CA LEU D 192 -51.61 9.88 -12.91
C LEU D 192 -50.09 9.73 -12.98
N ARG D 193 -49.55 9.90 -14.18
CA ARG D 193 -48.14 9.66 -14.46
C ARG D 193 -47.42 10.99 -14.61
N ALA D 194 -46.42 11.22 -13.77
CA ALA D 194 -45.52 12.36 -13.91
C ALA D 194 -44.48 12.01 -14.96
N CYS D 195 -44.69 12.47 -16.19
CA CYS D 195 -43.88 12.07 -17.32
C CYS D 195 -43.09 13.19 -17.97
N GLY D 196 -42.72 14.23 -17.22
CA GLY D 196 -41.91 15.30 -17.78
C GLY D 196 -40.45 14.90 -17.86
N ARG D 197 -39.65 15.85 -18.38
CA ARG D 197 -38.22 15.62 -18.52
C ARG D 197 -37.51 15.56 -17.16
N PHE D 198 -38.05 16.24 -16.15
CA PHE D 198 -37.49 16.13 -14.80
C PHE D 198 -37.70 14.74 -14.23
N PHE D 199 -38.76 14.06 -14.62
CA PHE D 199 -39.09 12.75 -14.09
C PHE D 199 -38.55 11.60 -14.93
N GLN D 200 -37.90 11.90 -16.06
CA GLN D 200 -37.25 10.86 -16.84
C GLN D 200 -35.87 10.57 -16.27
N LYS D 201 -35.25 9.50 -16.79
CA LYS D 201 -33.93 9.10 -16.36
C LYS D 201 -32.90 9.56 -17.40
N HIS D 202 -32.01 10.46 -17.00
CA HIS D 202 -30.93 10.92 -17.85
C HIS D 202 -29.82 11.44 -16.96
N GLN D 203 -28.78 11.99 -17.60
CA GLN D 203 -27.60 12.42 -16.86
C GLN D 203 -27.72 13.82 -16.27
N GLY D 204 -28.81 14.53 -16.56
CA GLY D 204 -29.00 15.87 -16.04
C GLY D 204 -29.67 15.88 -14.68
N THR D 205 -30.20 17.04 -14.33
CA THR D 205 -30.95 17.19 -13.08
C THR D 205 -32.31 16.52 -13.24
N CYS D 206 -32.49 15.38 -12.58
CA CYS D 206 -33.71 14.60 -12.76
C CYS D 206 -33.92 13.72 -11.54
N PHE D 207 -35.14 13.20 -11.42
CA PHE D 207 -35.48 12.24 -10.38
C PHE D 207 -36.43 11.22 -11.02
N TYR D 208 -35.89 10.11 -11.47
CA TYR D 208 -36.72 9.01 -11.95
C TYR D 208 -37.08 8.10 -10.78
N PHE D 209 -38.38 7.84 -10.62
CA PHE D 209 -38.89 6.95 -9.61
C PHE D 209 -39.97 6.03 -10.17
N GLY D 210 -39.95 5.81 -11.48
CA GLY D 210 -41.19 5.48 -12.16
C GLY D 210 -41.91 6.79 -12.48
N GLU D 211 -43.23 6.69 -12.66
CA GLU D 211 -44.02 7.90 -12.88
C GLU D 211 -45.27 7.96 -12.04
N LEU D 212 -45.65 6.89 -11.38
CA LEU D 212 -46.88 6.67 -10.65
C LEU D 212 -46.70 7.03 -9.17
N PRO D 213 -47.79 7.43 -8.51
CA PRO D 213 -47.71 7.73 -7.07
C PRO D 213 -47.27 6.55 -6.21
N LEU D 214 -47.69 5.33 -6.54
CA LEU D 214 -47.28 4.16 -5.77
C LEU D 214 -45.79 3.89 -5.93
N SER D 215 -45.26 4.06 -7.15
CA SER D 215 -43.83 3.90 -7.37
C SER D 215 -43.03 4.99 -6.66
N LEU D 216 -43.60 6.21 -6.58
CA LEU D 216 -42.96 7.28 -5.82
C LEU D 216 -42.93 6.95 -4.33
N ALA D 217 -44.03 6.41 -3.81
CA ALA D 217 -44.08 6.06 -2.39
C ALA D 217 -43.15 4.90 -2.08
N ALA D 218 -42.97 3.98 -3.03
CA ALA D 218 -42.06 2.86 -2.81
C ALA D 218 -40.60 3.31 -2.89
N CYS D 219 -40.28 4.17 -3.86
CA CYS D 219 -38.89 4.57 -4.04
C CYS D 219 -38.40 5.52 -2.96
N THR D 220 -39.31 6.14 -2.23
CA THR D 220 -38.95 7.05 -1.14
C THR D 220 -39.04 6.41 0.24
N LYS D 221 -39.27 5.09 0.30
CA LYS D 221 -39.33 4.31 1.54
C LYS D 221 -40.42 4.84 2.48
N GLN D 222 -41.66 4.71 2.01
CA GLN D 222 -42.84 5.14 2.76
C GLN D 222 -43.81 3.97 2.81
N TRP D 223 -43.69 3.16 3.87
CA TRP D 223 -44.51 1.95 3.97
C TRP D 223 -45.97 2.28 4.26
N ASP D 224 -46.22 3.31 5.07
CA ASP D 224 -47.58 3.68 5.41
C ASP D 224 -48.31 4.23 4.19
N VAL D 225 -47.61 5.02 3.37
CA VAL D 225 -48.22 5.58 2.18
C VAL D 225 -48.50 4.49 1.16
N VAL D 226 -47.58 3.53 1.02
CA VAL D 226 -47.77 2.40 0.12
C VAL D 226 -48.96 1.57 0.57
N THR D 227 -49.06 1.30 1.87
CA THR D 227 -50.15 0.50 2.41
C THR D 227 -51.49 1.20 2.24
N TYR D 228 -51.52 2.53 2.45
CA TYR D 228 -52.76 3.27 2.25
C TYR D 228 -53.16 3.32 0.77
N LEU D 229 -52.19 3.49 -0.13
CA LEU D 229 -52.51 3.58 -1.54
C LEU D 229 -52.96 2.23 -2.09
N LEU D 230 -52.46 1.14 -1.51
CA LEU D 230 -52.78 -0.18 -2.07
C LEU D 230 -54.19 -0.64 -1.68
N GLU D 231 -54.71 -0.22 -0.52
CA GLU D 231 -55.98 -0.77 -0.07
C GLU D 231 -56.90 0.27 0.56
N ASN D 232 -56.87 1.51 0.07
CA ASN D 232 -57.87 2.47 0.50
C ASN D 232 -59.22 2.14 -0.14
N PRO D 233 -60.33 2.40 0.56
CA PRO D 233 -61.65 2.10 -0.02
C PRO D 233 -62.10 3.07 -1.10
N HIS D 234 -61.41 4.19 -1.28
CA HIS D 234 -61.84 5.18 -2.26
C HIS D 234 -61.33 4.82 -3.66
N GLN D 235 -60.02 4.67 -3.81
CA GLN D 235 -59.42 4.29 -5.08
C GLN D 235 -58.08 3.61 -4.84
N PRO D 236 -58.05 2.28 -4.77
CA PRO D 236 -56.78 1.60 -4.48
C PRO D 236 -55.86 1.59 -5.69
N ALA D 237 -54.58 1.80 -5.43
CA ALA D 237 -53.58 1.72 -6.49
C ALA D 237 -53.30 0.28 -6.86
N SER D 238 -52.89 0.07 -8.11
CA SER D 238 -52.64 -1.26 -8.65
C SER D 238 -51.14 -1.49 -8.77
N LEU D 239 -50.68 -2.66 -8.33
CA LEU D 239 -49.28 -3.02 -8.49
C LEU D 239 -48.94 -3.34 -9.95
N GLU D 240 -49.95 -3.63 -10.77
CA GLU D 240 -49.75 -3.92 -12.19
C GLU D 240 -49.68 -2.66 -13.04
N ALA D 241 -49.86 -1.49 -12.45
CA ALA D 241 -49.85 -0.25 -13.22
C ALA D 241 -48.45 0.04 -13.74
N THR D 242 -48.37 0.51 -14.98
CA THR D 242 -47.10 0.73 -15.66
C THR D 242 -46.93 2.19 -16.01
N ASP D 243 -45.69 2.62 -16.07
CA ASP D 243 -45.35 3.98 -16.48
C ASP D 243 -45.29 4.09 -18.00
N SER D 244 -44.75 5.21 -18.49
CA SER D 244 -44.66 5.44 -19.92
C SER D 244 -43.68 4.50 -20.62
N LEU D 245 -42.73 3.94 -19.88
CA LEU D 245 -41.80 2.95 -20.42
C LEU D 245 -42.27 1.52 -20.20
N GLY D 246 -43.48 1.33 -19.68
CA GLY D 246 -43.95 0.01 -19.32
C GLY D 246 -43.43 -0.50 -18.00
N ASN D 247 -42.70 0.32 -17.26
CA ASN D 247 -42.11 -0.12 -16.00
C ASN D 247 -43.16 -0.16 -14.90
N THR D 248 -43.17 -1.26 -14.15
CA THR D 248 -43.99 -1.35 -12.95
C THR D 248 -43.20 -0.84 -11.75
N VAL D 249 -43.74 -1.05 -10.55
CA VAL D 249 -43.06 -0.57 -9.34
C VAL D 249 -41.80 -1.40 -9.07
N LEU D 250 -41.81 -2.68 -9.44
CA LEU D 250 -40.61 -3.51 -9.28
C LEU D 250 -39.54 -3.10 -10.28
N HIS D 251 -39.94 -2.77 -11.51
CA HIS D 251 -39.01 -2.23 -12.49
C HIS D 251 -38.42 -0.91 -12.00
N ALA D 252 -39.24 -0.05 -11.39
CA ALA D 252 -38.77 1.23 -10.87
C ALA D 252 -37.80 1.04 -9.71
N LEU D 253 -38.05 0.05 -8.86
CA LEU D 253 -37.13 -0.26 -7.78
C LEU D 253 -35.80 -0.77 -8.33
N VAL D 254 -35.84 -1.55 -9.41
CA VAL D 254 -34.62 -1.97 -10.08
C VAL D 254 -33.90 -0.76 -10.68
N MET D 255 -34.67 0.20 -11.21
CA MET D 255 -34.09 1.38 -11.83
C MET D 255 -33.35 2.26 -10.83
N ILE D 256 -33.91 2.46 -9.64
CA ILE D 256 -33.31 3.36 -8.66
C ILE D 256 -32.30 2.61 -7.81
N ALA D 257 -32.07 1.34 -8.13
CA ALA D 257 -31.15 0.53 -7.35
C ALA D 257 -29.71 0.93 -7.63
N ASP D 258 -28.93 1.07 -6.56
CA ASP D 258 -27.49 1.23 -6.65
C ASP D 258 -26.82 0.07 -5.96
N ASN D 259 -25.52 -0.08 -6.18
CA ASN D 259 -24.77 -1.20 -5.64
C ASN D 259 -24.18 -0.89 -4.27
N SER D 260 -24.44 0.28 -3.72
CA SER D 260 -24.05 0.58 -2.36
C SER D 260 -24.91 -0.24 -1.39
N PRO D 261 -24.36 -0.58 -0.22
CA PRO D 261 -25.11 -1.45 0.72
C PRO D 261 -26.42 -0.86 1.23
N GLU D 262 -26.47 0.44 1.49
CA GLU D 262 -27.69 1.04 2.03
C GLU D 262 -28.79 1.09 0.99
N ASN D 263 -28.45 1.54 -0.22
CA ASN D 263 -29.42 1.58 -1.31
C ASN D 263 -29.91 0.18 -1.68
N SER D 264 -29.00 -0.80 -1.68
CA SER D 264 -29.38 -2.17 -1.99
C SER D 264 -30.29 -2.74 -0.90
N ALA D 265 -30.01 -2.43 0.37
CA ALA D 265 -30.87 -2.90 1.45
C ALA D 265 -32.26 -2.29 1.35
N LEU D 266 -32.34 -0.99 1.03
CA LEU D 266 -33.64 -0.33 0.86
C LEU D 266 -34.41 -0.95 -0.30
N VAL D 267 -33.74 -1.17 -1.44
CA VAL D 267 -34.41 -1.71 -2.62
C VAL D 267 -34.87 -3.14 -2.36
N ILE D 268 -34.04 -3.94 -1.68
CA ILE D 268 -34.38 -5.34 -1.39
C ILE D 268 -35.55 -5.42 -0.43
N HIS D 269 -35.55 -4.59 0.61
CA HIS D 269 -36.66 -4.56 1.56
C HIS D 269 -37.97 -4.15 0.89
N MET D 270 -37.92 -3.10 0.07
CA MET D 270 -39.11 -2.62 -0.63
C MET D 270 -39.62 -3.67 -1.61
N TYR D 271 -38.71 -4.30 -2.35
CA TYR D 271 -39.06 -5.31 -3.34
C TYR D 271 -39.73 -6.51 -2.69
N ASP D 272 -39.13 -7.02 -1.60
CA ASP D 272 -39.68 -8.19 -0.92
C ASP D 272 -41.03 -7.87 -0.29
N GLY D 273 -41.17 -6.70 0.33
CA GLY D 273 -42.44 -6.33 0.93
C GLY D 273 -43.54 -6.16 -0.10
N LEU D 274 -43.22 -5.54 -1.25
CA LEU D 274 -44.22 -5.36 -2.30
C LEU D 274 -44.61 -6.69 -2.92
N LEU D 275 -43.64 -7.61 -3.07
CA LEU D 275 -43.97 -8.93 -3.60
C LEU D 275 -44.85 -9.71 -2.62
N GLN D 276 -44.57 -9.60 -1.32
CA GLN D 276 -45.39 -10.28 -0.32
C GLN D 276 -46.80 -9.68 -0.24
N MET D 277 -46.93 -8.37 -0.44
CA MET D 277 -48.27 -7.78 -0.47
C MET D 277 -49.00 -8.10 -1.76
N GLY D 278 -48.26 -8.28 -2.86
CA GLY D 278 -48.88 -8.71 -4.10
C GLY D 278 -49.34 -10.15 -4.03
N ALA D 279 -48.72 -10.95 -3.17
CA ALA D 279 -49.22 -12.29 -2.89
C ALA D 279 -50.57 -12.28 -2.21
N ARG D 280 -50.94 -11.17 -1.56
CA ARG D 280 -52.24 -11.03 -0.90
C ARG D 280 -53.26 -10.31 -1.77
N LEU D 281 -52.90 -9.15 -2.32
CA LEU D 281 -53.85 -8.31 -3.06
C LEU D 281 -54.19 -8.86 -4.43
N CYS D 282 -53.20 -9.35 -5.18
CA CYS D 282 -53.44 -9.97 -6.49
C CYS D 282 -52.71 -11.31 -6.54
N PRO D 283 -53.27 -12.34 -5.90
CA PRO D 283 -52.55 -13.63 -5.81
C PRO D 283 -52.42 -14.35 -7.14
N THR D 284 -53.34 -14.14 -8.07
CA THR D 284 -53.28 -14.82 -9.35
C THR D 284 -52.40 -14.10 -10.37
N VAL D 285 -51.80 -12.97 -10.00
CA VAL D 285 -50.99 -12.17 -10.92
C VAL D 285 -49.53 -12.43 -10.63
N GLN D 286 -48.78 -12.83 -11.65
CA GLN D 286 -47.33 -12.97 -11.57
C GLN D 286 -46.71 -11.59 -11.81
N LEU D 287 -46.34 -10.93 -10.71
CA LEU D 287 -45.84 -9.56 -10.78
C LEU D 287 -44.46 -9.50 -11.42
N GLU D 288 -43.63 -10.52 -11.19
CA GLU D 288 -42.28 -10.54 -11.74
C GLU D 288 -42.24 -11.02 -13.18
N GLU D 289 -43.36 -11.47 -13.74
CA GLU D 289 -43.42 -11.88 -15.13
C GLU D 289 -43.86 -10.76 -16.05
N ILE D 290 -44.13 -9.57 -15.52
CA ILE D 290 -44.57 -8.45 -16.35
C ILE D 290 -43.36 -7.86 -17.05
N SER D 291 -43.46 -7.69 -18.37
CA SER D 291 -42.39 -7.13 -19.17
C SER D 291 -42.72 -5.69 -19.56
N ASN D 292 -41.70 -4.84 -19.61
CA ASN D 292 -41.88 -3.46 -20.03
C ASN D 292 -41.85 -3.37 -21.56
N HIS D 293 -41.74 -2.15 -22.07
CA HIS D 293 -41.74 -1.93 -23.52
C HIS D 293 -40.49 -2.47 -24.20
N GLN D 294 -39.41 -2.70 -23.45
CA GLN D 294 -38.23 -3.37 -24.00
C GLN D 294 -38.33 -4.88 -23.92
N GLY D 295 -39.41 -5.43 -23.36
CA GLY D 295 -39.54 -6.85 -23.17
C GLY D 295 -38.81 -7.40 -21.97
N LEU D 296 -38.41 -6.55 -21.03
CA LEU D 296 -37.62 -7.00 -19.89
C LEU D 296 -38.47 -7.16 -18.65
N THR D 297 -38.28 -8.28 -17.96
CA THR D 297 -38.78 -8.49 -16.61
C THR D 297 -37.87 -7.77 -15.62
N PRO D 298 -38.27 -7.62 -14.35
CA PRO D 298 -37.35 -7.00 -13.38
C PRO D 298 -36.02 -7.72 -13.22
N LEU D 299 -36.00 -9.05 -13.33
CA LEU D 299 -34.74 -9.78 -13.31
C LEU D 299 -33.89 -9.46 -14.54
N LYS D 300 -34.51 -9.45 -15.72
CA LYS D 300 -33.79 -9.11 -16.94
C LYS D 300 -33.36 -7.65 -16.96
N LEU D 301 -34.16 -6.77 -16.37
CA LEU D 301 -33.78 -5.37 -16.26
C LEU D 301 -32.60 -5.19 -15.31
N ALA D 302 -32.58 -5.94 -14.21
CA ALA D 302 -31.44 -5.89 -13.31
C ALA D 302 -30.19 -6.46 -13.96
N ALA D 303 -30.35 -7.47 -14.81
CA ALA D 303 -29.22 -8.03 -15.54
C ALA D 303 -28.69 -7.04 -16.57
N LYS D 304 -29.59 -6.27 -17.20
CA LYS D 304 -29.16 -5.35 -18.25
C LYS D 304 -28.48 -4.12 -17.67
N GLU D 305 -28.95 -3.62 -16.53
CA GLU D 305 -28.43 -2.39 -15.96
C GLU D 305 -27.25 -2.60 -15.04
N GLY D 306 -26.81 -3.84 -14.82
CA GLY D 306 -25.67 -4.07 -13.96
C GLY D 306 -25.94 -3.92 -12.49
N LYS D 307 -27.21 -3.99 -12.08
CA LYS D 307 -27.58 -3.85 -10.67
C LYS D 307 -27.34 -5.19 -9.98
N ILE D 308 -26.09 -5.38 -9.55
CA ILE D 308 -25.60 -6.71 -9.15
C ILE D 308 -26.26 -7.20 -7.87
N GLU D 309 -26.53 -6.29 -6.93
CA GLU D 309 -27.06 -6.70 -5.62
C GLU D 309 -28.50 -7.20 -5.72
N ILE D 310 -29.37 -6.43 -6.38
CA ILE D 310 -30.76 -6.86 -6.50
C ILE D 310 -30.88 -8.02 -7.47
N PHE D 311 -29.97 -8.12 -8.46
CA PHE D 311 -29.92 -9.27 -9.34
C PHE D 311 -29.59 -10.55 -8.57
N ARG D 312 -28.60 -10.46 -7.67
CA ARG D 312 -28.25 -11.60 -6.84
C ARG D 312 -29.37 -11.95 -5.87
N HIS D 313 -30.06 -10.94 -5.34
CA HIS D 313 -31.14 -11.20 -4.40
C HIS D 313 -32.33 -11.89 -5.08
N ILE D 314 -32.72 -11.41 -6.27
CA ILE D 314 -33.82 -12.02 -6.99
C ILE D 314 -33.44 -13.42 -7.46
N LEU D 315 -32.19 -13.57 -7.92
CA LEU D 315 -31.75 -14.83 -8.51
C LEU D 315 -31.66 -15.94 -7.48
N GLN D 316 -31.37 -15.59 -6.22
CA GLN D 316 -31.18 -16.56 -5.16
C GLN D 316 -32.21 -16.41 -4.04
N ARG D 317 -33.42 -15.97 -4.37
CA ARG D 317 -34.42 -15.66 -3.36
C ARG D 317 -35.02 -16.93 -2.77
N GLU D 318 -35.13 -16.96 -1.44
CA GLU D 318 -35.65 -18.13 -0.74
C GLU D 318 -36.53 -17.67 0.42
N PHE D 319 -37.71 -18.27 0.54
CA PHE D 319 -38.63 -18.02 1.64
C PHE D 319 -39.08 -19.35 2.23
N SER D 320 -39.44 -19.32 3.52
CA SER D 320 -39.86 -20.51 4.24
C SER D 320 -41.28 -20.33 4.76
N GLY D 321 -42.05 -21.42 4.76
CA GLY D 321 -43.41 -21.39 5.22
C GLY D 321 -44.32 -20.65 4.26
N PRO D 322 -44.94 -19.57 4.72
CA PRO D 322 -45.67 -18.70 3.80
C PRO D 322 -44.70 -17.97 2.88
N TYR D 323 -45.23 -17.52 1.73
CA TYR D 323 -44.50 -16.87 0.64
C TYR D 323 -43.43 -17.78 0.03
N GLN D 324 -43.55 -19.09 0.27
CA GLN D 324 -42.68 -20.07 -0.38
C GLN D 324 -42.81 -20.13 -1.90
N PRO D 325 -44.00 -19.98 -2.52
CA PRO D 325 -44.02 -19.88 -4.00
C PRO D 325 -43.30 -18.66 -4.56
N LEU D 326 -43.02 -17.64 -3.75
CA LEU D 326 -42.24 -16.50 -4.21
C LEU D 326 -40.75 -16.78 -4.27
N SER D 327 -40.31 -17.95 -3.82
CA SER D 327 -38.90 -18.28 -3.84
C SER D 327 -38.43 -18.69 -5.24
N ARG D 328 -37.17 -18.41 -5.53
CA ARG D 328 -36.51 -18.95 -6.70
C ARG D 328 -35.42 -19.95 -6.36
N LYS D 329 -35.03 -20.04 -5.09
CA LYS D 329 -34.07 -21.01 -4.60
C LYS D 329 -34.76 -21.90 -3.57
N PHE D 330 -34.61 -23.21 -3.73
CA PHE D 330 -35.25 -24.19 -2.84
C PHE D 330 -34.18 -25.12 -2.29
N THR D 331 -33.97 -25.07 -0.98
CA THR D 331 -33.01 -25.98 -0.34
C THR D 331 -33.54 -27.40 -0.38
N GLU D 332 -32.68 -28.34 -0.78
CA GLU D 332 -33.08 -29.73 -0.92
C GLU D 332 -32.64 -30.57 0.28
N TRP D 333 -31.34 -30.62 0.56
CA TRP D 333 -30.84 -31.31 1.74
C TRP D 333 -29.49 -30.74 2.14
N CYS D 334 -29.15 -30.94 3.41
CA CYS D 334 -27.89 -30.49 3.97
C CYS D 334 -27.25 -31.62 4.77
N TYR D 335 -25.92 -31.67 4.74
CA TYR D 335 -25.17 -32.65 5.53
C TYR D 335 -23.81 -32.04 5.84
N GLY D 336 -23.67 -31.50 7.05
CA GLY D 336 -22.47 -30.81 7.43
C GLY D 336 -22.27 -29.53 6.62
N PRO D 337 -21.08 -29.37 6.05
CA PRO D 337 -20.83 -28.18 5.20
C PRO D 337 -21.40 -28.28 3.80
N VAL D 338 -22.12 -29.35 3.47
CA VAL D 338 -22.68 -29.54 2.14
C VAL D 338 -24.12 -29.06 2.13
N ARG D 339 -24.44 -28.16 1.22
CA ARG D 339 -25.80 -27.65 1.02
C ARG D 339 -26.17 -27.86 -0.44
N VAL D 340 -27.30 -28.52 -0.68
CA VAL D 340 -27.79 -28.81 -2.02
C VAL D 340 -29.12 -28.08 -2.21
N SER D 341 -29.22 -27.30 -3.28
CA SER D 341 -30.37 -26.45 -3.51
C SER D 341 -30.84 -26.58 -4.95
N LEU D 342 -32.10 -26.26 -5.17
CA LEU D 342 -32.69 -26.18 -6.51
C LEU D 342 -32.91 -24.72 -6.87
N TYR D 343 -32.52 -24.34 -8.08
CA TYR D 343 -32.60 -22.97 -8.54
C TYR D 343 -33.57 -22.88 -9.71
N ASP D 344 -34.47 -21.90 -9.66
CA ASP D 344 -35.40 -21.66 -10.75
C ASP D 344 -34.65 -21.18 -11.99
N LEU D 345 -34.84 -21.87 -13.11
CA LEU D 345 -34.18 -21.52 -14.36
C LEU D 345 -35.08 -20.75 -15.31
N SER D 346 -36.23 -20.27 -14.85
CA SER D 346 -37.12 -19.48 -15.69
C SER D 346 -36.47 -18.15 -16.02
N SER D 347 -36.48 -17.80 -17.30
CA SER D 347 -35.88 -16.60 -17.91
C SER D 347 -34.37 -16.54 -17.76
N VAL D 348 -33.72 -17.61 -17.30
CA VAL D 348 -32.28 -17.61 -17.08
C VAL D 348 -31.56 -18.46 -18.12
N ASP D 349 -32.13 -19.63 -18.42
CA ASP D 349 -31.50 -20.57 -19.34
C ASP D 349 -31.51 -20.03 -20.77
N SER D 350 -30.40 -20.24 -21.47
CA SER D 350 -30.23 -19.70 -22.82
C SER D 350 -31.04 -20.43 -23.88
N TRP D 351 -31.74 -21.50 -23.51
CA TRP D 351 -32.68 -22.15 -24.42
C TRP D 351 -33.80 -21.20 -24.83
N GLU D 352 -34.20 -20.30 -23.93
CA GLU D 352 -35.23 -19.33 -24.22
C GLU D 352 -34.62 -18.09 -24.88
N LYS D 353 -35.37 -17.48 -25.78
CA LYS D 353 -34.93 -16.25 -26.43
C LYS D 353 -34.91 -15.11 -25.42
N ASN D 354 -33.91 -14.24 -25.55
CA ASN D 354 -33.71 -13.05 -24.72
C ASN D 354 -33.59 -13.42 -23.24
N SER D 355 -32.65 -14.30 -22.92
CA SER D 355 -32.49 -14.79 -21.57
C SER D 355 -31.54 -13.89 -20.78
N VAL D 356 -31.39 -14.21 -19.49
CA VAL D 356 -30.51 -13.45 -18.61
C VAL D 356 -29.05 -13.59 -19.05
N LEU D 357 -28.67 -14.81 -19.46
CA LEU D 357 -27.29 -15.04 -19.91
C LEU D 357 -26.98 -14.25 -21.17
N GLU D 358 -27.91 -14.25 -22.13
CA GLU D 358 -27.72 -13.49 -23.36
C GLU D 358 -27.67 -11.99 -23.09
N ILE D 359 -28.50 -11.51 -22.15
CA ILE D 359 -28.53 -10.09 -21.80
C ILE D 359 -27.21 -9.68 -21.15
N ILE D 360 -26.71 -10.52 -20.24
CA ILE D 360 -25.44 -10.22 -19.56
C ILE D 360 -24.29 -10.24 -20.56
N ALA D 361 -24.27 -11.21 -21.47
CA ALA D 361 -23.15 -11.36 -22.39
C ALA D 361 -23.15 -10.26 -23.45
N PHE D 362 -24.30 -9.97 -24.06
CA PHE D 362 -24.34 -9.15 -25.26
C PHE D 362 -25.14 -7.86 -25.15
N HIS D 363 -25.92 -7.67 -24.09
CA HIS D 363 -26.75 -6.47 -23.97
C HIS D 363 -26.33 -5.55 -22.83
N CYS D 364 -25.57 -6.03 -21.86
CA CYS D 364 -25.20 -5.22 -20.71
C CYS D 364 -23.97 -4.38 -21.04
N LYS D 365 -23.99 -3.11 -20.61
CA LYS D 365 -22.87 -2.22 -20.80
C LYS D 365 -22.05 -1.99 -19.53
N SER D 366 -22.50 -2.54 -18.41
CA SER D 366 -21.92 -2.17 -17.12
C SER D 366 -20.56 -2.86 -16.93
N PRO D 367 -19.65 -2.25 -16.17
CA PRO D 367 -18.32 -2.87 -15.99
C PRO D 367 -18.32 -4.12 -15.13
N ASN D 368 -19.38 -4.39 -14.36
CA ASN D 368 -19.43 -5.57 -13.51
C ASN D 368 -20.17 -6.74 -14.16
N ARG D 369 -20.05 -6.90 -15.48
CA ARG D 369 -20.64 -8.05 -16.15
C ARG D 369 -19.97 -9.35 -15.70
N HIS D 370 -18.66 -9.30 -15.46
CA HIS D 370 -17.93 -10.50 -15.07
C HIS D 370 -18.26 -10.91 -13.64
N ARG D 371 -18.80 -10.01 -12.83
CA ARG D 371 -19.21 -10.37 -11.48
C ARG D 371 -20.56 -11.07 -11.48
N MET D 372 -21.36 -10.88 -12.52
CA MET D 372 -22.68 -11.53 -12.56
C MET D 372 -22.57 -13.00 -12.93
N VAL D 373 -21.64 -13.34 -13.82
CA VAL D 373 -21.56 -14.71 -14.34
C VAL D 373 -20.96 -15.69 -13.34
N VAL D 374 -20.38 -15.20 -12.25
CA VAL D 374 -19.82 -16.08 -11.23
C VAL D 374 -20.78 -16.34 -10.09
N LEU D 375 -22.00 -15.79 -10.16
CA LEU D 375 -23.02 -16.07 -9.16
C LEU D 375 -23.75 -17.36 -9.49
N GLU D 376 -24.22 -18.03 -8.44
CA GLU D 376 -25.01 -19.24 -8.66
C GLU D 376 -26.46 -18.85 -8.93
N PRO D 377 -27.17 -19.59 -9.80
CA PRO D 377 -26.78 -20.82 -10.51
C PRO D 377 -26.11 -20.59 -11.84
N LEU D 378 -25.72 -19.34 -12.16
CA LEU D 378 -25.16 -19.02 -13.46
C LEU D 378 -23.80 -19.68 -13.65
N ASN D 379 -23.00 -19.73 -12.59
CA ASN D 379 -21.65 -20.27 -12.67
C ASN D 379 -21.65 -21.76 -13.02
N LYS D 380 -22.45 -22.55 -12.30
CA LYS D 380 -22.48 -23.99 -12.57
C LYS D 380 -23.13 -24.29 -13.91
N LEU D 381 -24.16 -23.53 -14.28
CA LEU D 381 -24.83 -23.73 -15.56
C LEU D 381 -23.87 -23.47 -16.72
N LEU D 382 -23.12 -22.37 -16.65
CA LEU D 382 -22.12 -22.09 -17.68
C LEU D 382 -21.00 -23.10 -17.65
N GLN D 383 -20.68 -23.66 -16.47
CA GLN D 383 -19.65 -24.69 -16.39
C GLN D 383 -20.07 -25.97 -17.11
N GLU D 384 -21.31 -26.43 -16.91
CA GLU D 384 -21.76 -27.62 -17.64
C GLU D 384 -21.89 -27.35 -19.13
N LYS D 385 -22.30 -26.14 -19.51
CA LYS D 385 -22.34 -25.79 -20.92
C LYS D 385 -20.94 -25.81 -21.55
N TRP D 386 -19.94 -25.30 -20.83
CA TRP D 386 -18.57 -25.32 -21.33
C TRP D 386 -18.02 -26.74 -21.40
N ASP D 387 -18.35 -27.56 -20.41
CA ASP D 387 -17.92 -28.96 -20.44
C ASP D 387 -18.56 -29.71 -21.59
N ARG D 388 -19.76 -29.32 -21.99
CA ARG D 388 -20.40 -29.91 -23.15
C ARG D 388 -19.85 -29.40 -24.48
N LEU D 389 -19.37 -28.15 -24.54
CA LEU D 389 -18.93 -27.56 -25.80
C LEU D 389 -17.42 -27.42 -25.97
N VAL D 390 -16.62 -27.92 -25.03
CA VAL D 390 -15.17 -27.75 -25.10
C VAL D 390 -14.57 -28.50 -26.29
N SER D 391 -15.12 -29.66 -26.65
CA SER D 391 -14.63 -30.40 -27.79
C SER D 391 -14.90 -29.65 -29.09
N ARG D 392 -16.07 -29.00 -29.20
CA ARG D 392 -16.36 -28.18 -30.38
C ARG D 392 -15.45 -26.97 -30.43
N PHE D 393 -15.15 -26.37 -29.28
CA PHE D 393 -14.22 -25.24 -29.22
C PHE D 393 -12.85 -25.63 -29.75
N PHE D 394 -12.33 -26.77 -29.29
CA PHE D 394 -11.00 -27.17 -29.74
C PHE D 394 -11.00 -27.74 -31.15
N PHE D 395 -12.13 -28.26 -31.63
CA PHE D 395 -12.24 -28.61 -33.05
C PHE D 395 -12.19 -27.37 -33.93
N ASN D 396 -12.84 -26.28 -33.51
CA ASN D 396 -12.74 -25.02 -34.22
C ASN D 396 -11.30 -24.50 -34.21
N PHE D 397 -10.63 -24.64 -33.08
CA PHE D 397 -9.22 -24.24 -33.00
C PHE D 397 -8.35 -25.06 -33.95
N ALA D 398 -8.60 -26.38 -34.03
CA ALA D 398 -7.83 -27.23 -34.93
C ALA D 398 -8.08 -26.87 -36.39
N CYS D 399 -9.33 -26.56 -36.73
CA CYS D 399 -9.63 -26.14 -38.11
C CYS D 399 -8.93 -24.82 -38.44
N TYR D 400 -8.91 -23.88 -37.50
CA TYR D 400 -8.21 -22.62 -37.77
C TYR D 400 -6.71 -22.81 -37.86
N LEU D 401 -6.16 -23.74 -37.06
CA LEU D 401 -4.74 -24.07 -37.17
C LEU D 401 -4.40 -24.65 -38.54
N VAL D 402 -5.25 -25.55 -39.05
CA VAL D 402 -5.03 -26.13 -40.37
C VAL D 402 -5.08 -25.06 -41.44
N TYR D 403 -6.09 -24.18 -41.36
CA TYR D 403 -6.24 -23.10 -42.32
C TYR D 403 -5.04 -22.16 -42.29
N MET D 404 -4.54 -21.84 -41.10
CA MET D 404 -3.42 -20.92 -40.98
C MET D 404 -2.11 -21.56 -41.42
N PHE D 405 -1.96 -22.87 -41.22
CA PHE D 405 -0.77 -23.58 -41.70
C PHE D 405 -0.73 -23.60 -43.22
N ILE D 406 -1.88 -23.87 -43.85
CA ILE D 406 -1.93 -23.85 -45.31
C ILE D 406 -1.72 -22.42 -45.83
N PHE D 407 -2.22 -21.42 -45.10
CA PHE D 407 -1.98 -20.02 -45.44
C PHE D 407 -0.49 -19.70 -45.41
N THR D 408 0.21 -20.13 -44.37
CA THR D 408 1.64 -19.86 -44.24
C THR D 408 2.44 -20.57 -45.34
N VAL D 409 2.07 -21.81 -45.65
CA VAL D 409 2.77 -22.56 -46.70
C VAL D 409 2.56 -21.89 -48.06
N VAL D 410 1.33 -21.46 -48.35
CA VAL D 410 1.04 -20.83 -49.64
C VAL D 410 1.73 -19.47 -49.75
N ALA D 411 1.71 -18.66 -48.68
CA ALA D 411 2.35 -17.36 -48.73
C ALA D 411 3.87 -17.49 -48.78
N TYR D 412 4.42 -18.56 -48.22
CA TYR D 412 5.87 -18.75 -48.26
C TYR D 412 6.37 -19.10 -49.65
N HIS D 413 5.58 -19.85 -50.43
CA HIS D 413 6.00 -20.35 -51.73
C HIS D 413 5.36 -19.57 -52.88
N GLN D 414 5.23 -18.26 -52.74
CA GLN D 414 4.74 -17.44 -53.83
C GLN D 414 5.80 -17.36 -54.93
N PRO D 415 5.43 -17.22 -56.20
CA PRO D 415 6.43 -17.11 -57.25
C PRO D 415 6.86 -15.68 -57.53
N SER D 416 7.70 -15.53 -58.55
CA SER D 416 8.27 -14.23 -58.87
C SER D 416 7.27 -13.36 -59.61
N LEU D 417 7.34 -12.06 -59.35
CA LEU D 417 6.48 -11.09 -60.01
C LEU D 417 7.14 -10.56 -61.29
N PHE D 429 3.76 -30.34 -60.60
CA PHE D 429 3.08 -30.81 -59.40
C PHE D 429 3.05 -29.74 -58.31
N GLY D 430 4.13 -28.95 -58.24
CA GLY D 430 4.17 -27.86 -57.29
C GLY D 430 3.21 -26.74 -57.64
N GLU D 431 3.08 -26.43 -58.94
CA GLU D 431 2.18 -25.36 -59.37
C GLU D 431 0.73 -25.73 -59.14
N SER D 432 0.36 -26.99 -59.40
CA SER D 432 -1.00 -27.43 -59.14
C SER D 432 -1.31 -27.45 -57.65
N MET D 433 -0.34 -27.86 -56.82
CA MET D 433 -0.55 -27.82 -55.39
C MET D 433 -0.67 -26.39 -54.87
N LEU D 434 0.09 -25.45 -55.45
CA LEU D 434 -0.04 -24.06 -55.06
C LEU D 434 -1.40 -23.48 -55.49
N LEU D 435 -1.89 -23.89 -56.66
CA LEU D 435 -3.22 -23.46 -57.09
C LEU D 435 -4.30 -24.02 -56.17
N LEU D 436 -4.14 -25.28 -55.75
CA LEU D 436 -5.08 -25.88 -54.81
C LEU D 436 -5.04 -25.17 -53.46
N GLY D 437 -3.84 -24.80 -53.00
CA GLY D 437 -3.73 -24.04 -51.77
C GLY D 437 -4.36 -22.67 -51.86
N HIS D 438 -4.23 -22.02 -53.02
CA HIS D 438 -4.89 -20.73 -53.23
C HIS D 438 -6.40 -20.87 -53.20
N ILE D 439 -6.92 -21.95 -53.81
CA ILE D 439 -8.36 -22.21 -53.76
C ILE D 439 -8.82 -22.46 -52.32
N LEU D 440 -8.04 -23.21 -51.56
CA LEU D 440 -8.40 -23.48 -50.16
C LEU D 440 -8.37 -22.21 -49.33
N ILE D 441 -7.38 -21.34 -49.55
CA ILE D 441 -7.32 -20.06 -48.85
C ILE D 441 -8.52 -19.18 -49.21
N LEU D 442 -8.92 -19.17 -50.48
CA LEU D 442 -10.08 -18.38 -50.90
C LEU D 442 -11.36 -18.91 -50.27
N LEU D 443 -11.52 -20.23 -50.24
CA LEU D 443 -12.73 -20.82 -49.65
C LEU D 443 -12.79 -20.59 -48.15
N GLY D 444 -11.65 -20.73 -47.47
CA GLY D 444 -11.62 -20.46 -46.03
C GLY D 444 -11.90 -19.01 -45.71
N GLY D 445 -11.39 -18.09 -46.54
CA GLY D 445 -11.68 -16.68 -46.35
C GLY D 445 -13.15 -16.37 -46.56
N ILE D 446 -13.77 -16.99 -47.57
CA ILE D 446 -15.20 -16.80 -47.81
C ILE D 446 -16.01 -17.34 -46.64
N TYR D 447 -15.62 -18.50 -46.12
CA TYR D 447 -16.31 -19.10 -44.98
C TYR D 447 -16.24 -18.22 -43.75
N LEU D 448 -15.03 -17.72 -43.43
CA LEU D 448 -14.86 -16.86 -42.27
C LEU D 448 -15.57 -15.53 -42.44
N LEU D 449 -15.59 -15.00 -43.67
CA LEU D 449 -16.28 -13.75 -43.94
C LEU D 449 -17.79 -13.90 -43.75
N LEU D 450 -18.36 -15.01 -44.25
CA LEU D 450 -19.79 -15.24 -44.07
C LEU D 450 -20.14 -15.47 -42.60
N GLY D 451 -19.26 -16.17 -41.87
CA GLY D 451 -19.52 -16.37 -40.44
C GLY D 451 -19.49 -15.08 -39.65
N GLN D 452 -18.51 -14.22 -39.92
CA GLN D 452 -18.43 -12.94 -39.22
C GLN D 452 -19.56 -11.99 -39.62
N LEU D 453 -19.98 -12.02 -40.89
CA LEU D 453 -21.11 -11.21 -41.31
C LEU D 453 -22.39 -11.68 -40.64
N TRP D 454 -22.57 -13.00 -40.50
CA TRP D 454 -23.73 -13.54 -39.78
C TRP D 454 -23.70 -13.15 -38.31
N TYR D 455 -22.51 -13.16 -37.69
CA TYR D 455 -22.39 -12.74 -36.31
C TYR D 455 -22.77 -11.27 -36.14
N PHE D 456 -22.25 -10.40 -37.00
CA PHE D 456 -22.55 -8.98 -36.87
C PHE D 456 -23.98 -8.65 -37.28
N TRP D 457 -24.61 -9.52 -38.07
CA TRP D 457 -26.03 -9.36 -38.36
C TRP D 457 -26.88 -9.77 -37.16
N ARG D 458 -26.49 -10.84 -36.47
CA ARG D 458 -27.23 -11.27 -35.28
C ARG D 458 -27.04 -10.29 -34.13
N ARG D 459 -25.89 -9.62 -34.08
CA ARG D 459 -25.61 -8.66 -33.02
C ARG D 459 -25.94 -7.25 -33.51
N ARG D 460 -27.02 -7.12 -34.27
CA ARG D 460 -27.40 -5.91 -34.99
C ARG D 460 -27.60 -4.69 -34.11
N LEU D 461 -28.58 -4.73 -33.20
CA LEU D 461 -28.96 -3.54 -32.45
C LEU D 461 -27.90 -3.17 -31.42
N PHE D 462 -27.28 -4.17 -30.81
CA PHE D 462 -26.27 -3.93 -29.78
C PHE D 462 -24.85 -4.09 -30.29
N ILE D 463 -24.57 -3.62 -31.51
CA ILE D 463 -23.27 -3.85 -32.14
C ILE D 463 -22.17 -3.08 -31.42
N TRP D 464 -22.48 -1.91 -30.87
CA TRP D 464 -21.49 -1.15 -30.12
C TRP D 464 -21.12 -1.85 -28.82
N ILE D 465 -22.05 -2.62 -28.26
CA ILE D 465 -21.75 -3.43 -27.09
C ILE D 465 -21.05 -4.72 -27.50
N SER D 466 -21.14 -5.07 -28.79
CA SER D 466 -20.62 -6.36 -29.24
C SER D 466 -19.09 -6.37 -29.29
N PHE D 467 -18.45 -5.30 -29.75
CA PHE D 467 -17.00 -5.35 -29.93
C PHE D 467 -16.22 -4.58 -28.87
N MET D 468 -16.87 -4.14 -27.79
CA MET D 468 -16.12 -3.44 -26.74
C MET D 468 -15.31 -4.41 -25.90
N ASP D 469 -15.67 -5.70 -25.94
CA ASP D 469 -14.88 -6.74 -25.30
C ASP D 469 -14.63 -7.92 -26.24
N SER D 470 -14.95 -7.77 -27.52
CA SER D 470 -14.78 -8.84 -28.49
C SER D 470 -14.17 -8.28 -29.78
N TYR D 471 -13.03 -7.59 -29.65
CA TYR D 471 -12.32 -7.06 -30.80
C TYR D 471 -11.81 -8.14 -31.74
N PHE D 472 -11.71 -9.39 -31.26
CA PHE D 472 -11.32 -10.49 -32.13
C PHE D 472 -12.35 -10.76 -33.21
N GLU D 473 -13.62 -10.42 -32.98
CA GLU D 473 -14.62 -10.51 -34.05
C GLU D 473 -14.29 -9.54 -35.19
N ILE D 474 -13.93 -8.31 -34.85
CA ILE D 474 -13.50 -7.33 -35.83
C ILE D 474 -12.25 -7.81 -36.55
N LEU D 475 -11.29 -8.36 -35.80
CA LEU D 475 -10.05 -8.82 -36.41
C LEU D 475 -10.26 -10.01 -37.34
N PHE D 476 -11.14 -10.95 -36.98
CA PHE D 476 -11.45 -12.07 -37.85
C PHE D 476 -12.16 -11.62 -39.12
N LEU D 477 -13.09 -10.66 -38.98
CA LEU D 477 -13.77 -10.12 -40.16
C LEU D 477 -12.79 -9.41 -41.08
N LEU D 478 -11.87 -8.62 -40.50
CA LEU D 478 -10.89 -7.89 -41.30
C LEU D 478 -9.92 -8.85 -41.99
N GLN D 479 -9.51 -9.92 -41.30
CA GLN D 479 -8.63 -10.92 -41.90
C GLN D 479 -9.30 -11.62 -43.07
N ALA D 480 -10.57 -11.99 -42.91
CA ALA D 480 -11.29 -12.64 -44.00
C ALA D 480 -11.49 -11.69 -45.18
N LEU D 481 -11.79 -10.42 -44.91
CA LEU D 481 -11.93 -9.42 -45.97
C LEU D 481 -10.61 -9.23 -46.73
N LEU D 482 -9.50 -9.15 -46.00
CA LEU D 482 -8.20 -9.01 -46.63
C LEU D 482 -7.83 -10.23 -47.45
N THR D 483 -8.18 -11.43 -46.98
CA THR D 483 -7.91 -12.65 -47.73
C THR D 483 -8.69 -12.67 -49.04
N VAL D 484 -9.99 -12.31 -48.99
CA VAL D 484 -10.80 -12.30 -50.20
C VAL D 484 -10.33 -11.24 -51.17
N LEU D 485 -9.94 -10.06 -50.64
CA LEU D 485 -9.44 -8.99 -51.49
C LEU D 485 -8.12 -9.37 -52.15
N SER D 486 -7.23 -10.04 -51.41
CA SER D 486 -5.95 -10.45 -51.97
C SER D 486 -6.13 -11.52 -53.04
N GLN D 487 -7.07 -12.44 -52.82
CA GLN D 487 -7.32 -13.46 -53.85
C GLN D 487 -8.03 -12.87 -55.07
N VAL D 488 -8.81 -11.80 -54.87
CA VAL D 488 -9.43 -11.13 -56.01
C VAL D 488 -8.37 -10.38 -56.82
N LEU D 489 -7.44 -9.70 -56.12
CA LEU D 489 -6.41 -8.93 -56.80
C LEU D 489 -5.41 -9.83 -57.52
N ARG D 490 -5.25 -11.07 -57.05
CA ARG D 490 -4.40 -12.02 -57.74
C ARG D 490 -4.99 -12.43 -59.08
N PHE D 491 -6.33 -12.49 -59.16
CA PHE D 491 -6.99 -12.81 -60.42
C PHE D 491 -6.84 -11.66 -61.41
N MET D 492 -6.78 -10.43 -60.91
CA MET D 492 -6.58 -9.25 -61.75
C MET D 492 -5.11 -9.02 -62.10
N GLU D 493 -4.21 -9.86 -61.58
CA GLU D 493 -2.78 -9.87 -61.91
C GLU D 493 -2.08 -8.56 -61.56
N THR D 494 -2.53 -7.87 -60.51
CA THR D 494 -1.82 -6.70 -60.02
C THR D 494 -0.83 -7.12 -58.95
N GLU D 495 0.22 -6.31 -58.77
CA GLU D 495 1.28 -6.67 -57.84
C GLU D 495 0.90 -6.41 -56.38
N TRP D 496 -0.19 -5.69 -56.15
CA TRP D 496 -0.55 -5.30 -54.79
C TRP D 496 -1.28 -6.41 -54.04
N TYR D 497 -1.49 -7.57 -54.66
CA TYR D 497 -2.07 -8.70 -53.95
C TYR D 497 -1.12 -9.24 -52.89
N LEU D 498 0.19 -9.10 -53.12
CA LEU D 498 1.15 -9.75 -52.22
C LEU D 498 1.28 -9.04 -50.87
N PRO D 499 1.34 -7.69 -50.79
CA PRO D 499 1.23 -7.08 -49.46
C PRO D 499 -0.10 -7.34 -48.76
N LEU D 500 -1.21 -7.42 -49.50
CA LEU D 500 -2.49 -7.76 -48.90
C LEU D 500 -2.48 -9.19 -48.35
N LEU D 501 -1.91 -10.12 -49.10
CA LEU D 501 -1.80 -11.50 -48.64
C LEU D 501 -0.92 -11.60 -47.42
N VAL D 502 0.19 -10.87 -47.40
CA VAL D 502 1.11 -10.87 -46.27
C VAL D 502 0.45 -10.27 -45.03
N LEU D 503 -0.30 -9.18 -45.21
CA LEU D 503 -0.96 -8.54 -44.07
C LEU D 503 -2.10 -9.40 -43.53
N SER D 504 -2.83 -10.10 -44.41
CA SER D 504 -3.83 -11.04 -43.95
C SER D 504 -3.19 -12.24 -43.25
N LEU D 505 -2.00 -12.65 -43.68
CA LEU D 505 -1.26 -13.70 -42.97
C LEU D 505 -0.88 -13.25 -41.57
N VAL D 506 -0.43 -11.98 -41.44
CA VAL D 506 -0.12 -11.41 -40.12
C VAL D 506 -1.35 -11.43 -39.23
N LEU D 507 -2.47 -10.95 -39.75
CA LEU D 507 -3.72 -10.90 -38.97
C LEU D 507 -4.19 -12.30 -38.60
N GLY D 508 -4.03 -13.26 -39.51
CA GLY D 508 -4.44 -14.62 -39.21
C GLY D 508 -3.59 -15.27 -38.13
N TRP D 509 -2.29 -14.97 -38.12
CA TRP D 509 -1.45 -15.51 -37.05
C TRP D 509 -1.73 -14.81 -35.72
N LEU D 510 -2.08 -13.52 -35.76
CA LEU D 510 -2.45 -12.83 -34.53
C LEU D 510 -3.79 -13.33 -34.00
N ASN D 511 -4.68 -13.75 -34.90
CA ASN D 511 -6.01 -14.22 -34.52
C ASN D 511 -5.98 -15.56 -33.81
N LEU D 512 -4.86 -16.27 -33.86
CA LEU D 512 -4.75 -17.55 -33.17
C LEU D 512 -4.71 -17.40 -31.66
N LEU D 513 -4.43 -16.19 -31.16
CA LEU D 513 -4.42 -15.93 -29.73
C LEU D 513 -5.81 -15.80 -29.12
N TYR D 514 -6.86 -15.86 -29.95
CA TYR D 514 -8.22 -15.93 -29.43
C TYR D 514 -8.42 -17.22 -28.63
N TYR D 515 -7.82 -18.31 -29.08
CA TYR D 515 -8.10 -19.63 -28.51
C TYR D 515 -7.29 -19.91 -27.26
N THR D 516 -6.54 -18.93 -26.74
CA THR D 516 -5.87 -19.12 -25.46
C THR D 516 -6.86 -19.11 -24.30
N ARG D 517 -8.07 -18.60 -24.52
CA ARG D 517 -9.11 -18.57 -23.49
C ARG D 517 -9.70 -19.95 -23.21
N GLY D 518 -9.38 -20.96 -24.02
CA GLY D 518 -9.87 -22.30 -23.76
C GLY D 518 -9.24 -22.97 -22.55
N PHE D 519 -8.09 -22.48 -22.11
CA PHE D 519 -7.42 -23.00 -20.93
C PHE D 519 -7.42 -21.93 -19.84
N GLN D 520 -7.42 -22.38 -18.58
CA GLN D 520 -7.37 -21.46 -17.45
C GLN D 520 -6.04 -20.73 -17.40
N HIS D 521 -4.94 -21.45 -17.65
CA HIS D 521 -3.60 -20.91 -17.46
C HIS D 521 -3.31 -19.80 -18.48
N THR D 522 -3.58 -20.07 -19.75
CA THR D 522 -3.38 -19.05 -20.78
C THR D 522 -4.51 -18.02 -20.81
N GLY D 523 -5.75 -18.47 -20.57
CA GLY D 523 -6.90 -17.59 -20.64
C GLY D 523 -6.96 -16.54 -19.56
N ILE D 524 -6.55 -16.90 -18.33
CA ILE D 524 -6.47 -15.90 -17.28
C ILE D 524 -5.34 -14.91 -17.57
N TYR D 525 -4.19 -15.42 -18.03
CA TYR D 525 -3.04 -14.58 -18.30
C TYR D 525 -3.30 -13.57 -19.39
N SER D 526 -4.04 -13.97 -20.44
CA SER D 526 -4.41 -13.05 -21.50
C SER D 526 -5.29 -11.91 -21.01
N VAL D 527 -5.98 -12.11 -19.89
CA VAL D 527 -6.72 -11.02 -19.26
C VAL D 527 -5.80 -10.18 -18.37
N MET D 528 -4.87 -10.83 -17.67
CA MET D 528 -3.97 -10.10 -16.77
C MET D 528 -3.04 -9.14 -17.53
N ILE D 529 -2.59 -9.53 -18.73
CA ILE D 529 -1.64 -8.67 -19.43
C ILE D 529 -2.31 -7.38 -19.91
N GLN D 530 -3.46 -7.49 -20.57
CA GLN D 530 -4.10 -6.31 -21.12
C GLN D 530 -4.83 -5.54 -20.03
N LYS D 531 -4.72 -4.21 -20.09
CA LYS D 531 -5.29 -3.33 -19.08
C LYS D 531 -5.43 -1.93 -19.69
N VAL D 532 -5.53 -0.92 -18.82
CA VAL D 532 -5.76 0.47 -19.23
C VAL D 532 -4.58 1.10 -19.96
N ILE D 533 -3.52 0.34 -20.25
CA ILE D 533 -2.36 0.85 -20.99
C ILE D 533 -2.77 1.32 -22.37
N LEU D 534 -3.75 0.63 -22.99
CA LEU D 534 -4.16 0.95 -24.36
C LEU D 534 -4.78 2.33 -24.49
N ARG D 535 -5.56 2.77 -23.51
CA ARG D 535 -6.20 4.08 -23.62
C ARG D 535 -5.24 5.22 -23.27
N ASP D 536 -4.17 4.92 -22.54
CA ASP D 536 -3.17 5.93 -22.23
C ASP D 536 -2.06 5.96 -23.27
N LEU D 537 -1.90 4.87 -24.03
CA LEU D 537 -0.90 4.82 -25.10
C LEU D 537 -1.21 5.84 -26.18
N LEU D 538 -2.48 5.98 -26.56
CA LEU D 538 -2.88 6.97 -27.56
C LEU D 538 -2.68 8.39 -27.06
N ARG D 539 -2.98 8.64 -25.78
CA ARG D 539 -2.84 9.97 -25.22
C ARG D 539 -1.38 10.38 -25.08
N PHE D 540 -0.50 9.42 -24.77
CA PHE D 540 0.94 9.69 -24.78
C PHE D 540 1.45 9.86 -26.20
N LEU D 541 0.87 9.10 -27.14
CA LEU D 541 1.29 9.16 -28.54
C LEU D 541 0.97 10.52 -29.14
N LEU D 542 -0.10 11.16 -28.65
CA LEU D 542 -0.45 12.50 -29.14
C LEU D 542 0.66 13.51 -28.83
N VAL D 543 1.27 13.42 -27.64
CA VAL D 543 2.38 14.30 -27.29
C VAL D 543 3.64 13.89 -28.04
N TYR D 544 3.90 12.57 -28.11
CA TYR D 544 5.14 12.08 -28.69
C TYR D 544 5.21 12.38 -30.19
N LEU D 545 4.09 12.30 -30.90
CA LEU D 545 4.09 12.59 -32.33
C LEU D 545 4.32 14.07 -32.61
N VAL D 546 3.82 14.94 -31.73
CA VAL D 546 4.10 16.36 -31.86
C VAL D 546 5.60 16.63 -31.68
N PHE D 547 6.19 16.00 -30.65
CA PHE D 547 7.64 16.10 -30.44
C PHE D 547 8.42 15.64 -31.66
N LEU D 548 8.03 14.47 -32.19
CA LEU D 548 8.71 13.84 -33.31
C LEU D 548 8.62 14.71 -34.56
N PHE D 549 7.42 15.19 -34.88
CA PHE D 549 7.23 15.98 -36.10
C PHE D 549 7.95 17.32 -36.01
N GLY D 550 7.88 17.98 -34.85
CA GLY D 550 8.55 19.27 -34.71
C GLY D 550 10.06 19.15 -34.86
N PHE D 551 10.65 18.18 -34.15
CA PHE D 551 12.10 18.03 -34.25
C PHE D 551 12.52 17.49 -35.62
N ALA D 552 11.64 16.73 -36.29
CA ALA D 552 11.96 16.21 -37.61
C ALA D 552 12.01 17.32 -38.65
N VAL D 553 10.98 18.20 -38.65
CA VAL D 553 11.00 19.30 -39.62
C VAL D 553 12.12 20.28 -39.30
N ALA D 554 12.47 20.42 -38.02
CA ALA D 554 13.61 21.24 -37.64
C ALA D 554 14.92 20.68 -38.18
N LEU D 555 15.13 19.37 -38.03
CA LEU D 555 16.37 18.77 -38.47
C LEU D 555 16.48 18.72 -39.99
N VAL D 556 15.34 18.62 -40.68
CA VAL D 556 15.37 18.67 -42.13
C VAL D 556 15.71 20.09 -42.60
N SER D 557 15.11 21.11 -41.97
CA SER D 557 15.36 22.48 -42.37
C SER D 557 16.79 22.91 -42.06
N LEU D 558 17.34 22.46 -40.93
CA LEU D 558 18.66 22.92 -40.51
C LEU D 558 19.79 22.22 -41.24
N SER D 559 19.57 20.99 -41.72
CA SER D 559 20.64 20.21 -42.34
C SER D 559 20.75 20.43 -43.84
N ARG D 560 19.95 21.33 -44.41
CA ARG D 560 19.98 21.55 -45.85
C ARG D 560 21.24 22.26 -46.33
N GLU D 561 22.00 22.87 -45.43
CA GLU D 561 23.17 23.66 -45.79
C GLU D 561 24.42 22.91 -45.34
N ALA D 562 25.38 22.79 -46.25
CA ALA D 562 26.66 22.16 -45.96
C ALA D 562 27.72 23.21 -45.62
N ARG D 563 28.75 22.78 -44.90
CA ARG D 563 29.82 23.67 -44.50
C ARG D 563 30.75 23.98 -45.67
N PRO D 589 22.31 13.33 -44.18
CA PRO D 589 21.83 12.89 -42.87
C PRO D 589 20.32 12.93 -42.74
N TYR D 590 19.73 14.12 -42.94
CA TYR D 590 18.30 14.33 -42.82
C TYR D 590 17.83 14.99 -44.12
N ARG D 591 17.56 14.16 -45.13
CA ARG D 591 17.19 14.67 -46.45
C ARG D 591 15.69 14.80 -46.63
N SER D 592 14.90 14.03 -45.87
CA SER D 592 13.44 14.05 -46.01
C SER D 592 12.83 13.93 -44.64
N ILE D 593 11.51 14.18 -44.59
CA ILE D 593 10.77 14.13 -43.33
C ILE D 593 10.74 12.70 -42.79
N LEU D 594 10.51 11.73 -43.68
CA LEU D 594 10.41 10.33 -43.27
C LEU D 594 11.75 9.83 -42.73
N ASP D 595 12.84 10.22 -43.37
CA ASP D 595 14.17 9.79 -42.92
C ASP D 595 14.50 10.36 -41.55
N ALA D 596 14.27 11.66 -41.36
CA ALA D 596 14.55 12.29 -40.06
C ALA D 596 13.63 11.74 -38.97
N SER D 597 12.38 11.46 -39.31
CA SER D 597 11.46 10.86 -38.35
C SER D 597 11.93 9.47 -37.94
N LEU D 598 12.45 8.69 -38.89
CA LEU D 598 12.96 7.36 -38.55
C LEU D 598 14.22 7.45 -37.68
N GLU D 599 15.12 8.39 -37.99
CA GLU D 599 16.31 8.57 -37.16
C GLU D 599 15.97 9.02 -35.75
N LEU D 600 14.94 9.85 -35.61
CA LEU D 600 14.54 10.27 -34.28
C LEU D 600 13.78 9.18 -33.54
N PHE D 601 13.05 8.32 -34.26
CA PHE D 601 12.38 7.20 -33.62
C PHE D 601 13.37 6.12 -33.20
N LYS D 602 14.55 6.09 -33.84
CA LYS D 602 15.58 5.12 -33.47
C LYS D 602 16.08 5.32 -32.04
N PHE D 603 15.93 6.53 -31.49
CA PHE D 603 16.41 6.80 -30.13
C PHE D 603 15.60 6.05 -29.08
N THR D 604 14.31 5.81 -29.34
CA THR D 604 13.47 5.13 -28.37
C THR D 604 13.76 3.63 -28.31
N ILE D 605 14.23 3.04 -29.41
CA ILE D 605 14.50 1.62 -29.47
C ILE D 605 15.97 1.30 -29.17
N GLY D 606 16.74 2.29 -28.73
CA GLY D 606 18.14 2.06 -28.38
C GLY D 606 19.09 2.05 -29.54
N MET D 607 18.73 2.63 -30.69
CA MET D 607 19.61 2.69 -31.85
C MET D 607 19.78 4.10 -32.40
N GLY D 608 19.60 5.14 -31.57
CA GLY D 608 19.69 6.49 -32.06
C GLY D 608 21.14 6.89 -32.31
N GLU D 609 21.42 7.46 -33.48
CA GLU D 609 22.76 7.91 -33.80
C GLU D 609 22.95 9.35 -33.33
N LEU D 610 23.98 9.56 -32.51
CA LEU D 610 24.24 10.85 -31.89
C LEU D 610 25.71 11.19 -32.12
N ALA D 611 25.99 11.98 -33.15
CA ALA D 611 27.36 12.27 -33.53
C ALA D 611 27.48 13.73 -33.94
N PHE D 612 28.73 14.19 -34.05
CA PHE D 612 29.03 15.55 -34.47
C PHE D 612 29.13 15.56 -36.00
N GLN D 613 28.08 16.04 -36.67
CA GLN D 613 27.99 15.99 -38.12
C GLN D 613 28.87 17.09 -38.74
N GLU D 614 30.15 16.75 -38.89
CA GLU D 614 31.17 17.76 -39.21
C GLU D 614 30.99 18.38 -40.59
N GLN D 615 30.32 17.68 -41.51
CA GLN D 615 30.14 18.23 -42.85
C GLN D 615 29.01 19.26 -42.92
N LEU D 616 28.15 19.31 -41.92
CA LEU D 616 27.06 20.28 -41.88
C LEU D 616 27.57 21.64 -41.44
N ARG D 617 26.89 22.70 -41.90
CA ARG D 617 27.30 24.05 -41.53
C ARG D 617 26.91 24.38 -40.09
N PHE D 618 25.71 23.96 -39.68
CA PHE D 618 25.16 24.27 -38.36
C PHE D 618 25.22 23.06 -37.44
N ARG D 619 26.36 22.36 -37.45
CA ARG D 619 26.52 21.09 -36.73
C ARG D 619 26.32 21.24 -35.23
N GLY D 620 26.73 22.36 -34.65
CA GLY D 620 26.51 22.57 -33.23
C GLY D 620 25.04 22.68 -32.88
N VAL D 621 24.29 23.43 -33.69
CA VAL D 621 22.85 23.58 -33.46
C VAL D 621 22.12 22.26 -33.71
N VAL D 622 22.58 21.48 -34.69
CA VAL D 622 21.99 20.17 -34.95
C VAL D 622 22.21 19.23 -33.77
N LEU D 623 23.44 19.24 -33.22
CA LEU D 623 23.74 18.41 -32.06
C LEU D 623 22.95 18.85 -30.84
N LEU D 624 22.77 20.17 -30.66
CA LEU D 624 21.97 20.65 -29.54
C LEU D 624 20.51 20.30 -29.69
N LEU D 625 19.98 20.33 -30.92
CA LEU D 625 18.60 19.91 -31.17
C LEU D 625 18.43 18.43 -30.87
N LEU D 626 19.40 17.60 -31.28
CA LEU D 626 19.33 16.17 -30.99
C LEU D 626 19.37 15.90 -29.49
N LEU D 627 20.25 16.60 -28.77
CA LEU D 627 20.34 16.41 -27.32
C LEU D 627 19.07 16.87 -26.62
N ALA D 628 18.50 18.00 -27.08
CA ALA D 628 17.26 18.48 -26.49
C ALA D 628 16.10 17.51 -26.74
N TYR D 629 16.05 16.94 -27.95
CA TYR D 629 15.02 15.96 -28.26
C TYR D 629 15.18 14.71 -27.40
N VAL D 630 16.42 14.26 -27.21
CA VAL D 630 16.69 13.05 -26.42
C VAL D 630 16.27 13.28 -24.97
N LEU D 631 16.64 14.43 -24.40
CA LEU D 631 16.29 14.73 -23.02
C LEU D 631 14.79 14.86 -22.84
N LEU D 632 14.12 15.58 -23.74
CA LEU D 632 12.67 15.76 -23.64
C LEU D 632 11.94 14.43 -23.81
N THR D 633 12.37 13.60 -24.75
CA THR D 633 11.72 12.31 -24.97
C THR D 633 11.93 11.38 -23.79
N TYR D 634 13.12 11.38 -23.19
CA TYR D 634 13.35 10.51 -22.04
C TYR D 634 12.58 10.97 -20.81
N VAL D 635 12.47 12.29 -20.62
CA VAL D 635 11.63 12.82 -19.54
C VAL D 635 10.17 12.46 -19.76
N LEU D 636 9.71 12.53 -21.02
CA LEU D 636 8.34 12.16 -21.35
C LEU D 636 8.07 10.68 -21.12
N LEU D 637 9.02 9.83 -21.50
CA LEU D 637 8.87 8.39 -21.30
C LEU D 637 8.87 8.02 -19.82
N LEU D 638 9.73 8.67 -19.04
CA LEU D 638 9.74 8.46 -17.59
C LEU D 638 8.42 8.92 -16.96
N ASN D 639 7.89 10.04 -17.42
CA ASN D 639 6.60 10.53 -16.94
C ASN D 639 5.49 9.53 -17.24
N MET D 640 5.49 8.98 -18.46
CA MET D 640 4.40 8.07 -18.84
C MET D 640 4.51 6.75 -18.08
N LEU D 641 5.75 6.26 -17.88
CA LEU D 641 5.96 5.04 -17.10
C LEU D 641 5.51 5.22 -15.65
N ILE D 642 5.87 6.34 -15.02
CA ILE D 642 5.50 6.54 -13.62
C ILE D 642 4.00 6.79 -13.49
N ALA D 643 3.40 7.52 -14.45
CA ALA D 643 1.96 7.75 -14.42
C ALA D 643 1.18 6.46 -14.60
N LEU D 644 1.62 5.59 -15.52
CA LEU D 644 0.99 4.29 -15.71
C LEU D 644 1.20 3.41 -14.49
N MET D 645 2.35 3.57 -13.83
CA MET D 645 2.63 2.84 -12.59
C MET D 645 1.72 3.28 -11.46
N SER D 646 1.27 4.54 -11.48
CA SER D 646 0.41 5.03 -10.41
C SER D 646 -1.00 4.45 -10.49
N GLU D 647 -1.55 4.28 -11.70
CA GLU D 647 -2.93 3.83 -11.83
C GLU D 647 -3.07 2.31 -11.70
N THR D 648 -2.04 1.55 -12.10
CA THR D 648 -2.16 0.11 -12.18
C THR D 648 -1.73 -0.63 -10.93
N VAL D 649 -0.74 -0.13 -10.19
CA VAL D 649 -0.31 -0.79 -8.97
C VAL D 649 -1.07 -0.15 -7.81
N ASN D 650 -2.13 -0.81 -7.36
CA ASN D 650 -2.98 -0.27 -6.31
C ASN D 650 -3.48 -1.32 -5.34
N HIS D 651 -2.98 -2.56 -5.41
CA HIS D 651 -3.35 -3.69 -4.56
C HIS D 651 -4.84 -4.05 -4.66
N VAL D 652 -5.49 -3.72 -5.77
CA VAL D 652 -6.86 -4.15 -5.99
C VAL D 652 -6.87 -5.63 -6.31
N ALA D 653 -7.81 -6.37 -5.73
CA ALA D 653 -7.88 -7.82 -5.89
C ALA D 653 -8.11 -8.19 -7.36
N ASP D 654 -7.53 -9.31 -7.76
CA ASP D 654 -7.49 -9.74 -9.16
C ASP D 654 -8.87 -10.19 -9.60
N ASN D 655 -9.38 -9.55 -10.66
CA ASN D 655 -10.64 -9.94 -11.26
C ASN D 655 -10.47 -10.68 -12.59
N SER D 656 -9.27 -11.19 -12.87
CA SER D 656 -9.00 -11.80 -14.16
C SER D 656 -9.72 -13.13 -14.33
N TRP D 657 -9.94 -13.86 -13.23
CA TRP D 657 -10.64 -15.14 -13.30
C TRP D 657 -12.09 -14.94 -13.72
N SER D 658 -12.77 -13.93 -13.19
CA SER D 658 -14.15 -13.67 -13.57
C SER D 658 -14.26 -13.14 -14.99
N ILE D 659 -13.28 -12.37 -15.45
CA ILE D 659 -13.29 -11.90 -16.84
C ILE D 659 -13.05 -13.05 -17.80
N TRP D 660 -12.17 -14.00 -17.42
CA TRP D 660 -11.98 -15.20 -18.22
C TRP D 660 -13.24 -16.06 -18.25
N LYS D 661 -13.96 -16.12 -17.12
CA LYS D 661 -15.23 -16.82 -17.08
C LYS D 661 -16.27 -16.15 -17.98
N LEU D 662 -16.26 -14.82 -18.03
CA LEU D 662 -17.17 -14.09 -18.92
C LEU D 662 -16.82 -14.34 -20.39
N GLN D 663 -15.52 -14.42 -20.71
CA GLN D 663 -15.11 -14.76 -22.07
C GLN D 663 -15.55 -16.17 -22.44
N LYS D 664 -15.42 -17.11 -21.52
CA LYS D 664 -15.91 -18.47 -21.76
C LYS D 664 -17.42 -18.49 -21.92
N ALA D 665 -18.14 -17.66 -21.17
CA ALA D 665 -19.59 -17.58 -21.29
C ALA D 665 -19.99 -17.06 -22.66
N ILE D 666 -19.29 -16.03 -23.15
CA ILE D 666 -19.57 -15.48 -24.47
C ILE D 666 -19.29 -16.52 -25.55
N SER D 667 -18.16 -17.24 -25.43
CA SER D 667 -17.83 -18.30 -26.38
C SER D 667 -18.87 -19.41 -26.37
N VAL D 668 -19.35 -19.78 -25.18
CA VAL D 668 -20.35 -20.84 -25.04
C VAL D 668 -21.68 -20.42 -25.68
N LEU D 669 -22.09 -19.17 -25.41
CA LEU D 669 -23.37 -18.72 -25.96
C LEU D 669 -23.32 -18.52 -27.46
N GLU D 670 -22.14 -18.23 -28.01
CA GLU D 670 -22.02 -18.19 -29.47
C GLU D 670 -21.93 -19.59 -30.06
N MET D 671 -21.31 -20.53 -29.35
CA MET D 671 -21.18 -21.89 -29.85
C MET D 671 -22.50 -22.64 -29.79
N GLU D 672 -23.41 -22.23 -28.92
CA GLU D 672 -24.70 -22.90 -28.81
C GLU D 672 -25.58 -22.67 -30.02
N ASN D 673 -25.37 -21.57 -30.76
CA ASN D 673 -26.16 -21.32 -31.95
C ASN D 673 -25.73 -22.17 -33.13
N GLY D 674 -24.59 -22.84 -33.04
CA GLY D 674 -24.09 -23.65 -34.14
C GLY D 674 -23.28 -22.83 -35.11
N TYR D 675 -23.44 -23.13 -36.40
CA TYR D 675 -22.74 -22.41 -37.46
C TYR D 675 -23.75 -21.68 -38.32
N TRP D 676 -23.24 -20.83 -39.22
CA TRP D 676 -24.13 -20.10 -40.13
C TRP D 676 -24.79 -21.04 -41.13
N TRP D 677 -24.12 -22.14 -41.48
CA TRP D 677 -24.65 -23.12 -42.39
C TRP D 677 -25.37 -24.27 -41.70
N CYS D 678 -25.34 -24.34 -40.37
CA CYS D 678 -25.98 -25.42 -39.64
C CYS D 678 -26.33 -24.89 -38.25
N ARG D 679 -27.63 -24.73 -37.98
CA ARG D 679 -28.12 -24.18 -36.73
C ARG D 679 -28.51 -25.31 -35.79
N ARG D 680 -27.93 -25.31 -34.59
CA ARG D 680 -28.19 -26.34 -33.61
C ARG D 680 -29.57 -26.17 -32.97
N LYS D 681 -30.19 -27.28 -32.61
CA LYS D 681 -31.39 -27.23 -31.79
C LYS D 681 -31.00 -27.04 -30.33
N LYS D 682 -31.65 -26.09 -29.66
CA LYS D 682 -31.31 -25.78 -28.28
C LYS D 682 -31.72 -26.91 -27.35
N HIS D 683 -30.84 -27.22 -26.40
CA HIS D 683 -31.07 -28.25 -25.40
C HIS D 683 -31.40 -27.58 -24.07
N ARG D 684 -32.56 -27.91 -23.50
CA ARG D 684 -33.02 -27.27 -22.28
C ARG D 684 -32.33 -27.88 -21.07
N GLU D 685 -31.88 -27.03 -20.16
CA GLU D 685 -31.20 -27.49 -18.96
C GLU D 685 -32.18 -27.63 -17.80
N GLY D 686 -31.75 -28.37 -16.78
CA GLY D 686 -32.58 -28.59 -15.62
C GLY D 686 -33.64 -29.65 -15.86
N ARG D 687 -34.41 -29.90 -14.80
CA ARG D 687 -35.50 -30.86 -14.83
C ARG D 687 -36.77 -30.19 -14.34
N LEU D 688 -37.91 -30.62 -14.88
CA LEU D 688 -39.19 -30.09 -14.44
C LEU D 688 -39.61 -30.73 -13.13
N LEU D 689 -39.77 -29.92 -12.09
CA LEU D 689 -40.09 -30.42 -10.76
C LEU D 689 -41.21 -29.59 -10.16
N LYS D 690 -42.07 -30.24 -9.39
CA LYS D 690 -43.14 -29.56 -8.69
C LYS D 690 -42.64 -29.12 -7.32
N VAL D 691 -42.64 -27.80 -7.08
CA VAL D 691 -42.10 -27.25 -5.84
C VAL D 691 -43.19 -26.80 -4.88
N GLY D 692 -44.46 -27.03 -5.22
CA GLY D 692 -45.54 -26.62 -4.34
C GLY D 692 -46.80 -26.32 -5.14
N THR D 693 -47.58 -25.37 -4.64
CA THR D 693 -48.82 -24.95 -5.26
C THR D 693 -48.78 -23.45 -5.49
N ARG D 694 -49.20 -23.02 -6.68
CA ARG D 694 -49.21 -21.61 -7.03
C ARG D 694 -50.32 -20.87 -6.28
N PRO D 699 -50.60 -26.74 -9.30
CA PRO D 699 -49.24 -27.28 -9.12
C PRO D 699 -48.16 -26.33 -9.61
N ASP D 700 -47.22 -26.00 -8.73
CA ASP D 700 -46.13 -25.07 -9.07
C ASP D 700 -44.97 -25.88 -9.65
N GLU D 701 -45.01 -26.06 -10.97
CA GLU D 701 -44.01 -26.83 -11.69
C GLU D 701 -43.02 -25.88 -12.35
N ARG D 702 -41.75 -26.01 -11.97
CA ARG D 702 -40.69 -25.15 -12.49
C ARG D 702 -39.53 -26.02 -12.98
N TRP D 703 -38.75 -25.47 -13.90
CA TRP D 703 -37.51 -26.10 -14.34
C TRP D 703 -36.40 -25.71 -13.39
N CYS D 704 -35.88 -26.67 -12.65
CA CYS D 704 -34.96 -26.41 -11.55
C CYS D 704 -33.58 -26.98 -11.85
N PHE D 705 -32.56 -26.27 -11.38
CA PHE D 705 -31.16 -26.66 -11.56
C PHE D 705 -30.58 -26.98 -10.20
N ARG D 706 -30.02 -28.18 -10.05
CA ARG D 706 -29.48 -28.63 -8.77
C ARG D 706 -28.02 -28.21 -8.66
N VAL D 707 -27.70 -27.49 -7.59
CA VAL D 707 -26.35 -26.97 -7.35
C VAL D 707 -25.87 -27.48 -5.99
N GLU D 708 -24.70 -28.10 -5.98
CA GLU D 708 -24.07 -28.60 -4.76
C GLU D 708 -23.04 -27.59 -4.29
N GLU D 709 -23.14 -27.16 -3.04
CA GLU D 709 -22.25 -26.16 -2.47
C GLU D 709 -21.61 -26.71 -1.19
N VAL D 710 -20.29 -26.56 -1.09
CA VAL D 710 -19.55 -26.90 0.12
C VAL D 710 -18.95 -25.62 0.68
N ASN D 711 -19.20 -25.37 1.97
CA ASN D 711 -18.75 -24.13 2.61
C ASN D 711 -18.48 -24.46 4.08
N TRP D 712 -17.19 -24.63 4.41
CA TRP D 712 -16.83 -25.05 5.75
C TRP D 712 -16.95 -23.92 6.77
N ALA D 713 -16.54 -22.71 6.38
CA ALA D 713 -16.55 -21.58 7.31
C ALA D 713 -17.99 -21.17 7.67
N ALA D 714 -18.87 -21.15 6.66
CA ALA D 714 -20.26 -20.80 6.90
C ALA D 714 -20.94 -21.82 7.78
N TRP D 715 -20.62 -23.10 7.60
CA TRP D 715 -21.20 -24.14 8.45
C TRP D 715 -20.62 -24.09 9.86
N GLU D 716 -19.34 -23.74 9.98
CA GLU D 716 -18.71 -23.67 11.30
C GLU D 716 -19.24 -22.48 12.10
N LYS D 717 -19.67 -21.42 11.41
CA LYS D 717 -20.22 -20.26 12.11
C LYS D 717 -21.56 -20.54 12.77
N THR D 718 -22.32 -21.53 12.30
CA THR D 718 -23.62 -21.83 12.90
C THR D 718 -23.56 -22.90 13.99
N LEU D 719 -22.40 -23.48 14.26
CA LEU D 719 -22.30 -24.49 15.31
C LEU D 719 -22.32 -23.84 16.69
#